data_6OK2
#
_entry.id   6OK2
#
_cell.length_a   111.817
_cell.length_b   120.956
_cell.length_c   185.915
_cell.angle_alpha   90.00
_cell.angle_beta   90.00
_cell.angle_gamma   90.00
#
_symmetry.space_group_name_H-M   'P 21 21 21'
#
loop_
_entity.id
_entity.type
_entity.pdbx_description
1 polymer 'Twitching motility pilus retraction ATPase'
2 non-polymer "ADENOSINE-5'-DIPHOSPHATE"
3 water water
#
_entity_poly.entity_id   1
_entity_poly.type   'polypeptide(L)'
_entity_poly.pdbx_seq_one_letter_code
;MGSSHHHHHHSSGLVPRGSHMANMHQLLTELVNRGGSDLHLTTNSPPQIRIDGKLLPLDMPPLNAVDTKQLCYSILTEQQ
KHKFEENNELDLSFGIKGLSRFRGNVFVQRGAVAGVFRVIPYKILSFEELGLPPVVRELAEKPRGLVLVTGPTGSGKSTT
LAAIIDKINTDRHEHIVTVEDPIEYLHPHKSCVVNQREVGADTKSFKNALKYILRQDPDVVLVGELRDLETIEAALTLAE
TGHLCFATLHTNSAVQTINRIVDVFPSYQQPQVRAQLSFVLEGVLSQTLLPKASGTGRVLAIEVMVPNPAIRNLIREDKI
HQIYSQMQVGQEKFGMMTMNQCLYGLLQKRHITMDVGMGRSPDPDELKQMLTSGVRPQAPRPPMR
;
_entity_poly.pdbx_strand_id   A,B,C,D,E,F
#
# COMPACT_ATOMS: atom_id res chain seq x y z
N HIS A 20 0.35 31.55 -42.19
CA HIS A 20 -0.75 31.77 -43.12
C HIS A 20 -1.85 30.72 -42.92
N MET A 21 -3.09 31.19 -42.81
CA MET A 21 -4.25 30.34 -42.55
C MET A 21 -4.84 29.76 -43.83
N ALA A 22 -5.04 30.60 -44.85
CA ALA A 22 -5.63 30.14 -46.10
C ALA A 22 -4.81 29.05 -46.78
N ASN A 23 -3.59 28.78 -46.30
CA ASN A 23 -2.84 27.63 -46.80
C ASN A 23 -3.29 26.35 -46.13
N MET A 24 -3.54 26.41 -44.82
CA MET A 24 -3.98 25.23 -44.09
C MET A 24 -5.31 24.71 -44.61
N HIS A 25 -6.20 25.63 -44.99
CA HIS A 25 -7.51 25.23 -45.49
C HIS A 25 -7.38 24.45 -46.80
N GLN A 26 -6.41 24.80 -47.63
CA GLN A 26 -6.22 24.06 -48.87
C GLN A 26 -5.66 22.67 -48.59
N LEU A 27 -4.77 22.55 -47.61
CA LEU A 27 -4.24 21.24 -47.24
C LEU A 27 -5.35 20.32 -46.72
N LEU A 28 -6.19 20.84 -45.83
CA LEU A 28 -7.28 20.04 -45.29
C LEU A 28 -8.37 19.79 -46.33
N THR A 29 -8.57 20.74 -47.26
CA THR A 29 -9.53 20.53 -48.33
C THR A 29 -9.08 19.40 -49.25
N GLU A 30 -7.78 19.34 -49.54
CA GLU A 30 -7.25 18.25 -50.38
C GLU A 30 -7.38 16.91 -49.67
N LEU A 31 -7.23 16.90 -48.34
CA LEU A 31 -7.42 15.66 -47.59
C LEU A 31 -8.81 15.09 -47.82
N VAL A 32 -9.83 15.95 -47.77
CA VAL A 32 -11.19 15.49 -48.01
C VAL A 32 -11.38 15.09 -49.46
N ASN A 33 -10.86 15.91 -50.38
CA ASN A 33 -11.16 15.71 -51.80
C ASN A 33 -10.58 14.39 -52.32
N ARG A 34 -9.40 14.01 -51.85
CA ARG A 34 -8.78 12.77 -52.29
C ARG A 34 -9.10 11.59 -51.37
N GLY A 35 -10.10 11.75 -50.50
CA GLY A 35 -10.54 10.65 -49.68
C GLY A 35 -9.53 10.12 -48.69
N GLY A 36 -8.61 10.97 -48.24
CA GLY A 36 -7.68 10.56 -47.21
C GLY A 36 -8.33 10.53 -45.83
N SER A 37 -7.67 9.81 -44.92
CA SER A 37 -8.15 9.68 -43.55
C SER A 37 -7.46 10.64 -42.59
N ASP A 38 -6.16 10.87 -42.77
CA ASP A 38 -5.37 11.69 -41.85
C ASP A 38 -4.38 12.53 -42.63
N LEU A 39 -4.16 13.76 -42.16
CA LEU A 39 -3.14 14.64 -42.71
C LEU A 39 -2.02 14.79 -41.70
N HIS A 40 -0.78 14.59 -42.15
CA HIS A 40 0.39 14.71 -41.32
C HIS A 40 1.20 15.93 -41.72
N LEU A 41 1.53 16.77 -40.74
CA LEU A 41 2.36 17.94 -40.95
C LEU A 41 3.53 17.85 -39.98
N THR A 42 4.74 17.71 -40.51
CA THR A 42 5.93 17.69 -39.68
C THR A 42 7.10 18.20 -40.50
N THR A 43 8.17 18.57 -39.80
CA THR A 43 9.30 19.19 -40.45
C THR A 43 10.06 18.20 -41.33
N ASN A 44 10.69 18.73 -42.37
CA ASN A 44 11.55 18.01 -43.31
C ASN A 44 10.79 17.00 -44.17
N SER A 45 9.47 17.06 -44.20
CA SER A 45 8.66 16.22 -45.06
C SER A 45 7.54 17.07 -45.66
N PRO A 46 7.19 16.84 -46.93
CA PRO A 46 5.99 17.47 -47.47
C PRO A 46 4.77 16.96 -46.75
N PRO A 47 3.63 17.65 -46.86
CA PRO A 47 2.40 17.11 -46.28
C PRO A 47 2.10 15.73 -46.83
N GLN A 48 1.66 14.83 -45.95
CA GLN A 48 1.38 13.45 -46.31
C GLN A 48 -0.03 13.10 -45.90
N ILE A 49 -0.70 12.29 -46.72
CA ILE A 49 -2.07 11.86 -46.45
C ILE A 49 -2.12 10.34 -46.43
N ARG A 50 -2.92 9.80 -45.53
CA ARG A 50 -3.11 8.36 -45.41
C ARG A 50 -4.34 7.96 -46.21
N ILE A 51 -4.15 7.18 -47.27
CA ILE A 51 -5.25 6.66 -48.07
C ILE A 51 -5.25 5.15 -47.93
N ASP A 52 -6.37 4.61 -47.44
CA ASP A 52 -6.51 3.16 -47.22
C ASP A 52 -5.38 2.60 -46.37
N GLY A 53 -4.86 3.42 -45.44
CA GLY A 53 -3.87 2.98 -44.49
C GLY A 53 -2.44 3.36 -44.82
N LYS A 54 -2.15 3.77 -46.05
CA LYS A 54 -0.79 4.03 -46.49
C LYS A 54 -0.59 5.51 -46.77
N LEU A 55 0.57 6.03 -46.35
CA LEU A 55 0.87 7.44 -46.50
C LEU A 55 1.40 7.75 -47.90
N LEU A 56 0.97 8.89 -48.44
CA LEU A 56 1.42 9.35 -49.75
C LEU A 56 1.74 10.84 -49.66
N PRO A 57 2.94 11.26 -50.07
CA PRO A 57 3.29 12.68 -50.00
C PRO A 57 2.63 13.48 -51.12
N LEU A 58 2.26 14.71 -50.78
CA LEU A 58 1.72 15.64 -51.76
C LEU A 58 2.85 16.28 -52.56
N ASP A 59 2.51 16.78 -53.74
CA ASP A 59 3.49 17.38 -54.65
C ASP A 59 3.80 18.81 -54.20
N MET A 60 4.52 18.91 -53.10
CA MET A 60 4.87 20.17 -52.48
C MET A 60 6.29 20.10 -51.96
N PRO A 61 6.94 21.24 -51.76
CA PRO A 61 8.24 21.23 -51.10
C PRO A 61 8.10 20.78 -49.63
N PRO A 62 9.15 20.24 -49.06
CA PRO A 62 9.08 19.86 -47.65
C PRO A 62 8.88 21.06 -46.77
N LEU A 63 8.13 20.87 -45.68
CA LEU A 63 7.86 21.94 -44.73
C LEU A 63 9.03 22.11 -43.78
N ASN A 64 9.18 23.32 -43.24
CA ASN A 64 10.14 23.59 -42.17
C ASN A 64 9.39 23.95 -40.90
N ALA A 65 10.16 24.26 -39.85
CA ALA A 65 9.57 24.54 -38.54
C ALA A 65 8.67 25.77 -38.58
N VAL A 66 9.05 26.78 -39.38
CA VAL A 66 8.21 27.96 -39.51
C VAL A 66 6.86 27.60 -40.12
N ASP A 67 6.86 26.70 -41.10
CA ASP A 67 5.63 26.31 -41.77
C ASP A 67 4.68 25.58 -40.81
N THR A 68 5.21 24.58 -40.11
CA THR A 68 4.36 23.74 -39.26
C THR A 68 3.70 24.57 -38.16
N LYS A 69 4.45 25.50 -37.56
CA LYS A 69 3.91 26.30 -36.46
C LYS A 69 2.73 27.13 -36.94
N GLN A 70 2.91 27.86 -38.05
CA GLN A 70 1.86 28.74 -38.52
C GLN A 70 0.66 27.97 -39.07
N LEU A 71 0.91 26.83 -39.74
CA LEU A 71 -0.20 26.04 -40.27
C LEU A 71 -1.05 25.45 -39.14
N CYS A 72 -0.40 24.81 -38.18
CA CYS A 72 -1.15 24.22 -37.06
C CYS A 72 -1.80 25.29 -36.21
N TYR A 73 -1.07 26.38 -35.92
CA TYR A 73 -1.65 27.47 -35.15
C TYR A 73 -2.82 28.12 -35.88
N SER A 74 -2.82 28.06 -37.21
CA SER A 74 -3.80 28.80 -38.00
C SER A 74 -5.22 28.31 -37.77
N ILE A 75 -5.40 27.10 -37.25
CA ILE A 75 -6.71 26.54 -37.00
C ILE A 75 -6.98 26.39 -35.50
N LEU A 76 -6.17 27.07 -34.67
CA LEU A 76 -6.31 27.04 -33.22
C LEU A 76 -6.90 28.36 -32.72
N THR A 77 -7.62 28.27 -31.61
CA THR A 77 -8.01 29.47 -30.89
C THR A 77 -6.85 29.96 -30.04
N GLU A 78 -6.98 31.18 -29.50
CA GLU A 78 -5.91 31.74 -28.69
C GLU A 78 -5.74 30.97 -27.38
N GLN A 79 -6.85 30.55 -26.76
CA GLN A 79 -6.74 29.73 -25.56
C GLN A 79 -6.08 28.40 -25.87
N GLN A 80 -6.39 27.82 -27.04
CA GLN A 80 -5.75 26.56 -27.42
C GLN A 80 -4.28 26.74 -27.72
N LYS A 81 -3.87 27.89 -28.26
CA LYS A 81 -2.46 28.15 -28.48
C LYS A 81 -1.72 28.26 -27.15
N HIS A 82 -2.31 28.94 -26.16
CA HIS A 82 -1.67 29.07 -24.86
C HIS A 82 -1.59 27.73 -24.14
N LYS A 83 -2.64 26.91 -24.25
CA LYS A 83 -2.62 25.59 -23.63
C LYS A 83 -1.60 24.69 -24.30
N PHE A 84 -1.45 24.80 -25.61
CA PHE A 84 -0.44 24.02 -26.32
C PHE A 84 0.97 24.40 -25.86
N GLU A 85 1.19 25.70 -25.64
CA GLU A 85 2.52 26.16 -25.24
C GLU A 85 2.86 25.81 -23.81
N GLU A 86 1.85 25.54 -22.97
CA GLU A 86 2.13 25.14 -21.59
C GLU A 86 2.52 23.68 -21.48
N ASN A 87 1.98 22.81 -22.35
CA ASN A 87 2.17 21.37 -22.22
C ASN A 87 2.88 20.72 -23.41
N ASN A 88 2.99 21.39 -24.55
CA ASN A 88 3.53 20.82 -25.78
C ASN A 88 2.70 19.65 -26.29
N GLU A 89 1.45 19.55 -25.84
CA GLU A 89 0.50 18.55 -26.31
C GLU A 89 -0.88 19.20 -26.38
N LEU A 90 -1.68 18.75 -27.33
CA LEU A 90 -3.04 19.29 -27.45
C LEU A 90 -3.91 18.40 -28.32
N ASP A 91 -5.09 18.06 -27.79
CA ASP A 91 -6.16 17.46 -28.56
C ASP A 91 -7.32 18.44 -28.66
N LEU A 92 -8.00 18.44 -29.80
CA LEU A 92 -9.11 19.34 -30.02
C LEU A 92 -9.90 18.85 -31.23
N SER A 93 -11.08 19.44 -31.41
CA SER A 93 -11.89 19.25 -32.60
C SER A 93 -12.29 20.62 -33.13
N PHE A 94 -12.48 20.72 -34.43
CA PHE A 94 -12.85 21.98 -35.06
C PHE A 94 -13.60 21.71 -36.35
N GLY A 95 -14.28 22.74 -36.82
CA GLY A 95 -15.03 22.67 -38.06
C GLY A 95 -14.46 23.64 -39.07
N ILE A 96 -14.55 23.26 -40.34
CA ILE A 96 -14.19 24.12 -41.46
C ILE A 96 -15.48 24.33 -42.26
N LYS A 97 -15.95 25.57 -42.31
CA LYS A 97 -17.25 25.86 -42.93
C LYS A 97 -17.28 25.38 -44.37
N GLY A 98 -18.31 24.59 -44.70
CA GLY A 98 -18.49 24.07 -46.03
C GLY A 98 -17.68 22.83 -46.36
N LEU A 99 -16.92 22.28 -45.40
CA LEU A 99 -16.05 21.15 -45.69
C LEU A 99 -16.36 19.95 -44.81
N SER A 100 -15.85 19.97 -43.57
CA SER A 100 -15.94 18.83 -42.67
C SER A 100 -15.45 19.26 -41.30
N ARG A 101 -15.66 18.39 -40.32
CA ARG A 101 -15.06 18.53 -39.01
C ARG A 101 -13.82 17.65 -38.91
N PHE A 102 -12.90 18.05 -38.02
CA PHE A 102 -11.61 17.41 -37.90
C PHE A 102 -11.27 17.23 -36.43
N ARG A 103 -10.56 16.14 -36.12
CA ARG A 103 -9.92 15.97 -34.83
C ARG A 103 -8.42 16.17 -35.03
N GLY A 104 -7.83 17.09 -34.27
CA GLY A 104 -6.44 17.46 -34.43
C GLY A 104 -5.63 17.19 -33.18
N ASN A 105 -4.36 16.83 -33.38
CA ASN A 105 -3.38 16.73 -32.32
C ASN A 105 -2.12 17.48 -32.74
N VAL A 106 -1.62 18.32 -31.84
CA VAL A 106 -0.40 19.07 -32.06
C VAL A 106 0.63 18.63 -31.02
N PHE A 107 1.86 18.43 -31.45
CA PHE A 107 2.93 18.06 -30.54
C PHE A 107 4.22 18.70 -31.01
N VAL A 108 5.33 18.31 -30.38
CA VAL A 108 6.66 18.86 -30.68
C VAL A 108 7.61 17.69 -30.93
N GLN A 109 8.41 17.80 -31.99
CA GLN A 109 9.42 16.80 -32.29
C GLN A 109 10.65 17.50 -32.86
N ARG A 110 11.81 17.11 -32.35
CA ARG A 110 13.11 17.69 -32.74
C ARG A 110 13.07 19.22 -32.72
N GLY A 111 12.32 19.76 -31.76
CA GLY A 111 12.27 21.19 -31.54
C GLY A 111 11.30 21.96 -32.39
N ALA A 112 10.40 21.29 -33.09
CA ALA A 112 9.49 21.97 -34.00
C ALA A 112 8.09 21.38 -33.87
N VAL A 113 7.10 22.19 -34.27
CA VAL A 113 5.71 21.78 -34.17
C VAL A 113 5.41 20.71 -35.23
N ALA A 114 4.57 19.75 -34.87
CA ALA A 114 4.03 18.78 -35.81
C ALA A 114 2.56 18.57 -35.48
N GLY A 115 1.80 18.14 -36.48
CA GLY A 115 0.37 18.00 -36.31
C GLY A 115 -0.18 16.83 -37.10
N VAL A 116 -1.27 16.24 -36.58
CA VAL A 116 -2.00 15.19 -37.27
C VAL A 116 -3.49 15.52 -37.15
N PHE A 117 -4.23 15.32 -38.25
CA PHE A 117 -5.62 15.73 -38.32
C PHE A 117 -6.44 14.62 -38.96
N ARG A 118 -7.45 14.15 -38.23
CA ARG A 118 -8.34 13.10 -38.70
C ARG A 118 -9.67 13.69 -39.15
N VAL A 119 -10.19 13.17 -40.26
CA VAL A 119 -11.44 13.66 -40.83
C VAL A 119 -12.62 12.97 -40.16
N ILE A 120 -13.62 13.77 -39.79
CA ILE A 120 -14.88 13.26 -39.23
C ILE A 120 -15.96 13.41 -40.30
N PRO A 121 -16.36 12.33 -40.97
CA PRO A 121 -17.31 12.47 -42.08
C PRO A 121 -18.66 12.98 -41.60
N TYR A 122 -19.29 13.80 -42.45
CA TYR A 122 -20.64 14.28 -42.17
C TYR A 122 -21.69 13.21 -42.45
N LYS A 123 -21.44 12.34 -43.42
CA LYS A 123 -22.43 11.39 -43.91
C LYS A 123 -22.08 9.98 -43.46
N ILE A 124 -23.04 9.32 -42.83
CA ILE A 124 -22.91 7.92 -42.45
C ILE A 124 -23.36 7.04 -43.61
N LEU A 125 -22.51 6.12 -44.03
CA LEU A 125 -22.88 5.19 -45.09
C LEU A 125 -23.87 4.16 -44.54
N SER A 126 -24.62 3.55 -45.45
CA SER A 126 -25.58 2.53 -45.06
C SER A 126 -24.87 1.20 -44.82
N PHE A 127 -25.62 0.24 -44.29
CA PHE A 127 -25.05 -1.07 -43.97
C PHE A 127 -24.53 -1.76 -45.23
N GLU A 128 -25.34 -1.75 -46.30
CA GLU A 128 -24.95 -2.44 -47.52
C GLU A 128 -23.71 -1.82 -48.14
N GLU A 129 -23.58 -0.49 -48.05
CA GLU A 129 -22.41 0.18 -48.58
C GLU A 129 -21.15 -0.18 -47.79
N LEU A 130 -21.29 -0.41 -46.49
CA LEU A 130 -20.17 -0.78 -45.63
C LEU A 130 -19.86 -2.27 -45.67
N GLY A 131 -20.71 -3.07 -46.29
CA GLY A 131 -20.50 -4.50 -46.33
C GLY A 131 -20.87 -5.24 -45.06
N LEU A 132 -21.77 -4.69 -44.26
CA LEU A 132 -22.24 -5.37 -43.05
C LEU A 132 -23.43 -6.25 -43.39
N PRO A 133 -23.44 -7.50 -42.94
CA PRO A 133 -24.53 -8.42 -43.30
C PRO A 133 -25.85 -8.00 -42.67
N PRO A 134 -26.97 -8.49 -43.20
CA PRO A 134 -28.29 -8.04 -42.69
C PRO A 134 -28.54 -8.34 -41.23
N VAL A 135 -27.87 -9.32 -40.62
CA VAL A 135 -28.12 -9.59 -39.21
C VAL A 135 -27.69 -8.41 -38.35
N VAL A 136 -26.72 -7.63 -38.82
CA VAL A 136 -26.30 -6.45 -38.08
C VAL A 136 -27.40 -5.41 -38.06
N ARG A 137 -28.15 -5.29 -39.16
CA ARG A 137 -29.30 -4.39 -39.18
C ARG A 137 -30.35 -4.84 -38.16
N GLU A 138 -30.47 -6.15 -37.94
CA GLU A 138 -31.39 -6.65 -36.92
C GLU A 138 -30.88 -6.38 -35.50
N LEU A 139 -29.55 -6.25 -35.34
CA LEU A 139 -29.01 -5.88 -34.03
C LEU A 139 -29.48 -4.52 -33.58
N ALA A 140 -29.70 -3.59 -34.52
CA ALA A 140 -30.18 -2.27 -34.17
C ALA A 140 -31.60 -2.28 -33.62
N GLU A 141 -32.29 -3.41 -33.65
CA GLU A 141 -33.65 -3.53 -33.13
C GLU A 141 -33.71 -4.24 -31.79
N LYS A 142 -32.57 -4.59 -31.21
CA LYS A 142 -32.55 -5.21 -29.88
C LYS A 142 -33.01 -4.20 -28.84
N PRO A 143 -33.95 -4.56 -27.97
CA PRO A 143 -34.37 -3.61 -26.91
C PRO A 143 -33.34 -3.48 -25.81
N ARG A 144 -32.51 -4.50 -25.60
CA ARG A 144 -31.58 -4.56 -24.48
C ARG A 144 -30.50 -5.58 -24.79
N GLY A 145 -29.40 -5.46 -24.05
CA GLY A 145 -28.29 -6.40 -24.16
C GLY A 145 -26.99 -5.67 -24.39
N LEU A 146 -25.92 -6.46 -24.45
CA LEU A 146 -24.57 -5.97 -24.71
C LEU A 146 -24.11 -6.45 -26.08
N VAL A 147 -23.71 -5.51 -26.93
CA VAL A 147 -23.20 -5.79 -28.26
C VAL A 147 -21.80 -5.21 -28.37
N LEU A 148 -20.84 -6.05 -28.74
CA LEU A 148 -19.45 -5.65 -28.84
C LEU A 148 -19.01 -5.64 -30.30
N VAL A 149 -18.38 -4.55 -30.71
CA VAL A 149 -17.76 -4.42 -32.02
C VAL A 149 -16.27 -4.30 -31.77
N THR A 150 -15.52 -5.35 -32.12
CA THR A 150 -14.12 -5.44 -31.77
C THR A 150 -13.24 -5.48 -33.02
N GLY A 151 -11.95 -5.23 -32.80
CA GLY A 151 -10.98 -5.22 -33.87
C GLY A 151 -9.86 -4.23 -33.59
N PRO A 152 -8.76 -4.33 -34.34
CA PRO A 152 -7.64 -3.40 -34.16
C PRO A 152 -8.01 -1.96 -34.49
N THR A 153 -7.07 -1.04 -34.26
CA THR A 153 -7.31 0.35 -34.58
C THR A 153 -7.46 0.54 -36.09
N GLY A 154 -8.46 1.32 -36.48
CA GLY A 154 -8.74 1.54 -37.89
C GLY A 154 -9.28 0.32 -38.60
N SER A 155 -9.98 -0.56 -37.89
CA SER A 155 -10.65 -1.69 -38.49
C SER A 155 -12.13 -1.42 -38.77
N GLY A 156 -12.55 -0.17 -38.64
CA GLY A 156 -13.92 0.20 -38.96
C GLY A 156 -14.90 0.16 -37.81
N LYS A 157 -14.41 0.21 -36.56
CA LYS A 157 -15.32 0.04 -35.43
C LYS A 157 -16.27 1.23 -35.29
N SER A 158 -15.74 2.45 -35.29
CA SER A 158 -16.58 3.62 -35.06
C SER A 158 -17.60 3.81 -36.18
N THR A 159 -17.22 3.51 -37.43
CA THR A 159 -18.16 3.63 -38.54
C THR A 159 -19.29 2.63 -38.41
N THR A 160 -18.97 1.38 -38.09
CA THR A 160 -20.00 0.37 -37.89
C THR A 160 -20.94 0.75 -36.76
N LEU A 161 -20.38 1.20 -35.63
CA LEU A 161 -21.21 1.62 -34.50
C LEU A 161 -22.04 2.84 -34.87
N ALA A 162 -21.48 3.78 -35.63
CA ALA A 162 -22.23 4.95 -36.03
C ALA A 162 -23.41 4.58 -36.92
N ALA A 163 -23.20 3.61 -37.81
CA ALA A 163 -24.29 3.16 -38.68
C ALA A 163 -25.41 2.54 -37.87
N ILE A 164 -25.07 1.72 -36.86
CA ILE A 164 -26.08 1.09 -36.03
C ILE A 164 -26.83 2.14 -35.21
N ILE A 165 -26.09 3.06 -34.58
CA ILE A 165 -26.71 4.14 -33.83
C ILE A 165 -27.59 4.97 -34.73
N ASP A 166 -27.16 5.19 -35.98
CA ASP A 166 -27.96 5.98 -36.90
C ASP A 166 -29.29 5.30 -37.21
N LYS A 167 -29.29 3.97 -37.33
CA LYS A 167 -30.54 3.28 -37.58
C LYS A 167 -31.46 3.34 -36.36
N ILE A 168 -30.90 3.17 -35.16
CA ILE A 168 -31.68 3.32 -33.95
C ILE A 168 -32.24 4.73 -33.85
N ASN A 169 -31.38 5.72 -34.12
CA ASN A 169 -31.81 7.12 -34.07
C ASN A 169 -32.96 7.39 -35.04
N THR A 170 -32.94 6.71 -36.20
CA THR A 170 -33.98 6.91 -37.20
C THR A 170 -35.29 6.23 -36.81
N ASP A 171 -35.21 5.02 -36.24
CA ASP A 171 -36.38 4.17 -36.08
C ASP A 171 -37.04 4.27 -34.71
N ARG A 172 -36.31 4.65 -33.67
CA ARG A 172 -36.80 4.58 -32.31
C ARG A 172 -36.99 5.95 -31.69
N HIS A 173 -37.83 6.00 -30.67
CA HIS A 173 -38.05 7.21 -29.86
C HIS A 173 -37.54 6.94 -28.45
N GLU A 174 -36.22 6.77 -28.34
CA GLU A 174 -35.57 6.46 -27.08
C GLU A 174 -34.39 7.41 -26.87
N HIS A 175 -33.74 7.26 -25.72
CA HIS A 175 -32.64 8.14 -25.33
C HIS A 175 -31.32 7.42 -25.54
N ILE A 176 -30.47 7.98 -26.39
CA ILE A 176 -29.14 7.44 -26.65
C ILE A 176 -28.12 8.32 -25.95
N VAL A 177 -27.25 7.71 -25.14
CA VAL A 177 -26.13 8.40 -24.52
C VAL A 177 -24.85 7.69 -24.93
N THR A 178 -23.90 8.43 -25.46
CA THR A 178 -22.59 7.89 -25.79
C THR A 178 -21.53 8.56 -24.95
N VAL A 179 -20.57 7.78 -24.47
CA VAL A 179 -19.37 8.30 -23.82
C VAL A 179 -18.20 7.88 -24.67
N GLU A 180 -17.49 8.86 -25.23
CA GLU A 180 -16.45 8.59 -26.22
C GLU A 180 -15.21 9.40 -25.87
N ASP A 181 -14.06 8.88 -26.30
CA ASP A 181 -12.77 9.51 -26.05
C ASP A 181 -11.92 9.38 -27.30
N PRO A 182 -12.10 10.27 -28.28
CA PRO A 182 -13.03 11.41 -28.28
C PRO A 182 -14.32 11.12 -29.04
N ILE A 183 -15.20 12.10 -29.12
CA ILE A 183 -16.36 12.00 -30.00
C ILE A 183 -15.87 12.05 -31.44
N GLU A 184 -16.20 11.03 -32.22
CA GLU A 184 -15.88 11.04 -33.63
C GLU A 184 -17.11 11.48 -34.41
N TYR A 185 -17.94 10.53 -34.83
CA TYR A 185 -19.16 10.88 -35.55
C TYR A 185 -20.14 11.60 -34.64
N LEU A 186 -20.71 12.70 -35.12
CA LEU A 186 -21.72 13.45 -34.40
C LEU A 186 -23.11 13.01 -34.85
N HIS A 187 -23.99 12.78 -33.88
CA HIS A 187 -25.33 12.27 -34.15
C HIS A 187 -26.39 13.31 -33.88
N PRO A 188 -26.85 14.05 -34.89
CA PRO A 188 -28.02 14.90 -34.70
C PRO A 188 -29.24 14.08 -34.31
N HIS A 189 -30.17 14.73 -33.62
CA HIS A 189 -31.41 14.06 -33.25
C HIS A 189 -32.22 13.76 -34.50
N LYS A 190 -32.66 12.50 -34.63
CA LYS A 190 -33.61 12.14 -35.67
C LYS A 190 -34.91 11.81 -34.96
N SER A 191 -35.22 10.54 -34.71
CA SER A 191 -36.36 10.20 -33.87
C SER A 191 -35.96 10.02 -32.41
N CYS A 192 -34.68 9.83 -32.14
CA CYS A 192 -34.17 9.68 -30.78
C CYS A 192 -33.66 11.01 -30.24
N VAL A 193 -33.45 11.04 -28.92
CA VAL A 193 -32.69 12.09 -28.26
C VAL A 193 -31.28 11.56 -28.05
N VAL A 194 -30.29 12.28 -28.56
CA VAL A 194 -28.90 11.82 -28.57
C VAL A 194 -28.06 12.80 -27.76
N ASN A 195 -27.50 12.33 -26.66
CA ASN A 195 -26.54 13.07 -25.84
C ASN A 195 -25.18 12.40 -25.93
N GLN A 196 -24.16 13.16 -26.29
CA GLN A 196 -22.82 12.63 -26.49
C GLN A 196 -21.86 13.34 -25.54
N ARG A 197 -21.20 12.57 -24.68
CA ARG A 197 -20.28 13.12 -23.69
C ARG A 197 -18.87 12.73 -24.08
N GLU A 198 -18.01 13.74 -24.25
CA GLU A 198 -16.61 13.51 -24.61
C GLU A 198 -15.77 13.52 -23.34
N VAL A 199 -15.04 12.44 -23.11
CA VAL A 199 -14.18 12.36 -21.93
C VAL A 199 -13.09 13.42 -22.02
N GLY A 200 -12.85 14.11 -20.91
CA GLY A 200 -11.85 15.15 -20.85
C GLY A 200 -12.37 16.55 -21.12
N ALA A 201 -13.63 16.69 -21.50
CA ALA A 201 -14.20 18.01 -21.76
C ALA A 201 -15.61 18.07 -21.19
N ASP A 202 -16.53 17.28 -21.74
CA ASP A 202 -17.89 17.24 -21.23
C ASP A 202 -18.01 16.43 -19.95
N THR A 203 -17.20 15.39 -19.79
CA THR A 203 -17.19 14.59 -18.58
C THR A 203 -15.75 14.23 -18.24
N LYS A 204 -15.51 13.96 -16.95
CA LYS A 204 -14.14 13.76 -16.48
C LYS A 204 -13.55 12.43 -16.93
N SER A 205 -14.36 11.38 -17.02
CA SER A 205 -13.84 10.06 -17.35
C SER A 205 -15.00 9.14 -17.71
N PHE A 206 -14.64 7.96 -18.24
CA PHE A 206 -15.61 6.89 -18.41
C PHE A 206 -16.27 6.56 -17.06
N LYS A 207 -15.45 6.45 -16.01
CA LYS A 207 -15.97 6.10 -14.69
C LYS A 207 -17.00 7.12 -14.21
N ASN A 208 -16.70 8.40 -14.37
CA ASN A 208 -17.63 9.42 -13.89
C ASN A 208 -18.89 9.47 -14.73
N ALA A 209 -18.76 9.38 -16.06
CA ALA A 209 -19.95 9.35 -16.90
C ALA A 209 -20.81 8.15 -16.57
N LEU A 210 -20.19 6.99 -16.39
CA LEU A 210 -20.95 5.79 -16.05
C LEU A 210 -21.47 5.81 -14.63
N LYS A 211 -20.88 6.62 -13.75
CA LYS A 211 -21.40 6.71 -12.39
C LYS A 211 -22.77 7.37 -12.35
N TYR A 212 -23.05 8.24 -13.32
CA TYR A 212 -24.30 8.97 -13.37
C TYR A 212 -25.21 8.52 -14.50
N ILE A 213 -24.77 7.54 -15.32
CA ILE A 213 -25.50 7.21 -16.53
C ILE A 213 -26.88 6.65 -16.22
N LEU A 214 -27.02 5.93 -15.09
CA LEU A 214 -28.32 5.38 -14.74
C LEU A 214 -29.27 6.43 -14.18
N ARG A 215 -28.76 7.59 -13.79
CA ARG A 215 -29.59 8.72 -13.40
C ARG A 215 -29.93 9.62 -14.59
N GLN A 216 -29.50 9.25 -15.80
CA GLN A 216 -29.72 10.07 -16.98
C GLN A 216 -30.78 9.47 -17.91
N ASP A 217 -31.54 8.50 -17.40
CA ASP A 217 -32.65 7.89 -18.13
C ASP A 217 -32.30 7.45 -19.55
N PRO A 218 -31.29 6.59 -19.71
CA PRO A 218 -30.95 6.12 -21.05
C PRO A 218 -31.72 4.86 -21.43
N ASP A 219 -31.80 4.63 -22.73
CA ASP A 219 -32.23 3.36 -23.29
C ASP A 219 -31.12 2.64 -24.02
N VAL A 220 -30.28 3.39 -24.74
CA VAL A 220 -29.15 2.86 -25.49
C VAL A 220 -27.91 3.63 -25.05
N VAL A 221 -26.84 2.91 -24.73
CA VAL A 221 -25.63 3.52 -24.20
C VAL A 221 -24.42 3.01 -24.98
N LEU A 222 -23.55 3.94 -25.38
CA LEU A 222 -22.24 3.63 -25.93
C LEU A 222 -21.19 4.01 -24.88
N VAL A 223 -20.35 3.06 -24.50
CA VAL A 223 -19.40 3.25 -23.41
C VAL A 223 -17.97 3.32 -23.91
N GLY A 224 -17.74 3.24 -25.21
CA GLY A 224 -16.37 3.26 -25.69
C GLY A 224 -15.70 1.92 -25.45
N GLU A 225 -14.38 1.98 -25.24
CA GLU A 225 -13.61 0.76 -25.04
C GLU A 225 -13.90 0.17 -23.67
N LEU A 226 -14.05 -1.15 -23.62
CA LEU A 226 -14.05 -1.84 -22.34
C LEU A 226 -12.64 -1.84 -21.79
N ARG A 227 -12.16 -0.68 -21.33
CA ARG A 227 -10.75 -0.52 -21.04
C ARG A 227 -10.35 -1.17 -19.72
N ASP A 228 -11.26 -1.25 -18.76
CA ASP A 228 -10.92 -1.70 -17.42
C ASP A 228 -12.11 -2.44 -16.82
N LEU A 229 -11.91 -2.96 -15.60
CA LEU A 229 -12.95 -3.72 -14.93
C LEU A 229 -14.16 -2.85 -14.60
N GLU A 230 -13.93 -1.59 -14.21
CA GLU A 230 -15.04 -0.71 -13.86
C GLU A 230 -15.98 -0.53 -15.03
N THR A 231 -15.44 -0.36 -16.24
CA THR A 231 -16.29 -0.16 -17.41
C THR A 231 -17.04 -1.44 -17.77
N ILE A 232 -16.38 -2.60 -17.64
CA ILE A 232 -17.05 -3.86 -17.92
C ILE A 232 -18.20 -4.09 -16.96
N GLU A 233 -17.97 -3.84 -15.66
CA GLU A 233 -19.05 -3.98 -14.69
C GLU A 233 -20.18 -3.00 -14.97
N ALA A 234 -19.85 -1.81 -15.48
CA ALA A 234 -20.90 -0.87 -15.84
C ALA A 234 -21.68 -1.35 -17.05
N ALA A 235 -21.00 -1.91 -18.06
CA ALA A 235 -21.68 -2.37 -19.26
C ALA A 235 -22.59 -3.56 -18.98
N LEU A 236 -22.13 -4.49 -18.14
CA LEU A 236 -22.96 -5.63 -17.77
C LEU A 236 -24.19 -5.19 -16.99
N THR A 237 -24.04 -4.18 -16.14
CA THR A 237 -25.19 -3.67 -15.39
C THR A 237 -26.21 -3.01 -16.33
N LEU A 238 -25.73 -2.21 -17.27
CA LEU A 238 -26.63 -1.60 -18.25
C LEU A 238 -27.44 -2.66 -18.99
N ALA A 239 -26.76 -3.70 -19.45
CA ALA A 239 -27.45 -4.75 -20.19
C ALA A 239 -28.38 -5.56 -19.29
N GLU A 240 -28.12 -5.56 -17.99
CA GLU A 240 -28.98 -6.27 -17.05
C GLU A 240 -30.23 -5.48 -16.70
N THR A 241 -30.14 -4.16 -16.69
CA THR A 241 -31.21 -3.30 -16.22
C THR A 241 -32.15 -2.87 -17.34
N GLY A 242 -32.14 -3.57 -18.47
CA GLY A 242 -33.06 -3.27 -19.55
C GLY A 242 -32.55 -2.31 -20.60
N HIS A 243 -31.24 -2.10 -20.69
CA HIS A 243 -30.66 -1.19 -21.66
C HIS A 243 -29.85 -1.96 -22.69
N LEU A 244 -29.71 -1.35 -23.87
CA LEU A 244 -28.84 -1.84 -24.92
C LEU A 244 -27.52 -1.10 -24.82
N CYS A 245 -26.46 -1.83 -24.50
CA CYS A 245 -25.14 -1.24 -24.28
C CYS A 245 -24.19 -1.67 -25.40
N PHE A 246 -23.51 -0.70 -26.00
CA PHE A 246 -22.52 -0.94 -27.04
C PHE A 246 -21.13 -0.64 -26.51
N ALA A 247 -20.17 -1.48 -26.86
CA ALA A 247 -18.80 -1.34 -26.41
C ALA A 247 -17.86 -1.96 -27.41
N THR A 248 -16.58 -1.61 -27.28
CA THR A 248 -15.54 -2.10 -28.19
C THR A 248 -14.42 -2.77 -27.41
N LEU A 249 -13.75 -3.69 -28.07
CA LEU A 249 -12.48 -4.22 -27.63
C LEU A 249 -11.57 -4.32 -28.84
N HIS A 250 -10.28 -4.56 -28.61
CA HIS A 250 -9.32 -4.64 -29.71
C HIS A 250 -8.92 -6.08 -30.03
N THR A 251 -9.82 -7.03 -29.77
CA THR A 251 -9.61 -8.43 -30.06
C THR A 251 -9.94 -8.74 -31.52
N ASN A 252 -9.48 -9.91 -31.98
CA ASN A 252 -9.54 -10.26 -33.39
C ASN A 252 -10.56 -11.36 -33.70
N SER A 253 -11.28 -11.87 -32.71
CA SER A 253 -12.27 -12.91 -32.99
C SER A 253 -13.32 -12.91 -31.89
N ALA A 254 -14.44 -13.57 -32.19
CA ALA A 254 -15.54 -13.62 -31.23
C ALA A 254 -15.16 -14.39 -29.97
N VAL A 255 -14.52 -15.55 -30.14
CA VAL A 255 -14.11 -16.35 -28.99
C VAL A 255 -13.08 -15.59 -28.15
N GLN A 256 -12.08 -15.02 -28.82
CA GLN A 256 -11.07 -14.23 -28.14
C GLN A 256 -11.67 -13.05 -27.39
N THR A 257 -12.79 -12.51 -27.90
CA THR A 257 -13.45 -11.37 -27.24
C THR A 257 -14.05 -11.78 -25.91
N ILE A 258 -14.78 -12.90 -25.89
CA ILE A 258 -15.41 -13.35 -24.65
C ILE A 258 -14.35 -13.68 -23.61
N ASN A 259 -13.29 -14.38 -24.03
CA ASN A 259 -12.21 -14.70 -23.09
C ASN A 259 -11.55 -13.44 -22.55
N ARG A 260 -11.41 -12.41 -23.39
CA ARG A 260 -10.77 -11.17 -22.96
C ARG A 260 -11.58 -10.46 -21.88
N ILE A 261 -12.91 -10.49 -21.99
CA ILE A 261 -13.74 -9.83 -20.98
C ILE A 261 -13.72 -10.60 -19.67
N VAL A 262 -13.81 -11.93 -19.75
CA VAL A 262 -13.88 -12.74 -18.54
C VAL A 262 -12.54 -12.78 -17.82
N ASP A 263 -11.45 -12.97 -18.57
CA ASP A 263 -10.16 -13.26 -17.96
C ASP A 263 -9.53 -12.06 -17.26
N VAL A 264 -10.10 -10.87 -17.39
CA VAL A 264 -9.55 -9.73 -16.64
C VAL A 264 -9.95 -9.77 -15.17
N PHE A 265 -10.96 -10.47 -14.85
CA PHE A 265 -11.40 -10.53 -13.47
C PHE A 265 -10.64 -11.60 -12.71
N PRO A 266 -10.48 -11.43 -11.40
CA PRO A 266 -9.90 -12.49 -10.58
C PRO A 266 -10.70 -13.77 -10.73
N SER A 267 -10.02 -14.90 -10.50
CA SER A 267 -10.64 -16.20 -10.75
C SER A 267 -11.89 -16.39 -9.90
N TYR A 268 -11.92 -15.77 -8.72
CA TYR A 268 -13.01 -16.04 -7.79
C TYR A 268 -14.28 -15.28 -8.14
N GLN A 269 -14.23 -14.41 -9.16
CA GLN A 269 -15.44 -13.84 -9.72
C GLN A 269 -15.68 -14.23 -11.19
N GLN A 270 -14.66 -14.72 -11.89
CA GLN A 270 -14.83 -15.33 -13.22
C GLN A 270 -16.07 -16.22 -13.35
N PRO A 271 -16.43 -17.09 -12.38
CA PRO A 271 -17.70 -17.83 -12.51
C PRO A 271 -18.90 -16.91 -12.73
N GLN A 272 -18.98 -15.83 -11.96
CA GLN A 272 -20.09 -14.89 -12.13
C GLN A 272 -20.02 -14.18 -13.48
N VAL A 273 -18.84 -13.71 -13.87
CA VAL A 273 -18.71 -12.90 -15.08
C VAL A 273 -19.17 -13.69 -16.30
N ARG A 274 -18.80 -14.97 -16.38
CA ARG A 274 -19.30 -15.81 -17.46
C ARG A 274 -20.82 -15.95 -17.42
N ALA A 275 -21.40 -15.96 -16.22
CA ALA A 275 -22.86 -16.05 -16.10
C ALA A 275 -23.53 -14.78 -16.60
N GLN A 276 -22.99 -13.61 -16.24
CA GLN A 276 -23.56 -12.35 -16.70
C GLN A 276 -23.44 -12.24 -18.22
N LEU A 277 -22.25 -12.52 -18.76
CA LEU A 277 -22.05 -12.44 -20.20
C LEU A 277 -22.99 -13.38 -20.95
N SER A 278 -23.25 -14.56 -20.39
CA SER A 278 -24.05 -15.56 -21.10
C SER A 278 -25.48 -15.07 -21.32
N PHE A 279 -26.02 -14.27 -20.41
CA PHE A 279 -27.40 -13.85 -20.61
C PHE A 279 -27.52 -12.60 -21.49
N VAL A 280 -26.74 -11.56 -21.18
CA VAL A 280 -26.98 -10.25 -21.80
C VAL A 280 -26.33 -10.09 -23.16
N LEU A 281 -25.31 -10.88 -23.48
CA LEU A 281 -24.63 -10.75 -24.75
C LEU A 281 -25.60 -11.06 -25.89
N GLU A 282 -25.71 -10.12 -26.84
CA GLU A 282 -26.59 -10.29 -27.99
C GLU A 282 -25.84 -10.30 -29.31
N GLY A 283 -24.55 -9.96 -29.32
CA GLY A 283 -23.77 -9.99 -30.54
C GLY A 283 -22.34 -9.57 -30.34
N VAL A 284 -21.42 -10.24 -31.02
CA VAL A 284 -20.01 -9.87 -31.04
C VAL A 284 -19.56 -9.81 -32.49
N LEU A 285 -19.09 -8.63 -32.91
CA LEU A 285 -18.61 -8.41 -34.26
C LEU A 285 -17.12 -8.13 -34.23
N SER A 286 -16.35 -8.95 -34.92
CA SER A 286 -14.90 -8.81 -34.99
C SER A 286 -14.53 -8.44 -36.44
N GLN A 287 -14.02 -7.23 -36.61
CA GLN A 287 -13.79 -6.67 -37.94
C GLN A 287 -12.30 -6.57 -38.25
N THR A 288 -12.01 -6.53 -39.55
CA THR A 288 -10.70 -6.18 -40.06
C THR A 288 -10.90 -5.61 -41.46
N LEU A 289 -10.03 -4.66 -41.82
CA LEU A 289 -10.07 -4.03 -43.14
C LEU A 289 -8.92 -4.56 -43.97
N LEU A 290 -9.24 -5.09 -45.15
CA LEU A 290 -8.28 -5.66 -46.06
C LEU A 290 -8.15 -4.80 -47.31
N PRO A 291 -6.96 -4.69 -47.89
CA PRO A 291 -6.83 -4.00 -49.17
C PRO A 291 -7.60 -4.74 -50.24
N LYS A 292 -8.40 -4.00 -51.01
CA LYS A 292 -9.17 -4.63 -52.08
C LYS A 292 -8.24 -5.24 -53.11
N ALA A 293 -8.73 -6.27 -53.79
CA ALA A 293 -7.92 -6.97 -54.79
C ALA A 293 -7.52 -6.04 -55.93
N SER A 294 -8.37 -5.06 -56.25
CA SER A 294 -8.04 -4.11 -57.31
C SER A 294 -6.84 -3.24 -56.93
N GLY A 295 -6.54 -3.13 -55.64
CA GLY A 295 -5.44 -2.29 -55.17
C GLY A 295 -5.85 -0.91 -54.72
N THR A 296 -7.15 -0.58 -54.74
CA THR A 296 -7.63 0.72 -54.31
C THR A 296 -8.87 0.50 -53.46
N GLY A 297 -8.91 1.15 -52.30
CA GLY A 297 -10.00 0.99 -51.36
C GLY A 297 -9.82 -0.25 -50.50
N ARG A 298 -10.66 -0.35 -49.49
CA ARG A 298 -10.62 -1.46 -48.56
C ARG A 298 -12.02 -2.02 -48.34
N VAL A 299 -12.08 -3.33 -48.11
CA VAL A 299 -13.31 -4.06 -47.94
C VAL A 299 -13.32 -4.71 -46.56
N LEU A 300 -14.49 -4.76 -45.94
CA LEU A 300 -14.62 -5.23 -44.57
C LEU A 300 -14.76 -6.75 -44.53
N ALA A 301 -13.90 -7.38 -43.72
CA ALA A 301 -14.05 -8.78 -43.34
C ALA A 301 -14.48 -8.82 -41.89
N ILE A 302 -15.55 -9.53 -41.59
CA ILE A 302 -16.19 -9.45 -40.28
C ILE A 302 -16.59 -10.84 -39.83
N GLU A 303 -16.35 -11.12 -38.55
CA GLU A 303 -16.84 -12.33 -37.88
C GLU A 303 -18.05 -11.96 -37.04
N VAL A 304 -19.14 -12.71 -37.20
CA VAL A 304 -20.41 -12.40 -36.56
C VAL A 304 -20.82 -13.56 -35.67
N MET A 305 -21.11 -13.25 -34.40
CA MET A 305 -21.62 -14.21 -33.43
C MET A 305 -22.92 -13.68 -32.86
N VAL A 306 -24.01 -14.42 -33.05
CA VAL A 306 -25.31 -14.10 -32.47
C VAL A 306 -25.71 -15.21 -31.51
N PRO A 307 -25.77 -14.97 -30.21
CA PRO A 307 -25.96 -16.06 -29.25
C PRO A 307 -27.30 -16.77 -29.44
N ASN A 308 -27.22 -18.09 -29.50
CA ASN A 308 -28.36 -18.98 -29.41
C ASN A 308 -28.39 -19.63 -28.04
N PRO A 309 -29.47 -20.34 -27.69
CA PRO A 309 -29.49 -21.02 -26.38
C PRO A 309 -28.28 -21.90 -26.12
N ALA A 310 -27.72 -22.54 -27.16
CA ALA A 310 -26.59 -23.44 -26.96
C ALA A 310 -25.33 -22.69 -26.58
N ILE A 311 -25.05 -21.56 -27.24
CA ILE A 311 -23.84 -20.81 -26.97
C ILE A 311 -23.88 -20.20 -25.58
N ARG A 312 -25.05 -19.72 -25.15
CA ARG A 312 -25.17 -19.14 -23.82
C ARG A 312 -24.87 -20.17 -22.74
N ASN A 313 -25.17 -21.44 -22.99
CA ASN A 313 -24.80 -22.49 -22.05
C ASN A 313 -23.30 -22.76 -22.07
N LEU A 314 -22.69 -22.77 -23.27
CA LEU A 314 -21.24 -22.96 -23.37
C LEU A 314 -20.48 -21.90 -22.58
N ILE A 315 -21.00 -20.68 -22.54
CA ILE A 315 -20.35 -19.61 -21.79
C ILE A 315 -20.37 -19.90 -20.30
N ARG A 316 -21.52 -20.34 -19.77
CA ARG A 316 -21.62 -20.61 -18.34
C ARG A 316 -20.74 -21.78 -17.91
N GLU A 317 -20.56 -22.77 -18.76
CA GLU A 317 -19.81 -23.97 -18.43
C GLU A 317 -18.31 -23.83 -18.65
N ASP A 318 -17.82 -22.64 -18.97
CA ASP A 318 -16.41 -22.39 -19.25
C ASP A 318 -15.89 -23.30 -20.36
N LYS A 319 -16.75 -23.54 -21.36
CA LYS A 319 -16.32 -24.18 -22.59
C LYS A 319 -16.29 -23.12 -23.69
N ILE A 320 -15.59 -22.01 -23.40
CA ILE A 320 -15.63 -20.84 -24.28
C ILE A 320 -15.11 -21.18 -25.67
N HIS A 321 -14.12 -22.06 -25.76
CA HIS A 321 -13.50 -22.36 -27.04
C HIS A 321 -14.39 -23.21 -27.96
N GLN A 322 -15.35 -23.96 -27.41
CA GLN A 322 -16.28 -24.72 -28.24
C GLN A 322 -17.28 -23.83 -28.97
N ILE A 323 -17.29 -22.53 -28.68
CA ILE A 323 -18.26 -21.65 -29.35
C ILE A 323 -17.96 -21.54 -30.84
N TYR A 324 -16.69 -21.64 -31.23
CA TYR A 324 -16.34 -21.55 -32.64
C TYR A 324 -17.00 -22.65 -33.46
N SER A 325 -17.15 -23.84 -32.88
CA SER A 325 -17.82 -24.92 -33.58
C SER A 325 -19.30 -24.63 -33.81
N GLN A 326 -19.94 -23.92 -32.89
CA GLN A 326 -21.35 -23.55 -33.09
C GLN A 326 -21.51 -22.51 -34.19
N MET A 327 -20.52 -21.63 -34.36
CA MET A 327 -20.62 -20.58 -35.38
C MET A 327 -20.57 -21.16 -36.79
N GLN A 328 -19.93 -22.32 -36.96
CA GLN A 328 -19.80 -22.92 -38.28
C GLN A 328 -21.15 -23.38 -38.84
N VAL A 329 -22.15 -23.57 -37.98
CA VAL A 329 -23.45 -24.11 -38.37
C VAL A 329 -24.59 -23.16 -38.06
N GLY A 330 -24.29 -21.95 -37.61
CA GLY A 330 -25.36 -21.03 -37.25
C GLY A 330 -25.69 -20.03 -38.34
N GLN A 331 -25.45 -20.41 -39.60
CA GLN A 331 -25.62 -19.50 -40.72
C GLN A 331 -27.09 -19.24 -41.04
N GLU A 332 -27.88 -20.30 -41.23
CA GLU A 332 -29.26 -20.11 -41.70
C GLU A 332 -30.16 -19.55 -40.62
N LYS A 333 -29.99 -20.00 -39.37
CA LYS A 333 -30.92 -19.63 -38.32
C LYS A 333 -30.63 -18.24 -37.74
N PHE A 334 -29.37 -17.97 -37.41
CA PHE A 334 -29.03 -16.77 -36.67
C PHE A 334 -28.18 -15.77 -37.45
N GLY A 335 -27.85 -16.04 -38.70
CA GLY A 335 -27.00 -15.11 -39.45
C GLY A 335 -25.55 -15.07 -39.00
N MET A 336 -25.06 -16.13 -38.36
CA MET A 336 -23.69 -16.16 -37.91
C MET A 336 -22.73 -16.31 -39.10
N MET A 337 -21.47 -16.00 -38.84
CA MET A 337 -20.43 -16.14 -39.86
C MET A 337 -19.08 -16.07 -39.19
N THR A 338 -18.31 -17.14 -39.29
CA THR A 338 -16.93 -17.12 -38.81
C THR A 338 -16.09 -16.24 -39.73
N MET A 339 -14.90 -15.87 -39.23
CA MET A 339 -14.02 -15.04 -40.04
C MET A 339 -13.60 -15.76 -41.31
N ASN A 340 -13.34 -17.07 -41.22
CA ASN A 340 -12.98 -17.83 -42.41
C ASN A 340 -14.12 -17.90 -43.41
N GLN A 341 -15.36 -17.99 -42.92
CA GLN A 341 -16.51 -18.02 -43.81
C GLN A 341 -16.68 -16.69 -44.53
N CYS A 342 -16.33 -15.58 -43.89
CA CYS A 342 -16.38 -14.29 -44.57
C CYS A 342 -15.25 -14.14 -45.58
N LEU A 343 -14.06 -14.63 -45.23
CA LEU A 343 -12.94 -14.61 -46.19
C LEU A 343 -13.23 -15.45 -47.42
N TYR A 344 -13.97 -16.55 -47.24
CA TYR A 344 -14.39 -17.36 -48.38
C TYR A 344 -15.29 -16.55 -49.31
N GLY A 345 -16.26 -15.84 -48.74
CA GLY A 345 -17.18 -15.06 -49.55
C GLY A 345 -16.50 -13.93 -50.30
N LEU A 346 -15.54 -13.26 -49.65
CA LEU A 346 -14.80 -12.21 -50.34
C LEU A 346 -13.96 -12.78 -51.48
N LEU A 347 -13.50 -14.03 -51.34
CA LEU A 347 -12.67 -14.64 -52.39
C LEU A 347 -13.52 -15.14 -53.55
N GLN A 348 -14.68 -15.75 -53.26
CA GLN A 348 -15.54 -16.22 -54.34
C GLN A 348 -16.09 -15.06 -55.15
N LYS A 349 -16.34 -13.92 -54.51
CA LYS A 349 -16.74 -12.70 -55.21
C LYS A 349 -15.56 -11.88 -55.71
N ARG A 350 -14.33 -12.37 -55.51
CA ARG A 350 -13.12 -11.77 -56.07
C ARG A 350 -12.90 -10.35 -55.56
N HIS A 351 -13.24 -10.12 -54.28
CA HIS A 351 -12.99 -8.82 -53.66
C HIS A 351 -11.59 -8.66 -53.11
N ILE A 352 -10.95 -9.76 -52.69
CA ILE A 352 -9.60 -9.73 -52.15
C ILE A 352 -8.77 -10.80 -52.84
N THR A 353 -7.45 -10.65 -52.75
CA THR A 353 -6.56 -11.64 -53.32
C THR A 353 -6.40 -12.83 -52.37
N MET A 354 -5.87 -13.93 -52.90
CA MET A 354 -5.71 -15.14 -52.10
C MET A 354 -4.66 -14.94 -51.00
N ASP A 355 -3.60 -14.17 -51.28
CA ASP A 355 -2.59 -13.91 -50.27
C ASP A 355 -3.15 -13.09 -49.11
N VAL A 356 -4.04 -12.14 -49.41
CA VAL A 356 -4.63 -11.32 -48.36
C VAL A 356 -5.57 -12.14 -47.50
N GLY A 357 -6.39 -12.98 -48.13
CA GLY A 357 -7.32 -13.81 -47.35
C GLY A 357 -6.63 -14.81 -46.45
N MET A 358 -5.53 -15.41 -46.94
CA MET A 358 -4.80 -16.37 -46.12
C MET A 358 -4.07 -15.67 -44.98
N GLY A 359 -3.55 -14.46 -45.21
CA GLY A 359 -2.83 -13.73 -44.19
C GLY A 359 -3.67 -13.33 -43.00
N ARG A 360 -5.00 -13.47 -43.08
CA ARG A 360 -5.91 -13.11 -42.00
C ARG A 360 -6.66 -14.29 -41.40
N SER A 361 -6.72 -15.42 -42.09
CA SER A 361 -7.41 -16.60 -41.58
C SER A 361 -6.87 -17.01 -40.22
N PRO A 362 -7.71 -17.10 -39.18
CA PRO A 362 -7.24 -17.69 -37.93
C PRO A 362 -6.87 -19.16 -38.08
N ASP A 363 -7.33 -19.79 -39.16
CA ASP A 363 -6.96 -21.16 -39.50
C ASP A 363 -6.83 -21.22 -41.01
N PRO A 364 -5.63 -20.99 -41.55
CA PRO A 364 -5.47 -20.98 -43.00
C PRO A 364 -5.76 -22.32 -43.66
N ASP A 365 -5.58 -23.42 -42.94
CA ASP A 365 -5.84 -24.73 -43.54
C ASP A 365 -7.33 -24.99 -43.76
N GLU A 366 -8.19 -24.48 -42.87
CA GLU A 366 -9.63 -24.66 -43.07
C GLU A 366 -10.10 -23.90 -44.30
N LEU A 367 -9.73 -22.61 -44.41
CA LEU A 367 -10.17 -21.80 -45.54
C LEU A 367 -9.66 -22.37 -46.86
N LYS A 368 -8.42 -22.88 -46.88
CA LYS A 368 -7.92 -23.55 -48.07
C LYS A 368 -8.80 -24.73 -48.44
N GLN A 369 -9.20 -25.53 -47.45
CA GLN A 369 -10.10 -26.65 -47.71
C GLN A 369 -11.46 -26.16 -48.18
N MET A 370 -11.93 -25.03 -47.62
CA MET A 370 -13.18 -24.45 -48.08
C MET A 370 -13.12 -24.06 -49.54
N LEU A 371 -11.97 -23.57 -49.99
CA LEU A 371 -11.83 -23.12 -51.37
C LEU A 371 -11.80 -24.29 -52.34
N THR A 372 -11.08 -25.36 -52.00
CA THR A 372 -11.01 -26.52 -52.88
C THR A 372 -12.34 -27.27 -52.96
N SER A 373 -13.27 -27.01 -52.04
CA SER A 373 -14.60 -27.61 -52.11
C SER A 373 -15.52 -26.76 -52.97
N MET B 21 -37.17 31.99 -14.94
CA MET B 21 -37.96 31.79 -13.72
C MET B 21 -38.97 30.65 -13.89
N ALA B 22 -40.21 31.02 -14.23
CA ALA B 22 -41.32 30.07 -14.29
C ALA B 22 -41.58 29.58 -15.71
N ASN B 23 -40.55 29.44 -16.53
CA ASN B 23 -40.68 28.68 -17.77
C ASN B 23 -40.40 27.21 -17.49
N MET B 24 -39.41 26.96 -16.63
CA MET B 24 -39.18 25.61 -16.12
C MET B 24 -40.37 25.14 -15.31
N HIS B 25 -41.00 26.05 -14.57
CA HIS B 25 -42.21 25.72 -13.83
C HIS B 25 -43.30 25.18 -14.75
N GLN B 26 -43.41 25.76 -15.95
CA GLN B 26 -44.41 25.30 -16.91
C GLN B 26 -44.05 23.94 -17.48
N LEU B 27 -42.76 23.72 -17.77
CA LEU B 27 -42.35 22.45 -18.38
C LEU B 27 -42.56 21.29 -17.42
N LEU B 28 -42.18 21.46 -16.15
CA LEU B 28 -42.42 20.41 -15.16
C LEU B 28 -43.91 20.21 -14.92
N THR B 29 -44.72 21.28 -15.01
CA THR B 29 -46.16 21.12 -14.91
C THR B 29 -46.70 20.30 -16.08
N GLU B 30 -46.18 20.55 -17.30
CA GLU B 30 -46.60 19.77 -18.45
C GLU B 30 -46.18 18.31 -18.31
N LEU B 31 -45.02 18.06 -17.69
CA LEU B 31 -44.59 16.70 -17.44
C LEU B 31 -45.60 15.95 -16.58
N VAL B 32 -46.08 16.59 -15.51
CA VAL B 32 -47.05 15.95 -14.62
C VAL B 32 -48.39 15.81 -15.33
N ASN B 33 -48.87 16.88 -15.96
CA ASN B 33 -50.20 16.87 -16.55
C ASN B 33 -50.35 15.78 -17.61
N ARG B 34 -49.31 15.57 -18.41
CA ARG B 34 -49.35 14.56 -19.45
C ARG B 34 -49.10 13.15 -18.92
N GLY B 35 -48.88 13.00 -17.62
CA GLY B 35 -48.59 11.69 -17.06
C GLY B 35 -47.26 11.10 -17.50
N GLY B 36 -46.30 11.93 -17.88
CA GLY B 36 -45.01 11.42 -18.28
C GLY B 36 -44.14 11.02 -17.09
N SER B 37 -43.11 10.24 -17.40
CA SER B 37 -42.18 9.78 -16.37
C SER B 37 -40.92 10.62 -16.29
N ASP B 38 -40.41 11.11 -17.42
CA ASP B 38 -39.16 11.85 -17.44
C ASP B 38 -39.24 13.00 -18.44
N LEU B 39 -38.56 14.09 -18.11
CA LEU B 39 -38.42 15.26 -18.97
C LEU B 39 -36.97 15.43 -19.36
N HIS B 40 -36.72 15.61 -20.65
CA HIS B 40 -35.38 15.76 -21.19
C HIS B 40 -35.19 17.17 -21.74
N LEU B 41 -34.07 17.80 -21.39
CA LEU B 41 -33.70 19.10 -21.91
C LEU B 41 -32.29 18.99 -22.47
N THR B 42 -32.15 19.20 -23.79
CA THR B 42 -30.85 19.18 -24.43
C THR B 42 -30.90 20.03 -25.69
N THR B 43 -29.71 20.39 -26.18
CA THR B 43 -29.62 21.34 -27.28
C THR B 43 -30.09 20.73 -28.59
N ASN B 44 -30.56 21.59 -29.49
CA ASN B 44 -30.98 21.24 -30.84
C ASN B 44 -32.20 20.33 -30.85
N SER B 45 -32.91 20.23 -29.73
CA SER B 45 -34.16 19.51 -29.62
C SER B 45 -35.10 20.28 -28.71
N PRO B 46 -36.41 20.21 -28.96
CA PRO B 46 -37.37 20.75 -28.01
C PRO B 46 -37.39 19.91 -26.75
N PRO B 47 -38.03 20.40 -25.68
CA PRO B 47 -38.22 19.55 -24.49
C PRO B 47 -39.00 18.30 -24.85
N GLN B 48 -38.54 17.17 -24.34
CA GLN B 48 -39.16 15.88 -24.63
C GLN B 48 -39.64 15.22 -23.36
N ILE B 49 -40.79 14.56 -23.44
CA ILE B 49 -41.42 13.88 -22.32
C ILE B 49 -41.50 12.40 -22.66
N ARG B 50 -41.04 11.55 -21.74
CA ARG B 50 -41.18 10.11 -21.92
C ARG B 50 -42.57 9.68 -21.45
N ILE B 51 -43.36 9.14 -22.37
CA ILE B 51 -44.71 8.68 -22.09
C ILE B 51 -44.83 7.25 -22.60
N ASP B 52 -45.15 6.32 -21.69
CA ASP B 52 -45.29 4.91 -22.03
C ASP B 52 -44.01 4.34 -22.64
N GLY B 53 -42.86 4.83 -22.22
CA GLY B 53 -41.58 4.31 -22.67
C GLY B 53 -40.99 5.02 -23.87
N LYS B 54 -41.76 5.84 -24.57
CA LYS B 54 -41.30 6.50 -25.78
C LYS B 54 -41.22 8.01 -25.56
N LEU B 55 -40.17 8.63 -26.09
CA LEU B 55 -39.99 10.06 -25.96
C LEU B 55 -40.91 10.80 -26.93
N LEU B 56 -41.54 11.86 -26.41
CA LEU B 56 -42.40 12.71 -27.22
C LEU B 56 -41.93 14.15 -27.12
N PRO B 57 -41.61 14.81 -28.23
CA PRO B 57 -41.22 16.22 -28.16
C PRO B 57 -42.42 17.13 -27.96
N LEU B 58 -42.25 18.14 -27.10
CA LEU B 58 -43.29 19.14 -26.90
C LEU B 58 -43.30 20.13 -28.05
N ASP B 59 -44.47 20.72 -28.29
CA ASP B 59 -44.66 21.64 -29.41
C ASP B 59 -44.08 23.01 -29.05
N MET B 60 -42.75 23.07 -29.07
CA MET B 60 -41.99 24.25 -28.71
C MET B 60 -40.79 24.36 -29.65
N PRO B 61 -40.23 25.56 -29.80
CA PRO B 61 -39.00 25.70 -30.59
C PRO B 61 -37.84 24.96 -29.96
N PRO B 62 -36.84 24.58 -30.75
CA PRO B 62 -35.69 23.86 -30.19
C PRO B 62 -34.87 24.73 -29.25
N LEU B 63 -34.23 24.07 -28.28
CA LEU B 63 -33.40 24.74 -27.29
C LEU B 63 -31.98 24.92 -27.81
N ASN B 64 -31.35 26.02 -27.41
CA ASN B 64 -29.93 26.24 -27.67
C ASN B 64 -29.14 26.02 -26.38
N ALA B 65 -27.82 26.19 -26.47
CA ALA B 65 -26.97 25.98 -25.30
C ALA B 65 -27.28 26.99 -24.20
N VAL B 66 -27.63 28.21 -24.57
CA VAL B 66 -28.04 29.21 -23.58
C VAL B 66 -29.33 28.79 -22.89
N ASP B 67 -30.24 28.14 -23.61
CA ASP B 67 -31.54 27.79 -23.05
C ASP B 67 -31.42 26.69 -21.99
N THR B 68 -30.66 25.63 -22.29
CA THR B 68 -30.56 24.52 -21.35
C THR B 68 -29.90 24.96 -20.05
N LYS B 69 -28.88 25.81 -20.13
CA LYS B 69 -28.20 26.27 -18.92
C LYS B 69 -29.15 27.07 -18.04
N GLN B 70 -29.91 27.99 -18.63
CA GLN B 70 -30.84 28.79 -17.84
C GLN B 70 -31.92 27.93 -17.21
N LEU B 71 -32.48 26.98 -17.97
CA LEU B 71 -33.55 26.13 -17.46
C LEU B 71 -33.05 25.28 -16.29
N CYS B 72 -31.91 24.62 -16.46
CA CYS B 72 -31.38 23.80 -15.38
C CYS B 72 -30.94 24.65 -14.20
N TYR B 73 -30.30 25.79 -14.48
CA TYR B 73 -29.85 26.66 -13.40
C TYR B 73 -31.01 27.31 -12.65
N SER B 74 -32.20 27.40 -13.27
CA SER B 74 -33.32 28.05 -12.61
C SER B 74 -33.84 27.25 -11.43
N ILE B 75 -33.48 25.98 -11.33
CA ILE B 75 -33.91 25.13 -10.23
C ILE B 75 -32.72 24.70 -9.36
N LEU B 76 -31.58 25.37 -9.48
CA LEU B 76 -30.40 25.05 -8.70
C LEU B 76 -30.12 26.14 -7.66
N THR B 77 -29.56 25.71 -6.53
CA THR B 77 -29.05 26.65 -5.56
C THR B 77 -27.65 27.11 -5.97
N GLU B 78 -27.17 28.17 -5.31
CA GLU B 78 -25.82 28.66 -5.61
C GLU B 78 -24.78 27.61 -5.24
N GLN B 79 -24.97 26.90 -4.13
CA GLN B 79 -24.06 25.82 -3.76
C GLN B 79 -24.05 24.73 -4.82
N GLN B 80 -25.21 24.41 -5.40
CA GLN B 80 -25.28 23.38 -6.42
C GLN B 80 -24.67 23.86 -7.73
N LYS B 81 -24.79 25.14 -8.04
CA LYS B 81 -24.19 25.67 -9.26
C LYS B 81 -22.67 25.60 -9.19
N HIS B 82 -22.09 25.95 -8.04
CA HIS B 82 -20.65 25.85 -7.88
C HIS B 82 -20.18 24.41 -8.04
N LYS B 83 -20.97 23.45 -7.57
CA LYS B 83 -20.56 22.06 -7.62
C LYS B 83 -20.72 21.46 -9.01
N PHE B 84 -21.78 21.84 -9.73
CA PHE B 84 -21.95 21.34 -11.09
C PHE B 84 -20.83 21.85 -12.00
N GLU B 85 -20.52 23.15 -11.91
CA GLU B 85 -19.44 23.70 -12.70
C GLU B 85 -18.08 23.11 -12.30
N GLU B 86 -17.99 22.55 -11.10
CA GLU B 86 -16.74 21.91 -10.69
C GLU B 86 -16.60 20.51 -11.27
N ASN B 87 -17.72 19.81 -11.52
CA ASN B 87 -17.69 18.40 -11.87
C ASN B 87 -18.35 18.05 -13.19
N ASN B 88 -19.14 18.95 -13.78
CA ASN B 88 -19.94 18.68 -14.98
C ASN B 88 -20.95 17.57 -14.77
N GLU B 89 -21.27 17.24 -13.51
CA GLU B 89 -22.27 16.25 -13.14
C GLU B 89 -22.97 16.72 -11.89
N LEU B 90 -24.26 16.38 -11.76
CA LEU B 90 -24.99 16.76 -10.56
C LEU B 90 -26.27 15.95 -10.47
N ASP B 91 -26.46 15.27 -9.34
CA ASP B 91 -27.75 14.74 -8.93
C ASP B 91 -28.32 15.64 -7.84
N LEU B 92 -29.64 15.81 -7.84
CA LEU B 92 -30.27 16.71 -6.88
C LEU B 92 -31.76 16.42 -6.82
N SER B 93 -32.40 16.95 -5.79
CA SER B 93 -33.84 16.94 -5.66
C SER B 93 -34.33 18.32 -5.25
N PHE B 94 -35.53 18.66 -5.73
CA PHE B 94 -36.15 19.93 -5.38
C PHE B 94 -37.65 19.74 -5.33
N GLY B 95 -38.32 20.75 -4.77
CA GLY B 95 -39.76 20.77 -4.70
C GLY B 95 -40.32 21.95 -5.46
N ILE B 96 -41.48 21.74 -6.08
CA ILE B 96 -42.26 22.82 -6.67
C ILE B 96 -43.53 22.93 -5.83
N LYS B 97 -43.67 24.06 -5.13
CA LYS B 97 -44.78 24.24 -4.20
C LYS B 97 -46.11 24.01 -4.89
N GLY B 98 -46.95 23.17 -4.30
CA GLY B 98 -48.24 22.86 -4.85
C GLY B 98 -48.24 21.90 -6.01
N LEU B 99 -47.09 21.34 -6.39
CA LEU B 99 -47.00 20.46 -7.55
C LEU B 99 -46.46 19.09 -7.16
N SER B 100 -45.14 18.99 -7.02
CA SER B 100 -44.48 17.72 -6.76
C SER B 100 -43.02 17.98 -6.46
N ARG B 101 -42.34 16.95 -5.98
CA ARG B 101 -40.90 16.93 -5.90
C ARG B 101 -40.33 16.18 -7.10
N PHE B 102 -39.08 16.47 -7.44
CA PHE B 102 -38.43 15.89 -8.60
C PHE B 102 -36.97 15.60 -8.29
N ARG B 103 -36.44 14.57 -8.93
CA ARG B 103 -35.01 14.32 -8.95
C ARG B 103 -34.46 14.69 -10.33
N GLY B 104 -33.40 15.47 -10.33
CA GLY B 104 -32.79 15.91 -11.57
C GLY B 104 -31.35 15.45 -11.67
N ASN B 105 -30.89 15.28 -12.91
CA ASN B 105 -29.48 15.10 -13.21
C ASN B 105 -29.08 16.12 -14.26
N VAL B 106 -28.06 16.90 -13.96
CA VAL B 106 -27.50 17.88 -14.89
C VAL B 106 -26.11 17.40 -15.29
N PHE B 107 -25.82 17.43 -16.58
CA PHE B 107 -24.53 17.02 -17.10
C PHE B 107 -24.20 17.87 -18.32
N VAL B 108 -23.05 17.59 -18.92
CA VAL B 108 -22.55 18.35 -20.06
C VAL B 108 -22.35 17.38 -21.22
N GLN B 109 -22.86 17.75 -22.39
CA GLN B 109 -22.69 16.97 -23.60
C GLN B 109 -22.43 17.89 -24.77
N ARG B 110 -21.39 17.59 -25.56
CA ARG B 110 -21.00 18.39 -26.71
C ARG B 110 -20.87 19.86 -26.36
N GLY B 111 -20.41 20.15 -25.14
CA GLY B 111 -20.15 21.50 -24.72
C GLY B 111 -21.33 22.27 -24.21
N ALA B 112 -22.47 21.62 -23.97
CA ALA B 112 -23.68 22.30 -23.57
C ALA B 112 -24.36 21.57 -22.42
N VAL B 113 -25.11 22.32 -21.62
CA VAL B 113 -25.83 21.74 -20.50
C VAL B 113 -26.96 20.84 -21.02
N ALA B 114 -27.17 19.73 -20.33
CA ALA B 114 -28.30 18.84 -20.61
C ALA B 114 -28.88 18.38 -19.27
N GLY B 115 -30.15 18.03 -19.29
CA GLY B 115 -30.84 17.68 -18.05
C GLY B 115 -31.90 16.62 -18.26
N VAL B 116 -32.07 15.79 -17.24
CA VAL B 116 -33.13 14.79 -17.18
C VAL B 116 -33.79 14.90 -15.81
N PHE B 117 -35.11 14.78 -15.76
CA PHE B 117 -35.85 15.02 -14.53
C PHE B 117 -36.94 13.98 -14.34
N ARG B 118 -36.91 13.28 -13.21
CA ARG B 118 -37.88 12.26 -12.87
C ARG B 118 -38.77 12.74 -11.72
N VAL B 119 -39.99 12.22 -11.68
CA VAL B 119 -40.98 12.64 -10.69
C VAL B 119 -40.84 11.79 -9.44
N ILE B 120 -40.92 12.44 -8.28
CA ILE B 120 -40.90 11.75 -6.98
C ILE B 120 -42.23 12.01 -6.29
N PRO B 121 -43.12 11.01 -6.21
CA PRO B 121 -44.44 11.24 -5.64
C PRO B 121 -44.38 11.60 -4.16
N TYR B 122 -45.37 12.39 -3.72
CA TYR B 122 -45.48 12.70 -2.30
C TYR B 122 -46.01 11.52 -1.51
N LYS B 123 -46.76 10.63 -2.15
CA LYS B 123 -47.38 9.50 -1.46
C LYS B 123 -46.47 8.28 -1.54
N ILE B 124 -46.20 7.68 -0.39
CA ILE B 124 -45.35 6.50 -0.28
C ILE B 124 -46.23 5.26 -0.36
N LEU B 125 -45.90 4.35 -1.27
CA LEU B 125 -46.67 3.14 -1.43
C LEU B 125 -46.47 2.21 -0.23
N SER B 126 -47.46 1.34 -0.01
CA SER B 126 -47.44 0.42 1.12
C SER B 126 -46.67 -0.84 0.78
N PHE B 127 -46.43 -1.65 1.81
CA PHE B 127 -45.75 -2.94 1.62
C PHE B 127 -46.52 -3.82 0.65
N GLU B 128 -47.85 -3.90 0.82
CA GLU B 128 -48.67 -4.75 -0.04
C GLU B 128 -48.71 -4.21 -1.46
N GLU B 129 -48.75 -2.88 -1.62
CA GLU B 129 -48.76 -2.29 -2.96
C GLU B 129 -47.44 -2.51 -3.69
N LEU B 130 -46.35 -2.64 -2.95
CA LEU B 130 -45.02 -2.80 -3.53
C LEU B 130 -44.61 -4.25 -3.71
N GLY B 131 -45.42 -5.21 -3.28
CA GLY B 131 -45.06 -6.60 -3.45
C GLY B 131 -44.00 -7.10 -2.48
N LEU B 132 -43.88 -6.46 -1.31
CA LEU B 132 -42.91 -6.90 -0.33
C LEU B 132 -43.50 -7.99 0.56
N PRO B 133 -42.74 -9.05 0.83
CA PRO B 133 -43.28 -10.16 1.62
C PRO B 133 -43.49 -9.76 3.07
N PRO B 134 -44.29 -10.53 3.83
CA PRO B 134 -44.58 -10.15 5.22
C PRO B 134 -43.36 -10.00 6.11
N VAL B 135 -42.23 -10.63 5.75
CA VAL B 135 -41.02 -10.49 6.55
C VAL B 135 -40.50 -9.05 6.53
N VAL B 136 -40.86 -8.29 5.49
CA VAL B 136 -40.36 -6.92 5.38
C VAL B 136 -41.02 -6.01 6.40
N ARG B 137 -42.30 -6.22 6.70
CA ARG B 137 -42.96 -5.41 7.72
C ARG B 137 -42.30 -5.61 9.08
N GLU B 138 -41.85 -6.84 9.36
CA GLU B 138 -41.19 -7.13 10.62
C GLU B 138 -39.76 -6.61 10.68
N LEU B 139 -39.12 -6.39 9.53
CA LEU B 139 -37.81 -5.75 9.53
C LEU B 139 -37.90 -4.32 10.05
N ALA B 140 -39.02 -3.65 9.80
CA ALA B 140 -39.24 -2.32 10.36
C ALA B 140 -39.45 -2.35 11.86
N GLU B 141 -39.56 -3.52 12.46
CA GLU B 141 -39.75 -3.67 13.90
C GLU B 141 -38.46 -4.04 14.64
N LYS B 142 -37.35 -4.24 13.92
CA LYS B 142 -36.10 -4.60 14.57
C LYS B 142 -35.63 -3.45 15.47
N PRO B 143 -35.27 -3.74 16.72
CA PRO B 143 -34.77 -2.66 17.59
C PRO B 143 -33.33 -2.28 17.32
N ARG B 144 -32.54 -3.20 16.77
CA ARG B 144 -31.14 -2.92 16.47
C ARG B 144 -30.72 -3.78 15.28
N GLY B 145 -29.56 -3.45 14.74
CA GLY B 145 -28.93 -4.24 13.69
C GLY B 145 -28.76 -3.46 12.40
N LEU B 146 -28.15 -4.14 11.43
CA LEU B 146 -27.91 -3.60 10.10
C LEU B 146 -28.79 -4.32 9.10
N VAL B 147 -29.58 -3.55 8.36
CA VAL B 147 -30.42 -4.07 7.28
C VAL B 147 -29.94 -3.43 5.98
N LEU B 148 -29.64 -4.27 5.00
CA LEU B 148 -29.11 -3.82 3.71
C LEU B 148 -30.13 -4.09 2.62
N VAL B 149 -30.41 -3.08 1.82
CA VAL B 149 -31.30 -3.18 0.66
C VAL B 149 -30.44 -2.94 -0.57
N THR B 150 -30.20 -3.97 -1.35
CA THR B 150 -29.23 -3.90 -2.43
C THR B 150 -29.89 -4.13 -3.79
N GLY B 151 -29.11 -3.83 -4.83
CA GLY B 151 -29.56 -3.88 -6.20
C GLY B 151 -28.92 -2.77 -7.01
N PRO B 152 -28.91 -2.91 -8.34
CA PRO B 152 -28.35 -1.84 -9.18
C PRO B 152 -29.16 -0.56 -9.06
N THR B 153 -28.67 0.48 -9.71
CA THR B 153 -29.36 1.77 -9.64
C THR B 153 -30.71 1.67 -10.32
N GLY B 154 -31.72 2.26 -9.70
CA GLY B 154 -33.08 2.19 -10.20
C GLY B 154 -33.71 0.83 -10.03
N SER B 155 -33.28 0.06 -9.03
CA SER B 155 -33.78 -1.28 -8.78
C SER B 155 -34.86 -1.30 -7.70
N GLY B 156 -35.33 -0.14 -7.27
CA GLY B 156 -36.40 -0.05 -6.31
C GLY B 156 -35.98 0.06 -4.86
N LYS B 157 -34.69 0.32 -4.58
CA LYS B 157 -34.21 0.33 -3.21
C LYS B 157 -34.79 1.51 -2.42
N SER B 158 -34.76 2.71 -3.00
CA SER B 158 -35.22 3.89 -2.29
C SER B 158 -36.71 3.82 -1.97
N THR B 159 -37.52 3.25 -2.87
CA THR B 159 -38.95 3.11 -2.60
C THR B 159 -39.19 2.15 -1.44
N THR B 160 -38.47 1.04 -1.41
CA THR B 160 -38.59 0.12 -0.29
C THR B 160 -38.15 0.77 1.02
N LEU B 161 -37.05 1.52 0.98
CA LEU B 161 -36.56 2.18 2.20
C LEU B 161 -37.54 3.22 2.71
N ALA B 162 -38.15 3.98 1.81
CA ALA B 162 -39.12 4.98 2.24
C ALA B 162 -40.32 4.32 2.91
N ALA B 163 -40.73 3.14 2.43
CA ALA B 163 -41.84 2.44 3.05
C ALA B 163 -41.50 1.99 4.46
N ILE B 164 -40.28 1.50 4.66
CA ILE B 164 -39.85 1.06 5.99
C ILE B 164 -39.77 2.27 6.92
N ILE B 165 -39.09 3.33 6.49
CA ILE B 165 -38.95 4.51 7.32
C ILE B 165 -40.30 5.09 7.70
N ASP B 166 -41.23 5.12 6.75
CA ASP B 166 -42.56 5.63 7.02
C ASP B 166 -43.31 4.75 8.03
N LYS B 167 -43.06 3.44 8.01
CA LYS B 167 -43.69 2.55 8.98
C LYS B 167 -43.14 2.77 10.38
N ILE B 168 -41.82 2.92 10.49
CA ILE B 168 -41.20 3.22 11.78
C ILE B 168 -41.72 4.55 12.31
N ASN B 169 -41.79 5.55 11.45
CA ASN B 169 -42.26 6.87 11.85
C ASN B 169 -43.66 6.80 12.43
N THR B 170 -44.49 5.89 11.92
CA THR B 170 -45.86 5.78 12.41
C THR B 170 -45.91 5.06 13.75
N ASP B 171 -45.07 4.03 13.92
CA ASP B 171 -45.25 3.07 15.01
C ASP B 171 -44.39 3.35 16.24
N ARG B 172 -43.29 4.08 16.11
CA ARG B 172 -42.38 4.24 17.24
C ARG B 172 -42.33 5.69 17.70
N HIS B 173 -41.84 5.87 18.92
CA HIS B 173 -41.57 7.19 19.49
C HIS B 173 -40.06 7.35 19.62
N GLU B 174 -39.38 7.36 18.48
CA GLU B 174 -37.93 7.32 18.43
C GLU B 174 -37.42 8.38 17.46
N HIS B 175 -36.10 8.47 17.35
CA HIS B 175 -35.43 9.48 16.55
C HIS B 175 -34.83 8.83 15.31
N ILE B 176 -35.31 9.23 14.13
CA ILE B 176 -34.81 8.75 12.86
C ILE B 176 -34.00 9.87 12.22
N VAL B 177 -32.75 9.57 11.87
CA VAL B 177 -31.89 10.49 11.13
C VAL B 177 -31.48 9.80 9.84
N THR B 178 -31.65 10.50 8.72
CA THR B 178 -31.23 9.99 7.42
C THR B 178 -30.18 10.91 6.84
N VAL B 179 -29.18 10.32 6.19
CA VAL B 179 -28.18 11.05 5.43
C VAL B 179 -28.30 10.58 3.99
N GLU B 180 -28.68 11.49 3.09
CA GLU B 180 -29.02 11.14 1.73
C GLU B 180 -28.31 12.06 0.75
N ASP B 181 -28.08 11.54 -0.45
CA ASP B 181 -27.36 12.26 -1.51
C ASP B 181 -27.98 11.91 -2.85
N PRO B 182 -29.12 12.54 -3.20
CA PRO B 182 -29.87 13.50 -2.41
C PRO B 182 -31.09 12.92 -1.70
N ILE B 183 -31.82 13.78 -0.98
CA ILE B 183 -33.06 13.39 -0.34
C ILE B 183 -34.11 13.11 -1.42
N GLU B 184 -34.74 11.94 -1.34
CA GLU B 184 -35.85 11.65 -2.23
C GLU B 184 -37.18 11.90 -1.51
N TYR B 185 -37.70 10.87 -0.88
CA TYR B 185 -38.95 10.98 -0.14
C TYR B 185 -38.76 11.86 1.10
N LEU B 186 -39.75 12.73 1.34
CA LEU B 186 -39.78 13.56 2.54
C LEU B 186 -40.64 12.89 3.59
N HIS B 187 -40.14 12.86 4.83
CA HIS B 187 -40.83 12.23 5.96
C HIS B 187 -41.16 13.28 7.01
N PRO B 188 -42.32 13.92 6.92
CA PRO B 188 -42.76 14.78 8.01
C PRO B 188 -42.94 13.99 9.30
N HIS B 189 -42.84 14.70 10.42
CA HIS B 189 -42.94 14.04 11.72
C HIS B 189 -44.30 13.38 11.90
N LYS B 190 -44.28 12.15 12.43
CA LYS B 190 -45.49 11.47 12.82
C LYS B 190 -45.44 11.27 14.31
N SER B 191 -45.17 10.07 14.81
CA SER B 191 -44.87 9.86 16.22
C SER B 191 -43.38 9.96 16.50
N CYS B 192 -42.54 9.85 15.48
CA CYS B 192 -41.11 9.96 15.62
C CYS B 192 -40.66 11.40 15.34
N VAL B 193 -39.42 11.69 15.73
CA VAL B 193 -38.71 12.87 15.25
C VAL B 193 -37.84 12.42 14.08
N VAL B 194 -38.07 13.02 12.91
CA VAL B 194 -37.38 12.63 11.69
C VAL B 194 -36.55 13.82 11.23
N ASN B 195 -35.23 13.65 11.21
CA ASN B 195 -34.30 14.64 10.68
C ASN B 195 -33.65 14.06 9.43
N GLN B 196 -33.68 14.80 8.34
CA GLN B 196 -33.13 14.36 7.07
C GLN B 196 -32.04 15.33 6.64
N ARG B 197 -30.83 14.81 6.48
CA ARG B 197 -29.67 15.62 6.14
C ARG B 197 -29.28 15.37 4.69
N GLU B 198 -29.31 16.42 3.88
CA GLU B 198 -28.92 16.34 2.49
C GLU B 198 -27.44 16.69 2.38
N VAL B 199 -26.66 15.78 1.80
CA VAL B 199 -25.22 16.02 1.65
C VAL B 199 -24.99 17.16 0.68
N GLY B 200 -24.08 18.07 1.04
CA GLY B 200 -23.79 19.24 0.25
C GLY B 200 -24.55 20.48 0.64
N ALA B 201 -25.63 20.34 1.43
CA ALA B 201 -26.40 21.48 1.89
C ALA B 201 -26.54 21.44 3.40
N ASP B 202 -27.16 20.38 3.93
CA ASP B 202 -27.33 20.25 5.37
C ASP B 202 -26.04 19.82 6.05
N THR B 203 -25.25 18.97 5.39
CA THR B 203 -23.98 18.53 5.91
C THR B 203 -22.96 18.53 4.78
N LYS B 204 -21.68 18.67 5.14
CA LYS B 204 -20.65 18.80 4.11
C LYS B 204 -20.44 17.49 3.37
N SER B 205 -20.52 16.36 4.06
CA SER B 205 -20.24 15.07 3.43
C SER B 205 -20.73 13.94 4.32
N PHE B 206 -20.71 12.72 3.77
CA PHE B 206 -21.05 11.53 4.54
C PHE B 206 -20.04 11.28 5.66
N LYS B 207 -18.75 11.47 5.37
CA LYS B 207 -17.73 11.32 6.40
C LYS B 207 -18.02 12.25 7.57
N ASN B 208 -18.40 13.50 7.25
CA ASN B 208 -18.69 14.47 8.30
C ASN B 208 -19.98 14.11 9.04
N ALA B 209 -21.01 13.65 8.32
CA ALA B 209 -22.28 13.37 8.96
C ALA B 209 -22.18 12.21 9.93
N LEU B 210 -21.42 11.17 9.59
CA LEU B 210 -21.27 10.01 10.47
C LEU B 210 -20.28 10.24 11.60
N LYS B 211 -19.45 11.28 11.50
CA LYS B 211 -18.56 11.62 12.61
C LYS B 211 -19.33 12.17 13.81
N TYR B 212 -20.55 12.69 13.59
CA TYR B 212 -21.34 13.33 14.63
C TYR B 212 -22.61 12.58 14.95
N ILE B 213 -22.90 11.48 14.26
CA ILE B 213 -24.20 10.83 14.41
C ILE B 213 -24.36 10.20 15.80
N LEU B 214 -23.26 9.75 16.41
CA LEU B 214 -23.36 9.09 17.69
C LEU B 214 -23.70 10.07 18.82
N ARG B 215 -23.46 11.36 18.61
CA ARG B 215 -23.77 12.38 19.61
C ARG B 215 -25.11 13.06 19.36
N GLN B 216 -25.91 12.55 18.43
CA GLN B 216 -27.19 13.14 18.08
C GLN B 216 -28.37 12.27 18.50
N ASP B 217 -28.14 11.34 19.43
CA ASP B 217 -29.19 10.50 20.00
C ASP B 217 -30.13 9.88 18.94
N PRO B 218 -29.60 9.11 18.00
CA PRO B 218 -30.48 8.45 17.03
C PRO B 218 -30.91 7.07 17.50
N ASP B 219 -32.02 6.62 16.93
CA ASP B 219 -32.49 5.25 17.11
C ASP B 219 -32.44 4.45 15.82
N VAL B 220 -32.84 5.07 14.72
CA VAL B 220 -32.79 4.46 13.39
C VAL B 220 -32.08 5.43 12.46
N VAL B 221 -31.09 4.94 11.72
CA VAL B 221 -30.27 5.77 10.84
C VAL B 221 -30.25 5.15 9.45
N LEU B 222 -30.48 5.97 8.43
CA LEU B 222 -30.29 5.60 7.03
C LEU B 222 -29.05 6.31 6.52
N VAL B 223 -28.06 5.54 6.07
CA VAL B 223 -26.76 6.09 5.66
C VAL B 223 -26.53 6.02 4.17
N GLY B 224 -27.52 5.58 3.40
CA GLY B 224 -27.37 5.50 1.96
C GLY B 224 -26.52 4.32 1.53
N GLU B 225 -25.94 4.44 0.34
CA GLU B 225 -25.13 3.36 -0.19
C GLU B 225 -23.80 3.28 0.55
N LEU B 226 -23.36 2.06 0.85
CA LEU B 226 -22.03 1.82 1.39
C LEU B 226 -21.03 2.13 0.28
N ARG B 227 -20.84 3.43 0.03
CA ARG B 227 -20.12 3.92 -1.13
C ARG B 227 -18.61 3.73 -1.02
N ASP B 228 -18.07 3.76 0.20
CA ASP B 228 -16.63 3.66 0.41
C ASP B 228 -16.36 2.81 1.64
N LEU B 229 -15.08 2.70 2.02
CA LEU B 229 -14.74 1.90 3.19
C LEU B 229 -15.23 2.54 4.48
N GLU B 230 -15.06 3.86 4.62
CA GLU B 230 -15.36 4.52 5.89
C GLU B 230 -16.83 4.43 6.23
N THR B 231 -17.71 4.57 5.24
CA THR B 231 -19.14 4.49 5.52
C THR B 231 -19.54 3.11 6.03
N ILE B 232 -18.87 2.06 5.54
CA ILE B 232 -19.16 0.71 6.04
C ILE B 232 -18.78 0.60 7.51
N GLU B 233 -17.62 1.13 7.88
CA GLU B 233 -17.20 1.09 9.28
C GLU B 233 -18.17 1.85 10.17
N ALA B 234 -18.73 2.95 9.67
CA ALA B 234 -19.69 3.72 10.46
C ALA B 234 -21.00 2.95 10.61
N ALA B 235 -21.44 2.26 9.56
CA ALA B 235 -22.69 1.51 9.64
C ALA B 235 -22.55 0.31 10.57
N LEU B 236 -21.40 -0.38 10.53
CA LEU B 236 -21.17 -1.47 11.46
C LEU B 236 -21.17 -0.98 12.90
N THR B 237 -20.52 0.16 13.15
CA THR B 237 -20.52 0.73 14.49
C THR B 237 -21.93 1.11 14.93
N LEU B 238 -22.66 1.81 14.06
CA LEU B 238 -24.02 2.21 14.39
C LEU B 238 -24.90 1.00 14.70
N ALA B 239 -24.77 -0.06 13.91
CA ALA B 239 -25.65 -1.21 14.08
C ALA B 239 -25.34 -1.99 15.35
N GLU B 240 -24.07 -2.06 15.74
CA GLU B 240 -23.70 -2.86 16.91
C GLU B 240 -23.79 -2.10 18.22
N THR B 241 -23.95 -0.77 18.19
CA THR B 241 -24.10 0.02 19.39
C THR B 241 -25.55 0.22 19.79
N GLY B 242 -26.45 -0.63 19.31
CA GLY B 242 -27.84 -0.60 19.73
C GLY B 242 -28.78 0.19 18.86
N HIS B 243 -28.37 0.56 17.65
CA HIS B 243 -29.21 1.32 16.74
C HIS B 243 -29.59 0.46 15.54
N LEU B 244 -30.67 0.86 14.87
CA LEU B 244 -31.13 0.21 13.65
C LEU B 244 -30.62 1.02 12.45
N CYS B 245 -29.71 0.44 11.68
CA CYS B 245 -29.04 1.13 10.59
C CYS B 245 -29.44 0.51 9.25
N PHE B 246 -29.87 1.37 8.32
CA PHE B 246 -30.21 0.97 6.96
C PHE B 246 -29.18 1.52 5.99
N ALA B 247 -28.78 0.70 5.04
CA ALA B 247 -27.83 1.10 4.01
C ALA B 247 -28.16 0.34 2.73
N THR B 248 -27.61 0.80 1.62
CA THR B 248 -27.82 0.15 0.33
C THR B 248 -26.49 -0.28 -0.26
N LEU B 249 -26.56 -1.25 -1.17
CA LEU B 249 -25.44 -1.66 -1.99
C LEU B 249 -25.97 -1.95 -3.39
N HIS B 250 -25.04 -2.18 -4.32
CA HIS B 250 -25.38 -2.46 -5.70
C HIS B 250 -25.28 -3.94 -6.06
N THR B 251 -25.27 -4.82 -5.07
CA THR B 251 -25.24 -6.25 -5.32
C THR B 251 -26.65 -6.75 -5.64
N ASN B 252 -26.70 -7.88 -6.35
CA ASN B 252 -27.94 -8.43 -6.86
C ASN B 252 -28.45 -9.61 -6.05
N SER B 253 -27.72 -10.06 -5.04
CA SER B 253 -28.14 -11.19 -4.23
C SER B 253 -27.54 -11.07 -2.84
N ALA B 254 -28.05 -11.87 -1.91
CA ALA B 254 -27.59 -11.82 -0.54
C ALA B 254 -26.12 -12.23 -0.42
N VAL B 255 -25.73 -13.28 -1.14
CA VAL B 255 -24.34 -13.74 -1.07
C VAL B 255 -23.41 -12.70 -1.67
N GLN B 256 -23.80 -12.08 -2.79
CA GLN B 256 -23.00 -11.01 -3.36
C GLN B 256 -22.83 -9.86 -2.38
N THR B 257 -23.88 -9.57 -1.60
CA THR B 257 -23.84 -8.43 -0.68
C THR B 257 -22.80 -8.65 0.41
N ILE B 258 -22.79 -9.83 1.02
CA ILE B 258 -21.84 -10.08 2.10
C ILE B 258 -20.41 -10.12 1.55
N ASN B 259 -20.22 -10.69 0.36
CA ASN B 259 -18.88 -10.78 -0.20
C ASN B 259 -18.34 -9.40 -0.55
N ARG B 260 -19.19 -8.52 -1.08
CA ARG B 260 -18.72 -7.18 -1.45
C ARG B 260 -18.25 -6.41 -0.23
N ILE B 261 -18.96 -6.54 0.89
CA ILE B 261 -18.55 -5.85 2.12
C ILE B 261 -17.24 -6.41 2.64
N VAL B 262 -17.07 -7.74 2.57
CA VAL B 262 -15.87 -8.37 3.12
C VAL B 262 -14.66 -8.06 2.25
N ASP B 263 -14.82 -8.13 0.92
CA ASP B 263 -13.67 -8.04 0.03
C ASP B 263 -13.10 -6.64 -0.07
N VAL B 264 -13.85 -5.62 0.35
CA VAL B 264 -13.34 -4.25 0.24
C VAL B 264 -12.35 -3.91 1.36
N PHE B 265 -12.38 -4.65 2.46
CA PHE B 265 -11.48 -4.27 3.54
C PHE B 265 -10.11 -4.91 3.36
N PRO B 266 -9.07 -4.27 3.91
CA PRO B 266 -7.76 -4.92 3.95
C PRO B 266 -7.84 -6.27 4.66
N SER B 267 -7.01 -7.20 4.23
CA SER B 267 -7.06 -8.55 4.76
C SER B 267 -6.89 -8.57 6.28
N TYR B 268 -6.10 -7.64 6.83
CA TYR B 268 -5.79 -7.69 8.25
C TYR B 268 -6.94 -7.24 9.14
N GLN B 269 -7.91 -6.49 8.61
CA GLN B 269 -9.10 -6.16 9.39
C GLN B 269 -10.32 -6.99 9.01
N GLN B 270 -10.23 -7.80 7.95
CA GLN B 270 -11.33 -8.68 7.58
C GLN B 270 -11.86 -9.52 8.74
N PRO B 271 -11.03 -10.04 9.66
CA PRO B 271 -11.60 -10.75 10.82
C PRO B 271 -12.62 -9.93 11.61
N GLN B 272 -12.35 -8.65 11.87
CA GLN B 272 -13.29 -7.83 12.63
C GLN B 272 -14.56 -7.57 11.82
N VAL B 273 -14.42 -7.32 10.52
CA VAL B 273 -15.58 -7.04 9.68
C VAL B 273 -16.47 -8.27 9.57
N ARG B 274 -15.89 -9.45 9.41
CA ARG B 274 -16.69 -10.67 9.35
C ARG B 274 -17.39 -10.92 10.68
N ALA B 275 -16.69 -10.71 11.80
CA ALA B 275 -17.32 -10.88 13.11
C ALA B 275 -18.40 -9.84 13.33
N GLN B 276 -18.15 -8.60 12.90
CA GLN B 276 -19.12 -7.53 13.07
C GLN B 276 -20.39 -7.79 12.26
N LEU B 277 -20.24 -8.17 11.00
CA LEU B 277 -21.41 -8.48 10.17
C LEU B 277 -22.22 -9.62 10.79
N SER B 278 -21.54 -10.63 11.35
CA SER B 278 -22.24 -11.74 11.97
C SER B 278 -23.08 -11.30 13.16
N PHE B 279 -22.65 -10.22 13.85
CA PHE B 279 -23.37 -9.71 15.01
C PHE B 279 -24.60 -8.92 14.59
N VAL B 280 -24.43 -7.98 13.66
CA VAL B 280 -25.41 -6.93 13.43
C VAL B 280 -26.42 -7.24 12.33
N LEU B 281 -26.08 -8.12 11.39
CA LEU B 281 -26.93 -8.32 10.23
C LEU B 281 -28.27 -8.91 10.65
N GLU B 282 -29.37 -8.22 10.30
CA GLU B 282 -30.71 -8.70 10.57
C GLU B 282 -31.54 -8.93 9.32
N GLY B 283 -31.05 -8.50 8.16
CA GLY B 283 -31.77 -8.69 6.92
C GLY B 283 -31.04 -8.11 5.73
N VAL B 284 -31.05 -8.84 4.61
CA VAL B 284 -30.51 -8.36 3.35
C VAL B 284 -31.59 -8.52 2.29
N LEU B 285 -31.96 -7.43 1.64
CA LEU B 285 -32.94 -7.44 0.56
C LEU B 285 -32.21 -7.09 -0.73
N SER B 286 -32.32 -7.98 -1.73
CA SER B 286 -31.72 -7.77 -3.04
C SER B 286 -32.85 -7.71 -4.05
N GLN B 287 -33.03 -6.55 -4.69
CA GLN B 287 -34.18 -6.30 -5.53
C GLN B 287 -33.78 -6.08 -6.98
N THR B 288 -34.70 -6.43 -7.88
CA THR B 288 -34.73 -5.97 -9.26
C THR B 288 -36.19 -5.87 -9.67
N LEU B 289 -36.47 -4.93 -10.57
CA LEU B 289 -37.83 -4.72 -11.05
C LEU B 289 -37.97 -5.28 -12.45
N LEU B 290 -38.95 -6.14 -12.63
CA LEU B 290 -39.24 -6.85 -13.87
C LEU B 290 -40.59 -6.40 -14.42
N PRO B 291 -40.72 -6.32 -15.75
CA PRO B 291 -41.99 -5.91 -16.34
C PRO B 291 -43.09 -6.92 -16.02
N LYS B 292 -44.24 -6.41 -15.60
CA LYS B 292 -45.39 -7.26 -15.33
C LYS B 292 -45.76 -8.02 -16.59
N ALA B 293 -46.30 -9.22 -16.41
CA ALA B 293 -46.68 -10.05 -17.54
C ALA B 293 -47.69 -9.35 -18.45
N SER B 294 -48.42 -8.37 -17.92
CA SER B 294 -49.34 -7.61 -18.75
C SER B 294 -48.62 -6.78 -19.82
N GLY B 295 -47.32 -6.55 -19.65
CA GLY B 295 -46.59 -5.66 -20.54
C GLY B 295 -46.64 -4.20 -20.15
N THR B 296 -47.41 -3.86 -19.13
CA THR B 296 -47.49 -2.49 -18.61
C THR B 296 -47.24 -2.52 -17.12
N GLY B 297 -46.18 -1.86 -16.68
CA GLY B 297 -45.81 -1.84 -15.28
C GLY B 297 -44.72 -2.83 -14.96
N ARG B 298 -44.28 -2.80 -13.71
CA ARG B 298 -43.22 -3.67 -13.23
C ARG B 298 -43.63 -4.35 -11.93
N VAL B 299 -43.03 -5.51 -11.67
CA VAL B 299 -43.30 -6.31 -10.49
C VAL B 299 -41.96 -6.65 -9.82
N LEU B 300 -41.98 -6.71 -8.50
CA LEU B 300 -40.76 -6.84 -7.70
C LEU B 300 -40.36 -8.29 -7.52
N ALA B 301 -39.11 -8.59 -7.83
CA ALA B 301 -38.46 -9.85 -7.46
C ALA B 301 -37.40 -9.53 -6.40
N ILE B 302 -37.42 -10.26 -5.29
CA ILE B 302 -36.62 -9.92 -4.13
C ILE B 302 -36.03 -11.19 -3.52
N GLU B 303 -34.75 -11.13 -3.17
CA GLU B 303 -34.12 -12.15 -2.34
C GLU B 303 -34.01 -11.61 -0.92
N VAL B 304 -34.48 -12.38 0.04
CA VAL B 304 -34.52 -11.97 1.45
C VAL B 304 -33.66 -12.94 2.23
N MET B 305 -32.66 -12.41 2.93
CA MET B 305 -31.82 -13.22 3.81
C MET B 305 -31.95 -12.69 5.23
N VAL B 306 -32.40 -13.56 6.13
CA VAL B 306 -32.51 -13.22 7.55
C VAL B 306 -31.57 -14.14 8.33
N PRO B 307 -30.53 -13.61 8.96
CA PRO B 307 -29.51 -14.48 9.58
C PRO B 307 -30.07 -15.28 10.75
N ASN B 308 -29.78 -16.57 10.76
CA ASN B 308 -29.95 -17.45 11.91
C ASN B 308 -28.59 -17.83 12.46
N PRO B 309 -28.53 -18.42 13.66
CA PRO B 309 -27.22 -18.76 14.25
C PRO B 309 -26.29 -19.57 13.36
N ALA B 310 -26.82 -20.48 12.53
CA ALA B 310 -25.95 -21.26 11.65
C ALA B 310 -25.27 -20.36 10.62
N ILE B 311 -26.02 -19.43 10.03
CA ILE B 311 -25.47 -18.54 9.02
C ILE B 311 -24.47 -17.57 9.64
N ARG B 312 -24.76 -17.06 10.85
CA ARG B 312 -23.87 -16.11 11.49
C ARG B 312 -22.50 -16.71 11.76
N ASN B 313 -22.45 -18.00 12.12
CA ASN B 313 -21.16 -18.65 12.36
C ASN B 313 -20.36 -18.76 11.07
N LEU B 314 -21.02 -19.10 9.96
CA LEU B 314 -20.31 -19.25 8.70
C LEU B 314 -19.68 -17.94 8.24
N ILE B 315 -20.28 -16.80 8.63
CA ILE B 315 -19.69 -15.52 8.28
C ILE B 315 -18.39 -15.29 9.06
N ARG B 316 -18.40 -15.57 10.36
CA ARG B 316 -17.19 -15.36 11.15
C ARG B 316 -16.11 -16.39 10.84
N GLU B 317 -16.51 -17.61 10.46
CA GLU B 317 -15.55 -18.64 10.08
C GLU B 317 -15.09 -18.52 8.63
N ASP B 318 -15.52 -17.46 7.93
CA ASP B 318 -15.12 -17.20 6.53
C ASP B 318 -15.53 -18.36 5.62
N LYS B 319 -16.78 -18.80 5.77
CA LYS B 319 -17.33 -19.84 4.92
C LYS B 319 -18.57 -19.33 4.20
N ILE B 320 -18.42 -18.20 3.49
CA ILE B 320 -19.56 -17.54 2.86
C ILE B 320 -20.09 -18.37 1.70
N HIS B 321 -19.23 -19.13 1.03
CA HIS B 321 -19.69 -20.02 -0.03
C HIS B 321 -20.78 -20.97 0.46
N GLN B 322 -20.70 -21.39 1.72
CA GLN B 322 -21.72 -22.25 2.32
C GLN B 322 -22.90 -21.46 2.87
N ILE B 323 -22.88 -20.13 2.79
CA ILE B 323 -23.99 -19.34 3.30
C ILE B 323 -25.25 -19.57 2.47
N TYR B 324 -25.09 -19.74 1.16
CA TYR B 324 -26.26 -19.94 0.30
C TYR B 324 -27.00 -21.23 0.63
N SER B 325 -26.28 -22.27 1.08
CA SER B 325 -26.91 -23.55 1.35
C SER B 325 -27.89 -23.49 2.51
N GLN B 326 -27.61 -22.66 3.52
CA GLN B 326 -28.54 -22.53 4.64
C GLN B 326 -29.81 -21.79 4.23
N MET B 327 -29.72 -20.90 3.25
CA MET B 327 -30.86 -20.11 2.81
C MET B 327 -31.91 -20.92 2.05
N GLN B 328 -31.52 -22.04 1.43
CA GLN B 328 -32.42 -22.74 0.52
C GLN B 328 -33.59 -23.40 1.24
N VAL B 329 -33.43 -23.76 2.52
CA VAL B 329 -34.43 -24.55 3.24
C VAL B 329 -34.98 -23.82 4.47
N GLY B 330 -34.60 -22.56 4.67
CA GLY B 330 -35.08 -21.84 5.84
C GLY B 330 -36.23 -20.88 5.54
N GLN B 331 -36.97 -21.17 4.47
CA GLN B 331 -37.97 -20.23 3.97
C GLN B 331 -39.19 -20.14 4.89
N GLU B 332 -39.75 -21.30 5.27
CA GLU B 332 -41.02 -21.30 6.01
C GLU B 332 -40.86 -20.78 7.43
N LYS B 333 -39.73 -21.05 8.07
CA LYS B 333 -39.60 -20.75 9.51
C LYS B 333 -39.30 -19.28 9.76
N PHE B 334 -38.45 -18.65 8.96
CA PHE B 334 -37.98 -17.30 9.23
C PHE B 334 -38.35 -16.29 8.15
N GLY B 335 -39.08 -16.71 7.11
CA GLY B 335 -39.41 -15.82 6.01
C GLY B 335 -38.30 -15.58 5.03
N MET B 336 -37.26 -16.42 5.03
CA MET B 336 -36.17 -16.26 4.09
C MET B 336 -36.60 -16.75 2.71
N MET B 337 -35.84 -16.33 1.69
CA MET B 337 -36.21 -16.62 0.32
C MET B 337 -35.05 -16.31 -0.64
N THR B 338 -34.52 -17.35 -1.28
CA THR B 338 -33.56 -17.11 -2.36
C THR B 338 -34.29 -16.47 -3.53
N MET B 339 -33.50 -15.86 -4.43
CA MET B 339 -34.10 -15.25 -5.60
C MET B 339 -34.82 -16.29 -6.45
N ASN B 340 -34.22 -17.46 -6.62
CA ASN B 340 -34.86 -18.52 -7.39
C ASN B 340 -36.13 -19.03 -6.71
N GLN B 341 -36.11 -19.14 -5.39
CA GLN B 341 -37.32 -19.54 -4.67
C GLN B 341 -38.41 -18.49 -4.82
N CYS B 342 -38.02 -17.22 -4.89
CA CYS B 342 -38.99 -16.16 -5.14
C CYS B 342 -39.54 -16.24 -6.56
N LEU B 343 -38.66 -16.51 -7.54
CA LEU B 343 -39.10 -16.59 -8.92
C LEU B 343 -40.05 -17.75 -9.15
N TYR B 344 -39.88 -18.86 -8.43
CA TYR B 344 -40.80 -19.99 -8.57
C TYR B 344 -42.23 -19.55 -8.28
N GLY B 345 -42.43 -18.75 -7.23
CA GLY B 345 -43.76 -18.24 -6.96
C GLY B 345 -44.26 -17.27 -8.01
N LEU B 346 -43.36 -16.44 -8.54
CA LEU B 346 -43.74 -15.48 -9.57
C LEU B 346 -44.19 -16.17 -10.84
N LEU B 347 -43.56 -17.30 -11.19
CA LEU B 347 -43.95 -18.02 -12.40
C LEU B 347 -45.29 -18.71 -12.22
N GLN B 348 -45.56 -19.27 -11.03
CA GLN B 348 -46.81 -19.99 -10.80
C GLN B 348 -48.03 -19.07 -10.90
N LYS B 349 -47.91 -17.82 -10.49
CA LYS B 349 -49.00 -16.86 -10.55
C LYS B 349 -49.11 -16.14 -11.89
N ARG B 350 -48.27 -16.50 -12.86
CA ARG B 350 -48.24 -15.84 -14.17
C ARG B 350 -48.10 -14.32 -14.02
N HIS B 351 -47.39 -13.89 -12.97
CA HIS B 351 -47.14 -12.47 -12.75
C HIS B 351 -45.99 -11.94 -13.60
N ILE B 352 -45.07 -12.80 -14.03
CA ILE B 352 -43.99 -12.43 -14.93
C ILE B 352 -44.08 -13.33 -16.16
N THR B 353 -43.48 -12.86 -17.25
CA THR B 353 -43.44 -13.69 -18.45
C THR B 353 -42.28 -14.67 -18.36
N MET B 354 -42.32 -15.69 -19.22
CA MET B 354 -41.26 -16.69 -19.21
C MET B 354 -39.92 -16.11 -19.64
N ASP B 355 -39.93 -15.24 -20.66
CA ASP B 355 -38.68 -14.62 -21.10
C ASP B 355 -38.12 -13.70 -20.02
N VAL B 356 -38.99 -12.99 -19.30
CA VAL B 356 -38.52 -12.09 -18.25
C VAL B 356 -38.08 -12.87 -17.02
N GLY B 357 -38.83 -13.92 -16.65
CA GLY B 357 -38.45 -14.72 -15.50
C GLY B 357 -37.14 -15.46 -15.68
N MET B 358 -36.96 -16.09 -16.85
CA MET B 358 -35.69 -16.75 -17.13
C MET B 358 -34.55 -15.75 -17.23
N GLY B 359 -34.83 -14.56 -17.77
CA GLY B 359 -33.80 -13.57 -18.00
C GLY B 359 -33.20 -12.99 -16.73
N ARG B 360 -33.94 -13.00 -15.63
CA ARG B 360 -33.41 -12.49 -14.38
C ARG B 360 -33.05 -13.62 -13.41
N SER B 361 -33.46 -14.85 -13.72
CA SER B 361 -33.13 -15.98 -12.85
C SER B 361 -31.62 -16.12 -12.73
N PRO B 362 -31.07 -16.11 -11.51
CA PRO B 362 -29.61 -16.30 -11.37
C PRO B 362 -29.15 -17.71 -11.63
N ASP B 363 -30.05 -18.69 -11.69
CA ASP B 363 -29.68 -20.06 -12.01
C ASP B 363 -30.85 -20.77 -12.66
N PRO B 364 -31.03 -20.67 -13.97
CA PRO B 364 -32.15 -21.37 -14.62
C PRO B 364 -32.09 -22.88 -14.49
N ASP B 365 -30.88 -23.45 -14.41
CA ASP B 365 -30.77 -24.89 -14.23
C ASP B 365 -31.28 -25.31 -12.85
N GLU B 366 -31.01 -24.50 -11.82
CA GLU B 366 -31.53 -24.79 -10.50
C GLU B 366 -33.04 -24.61 -10.44
N LEU B 367 -33.56 -23.60 -11.15
CA LEU B 367 -35.00 -23.39 -11.20
C LEU B 367 -35.73 -24.57 -11.81
N LYS B 368 -35.12 -25.24 -12.80
CA LYS B 368 -35.75 -26.42 -13.38
C LYS B 368 -35.96 -27.50 -12.32
N GLN B 369 -34.98 -27.71 -11.45
CA GLN B 369 -35.18 -28.63 -10.34
C GLN B 369 -36.27 -28.14 -9.42
N MET B 370 -36.30 -26.84 -9.15
CA MET B 370 -37.38 -26.27 -8.34
C MET B 370 -38.71 -26.32 -9.09
N LEU B 371 -38.68 -26.24 -10.43
CA LEU B 371 -39.91 -26.29 -11.20
C LEU B 371 -40.45 -27.70 -11.30
N THR B 372 -39.59 -28.68 -11.61
CA THR B 372 -40.00 -30.06 -11.74
C THR B 372 -40.04 -30.80 -10.41
N SER B 373 -39.61 -30.16 -9.32
CA SER B 373 -39.57 -30.76 -7.99
C SER B 373 -38.91 -32.13 -7.99
N ALA C 22 -33.35 32.35 28.26
CA ALA C 22 -34.67 32.79 28.70
C ALA C 22 -35.73 31.78 28.27
N ASN C 23 -35.79 31.53 26.96
CA ASN C 23 -36.70 30.51 26.46
C ASN C 23 -36.04 29.14 26.50
N MET C 24 -34.80 29.07 25.99
CA MET C 24 -34.06 27.82 26.01
C MET C 24 -33.73 27.38 27.45
N HIS C 25 -33.39 28.34 28.31
CA HIS C 25 -33.14 28.02 29.71
C HIS C 25 -34.38 27.47 30.39
N GLN C 26 -35.57 27.95 30.01
CA GLN C 26 -36.80 27.38 30.53
C GLN C 26 -37.07 26.00 29.96
N LEU C 27 -36.65 25.75 28.71
CA LEU C 27 -36.88 24.44 28.09
C LEU C 27 -36.05 23.35 28.74
N LEU C 28 -34.79 23.65 29.08
CA LEU C 28 -33.92 22.64 29.68
C LEU C 28 -34.30 22.30 31.11
N THR C 29 -34.97 23.22 31.83
CA THR C 29 -35.47 22.90 33.16
C THR C 29 -36.59 21.86 33.09
N GLU C 30 -37.43 21.92 32.05
CA GLU C 30 -38.44 20.89 31.84
C GLU C 30 -37.81 19.52 31.68
N LEU C 31 -36.69 19.46 30.95
CA LEU C 31 -35.99 18.20 30.74
C LEU C 31 -35.58 17.56 32.05
N VAL C 32 -35.05 18.35 32.99
CA VAL C 32 -34.59 17.82 34.27
C VAL C 32 -35.77 17.38 35.12
N ASN C 33 -36.80 18.23 35.20
CA ASN C 33 -37.91 17.97 36.13
C ASN C 33 -38.64 16.68 35.81
N ARG C 34 -38.80 16.37 34.53
CA ARG C 34 -39.49 15.15 34.12
C ARG C 34 -38.56 13.96 33.99
N GLY C 35 -37.28 14.11 34.35
CA GLY C 35 -36.34 13.00 34.35
C GLY C 35 -35.96 12.47 32.99
N GLY C 36 -35.98 13.31 31.96
CA GLY C 36 -35.61 12.87 30.63
C GLY C 36 -34.10 12.80 30.44
N SER C 37 -33.70 12.08 29.39
CA SER C 37 -32.29 11.91 29.07
C SER C 37 -31.81 12.82 27.94
N ASP C 38 -32.68 13.16 26.99
CA ASP C 38 -32.30 13.95 25.83
C ASP C 38 -33.43 14.89 25.44
N LEU C 39 -33.06 16.10 25.01
CA LEU C 39 -34.00 17.07 24.47
C LEU C 39 -33.75 17.25 22.98
N HIS C 40 -34.81 17.17 22.18
CA HIS C 40 -34.73 17.30 20.74
C HIS C 40 -35.46 18.56 20.29
N LEU C 41 -34.78 19.37 19.47
CA LEU C 41 -35.36 20.58 18.91
C LEU C 41 -35.20 20.54 17.41
N THR C 42 -36.32 20.46 16.68
CA THR C 42 -36.27 20.40 15.23
C THR C 42 -37.56 20.97 14.66
N THR C 43 -37.49 21.34 13.39
CA THR C 43 -38.60 22.02 12.73
C THR C 43 -39.80 21.10 12.53
N ASN C 44 -40.98 21.72 12.51
CA ASN C 44 -42.28 21.07 12.27
C ASN C 44 -42.68 20.09 13.36
N SER C 45 -41.99 20.11 14.50
CA SER C 45 -42.35 19.31 15.66
C SER C 45 -42.21 20.17 16.90
N PRO C 46 -43.05 19.96 17.91
CA PRO C 46 -42.80 20.57 19.21
C PRO C 46 -41.53 20.01 19.81
N PRO C 47 -40.96 20.68 20.82
CA PRO C 47 -39.81 20.09 21.51
C PRO C 47 -40.16 18.72 22.07
N GLN C 48 -39.25 17.78 21.90
CA GLN C 48 -39.43 16.42 22.36
C GLN C 48 -38.30 16.03 23.30
N ILE C 49 -38.68 15.34 24.38
CA ILE C 49 -37.76 14.90 25.42
C ILE C 49 -37.86 13.38 25.52
N ARG C 50 -36.72 12.73 25.68
CA ARG C 50 -36.68 11.28 25.76
C ARG C 50 -36.82 10.85 27.22
N ILE C 51 -37.90 10.12 27.51
CA ILE C 51 -38.14 9.56 28.83
C ILE C 51 -38.15 8.04 28.70
N ASP C 52 -37.31 7.38 29.49
CA ASP C 52 -37.27 5.91 29.56
C ASP C 52 -37.06 5.27 28.19
N GLY C 53 -36.29 5.93 27.32
CA GLY C 53 -35.95 5.39 26.02
C GLY C 53 -36.87 5.78 24.88
N LYS C 54 -38.06 6.32 25.17
CA LYS C 54 -39.04 6.68 24.14
C LYS C 54 -39.28 8.18 24.16
N LEU C 55 -39.40 8.75 22.96
CA LEU C 55 -39.61 10.19 22.85
C LEU C 55 -41.06 10.55 23.21
N LEU C 56 -41.22 11.67 23.91
CA LEU C 56 -42.53 12.17 24.31
C LEU C 56 -42.63 13.61 23.85
N PRO C 57 -43.59 13.97 23.02
CA PRO C 57 -43.73 15.38 22.61
C PRO C 57 -44.37 16.20 23.72
N LEU C 58 -43.87 17.42 23.88
CA LEU C 58 -44.41 18.33 24.87
C LEU C 58 -45.63 19.05 24.32
N ASP C 59 -46.53 19.45 25.23
CA ASP C 59 -47.75 20.17 24.85
C ASP C 59 -47.39 21.63 24.57
N MET C 60 -46.72 21.82 23.45
CA MET C 60 -46.21 23.12 23.02
C MET C 60 -46.36 23.23 21.52
N PRO C 61 -46.39 24.46 20.99
CA PRO C 61 -46.48 24.61 19.54
C PRO C 61 -45.26 24.10 18.85
N PRO C 62 -45.35 23.68 17.58
CA PRO C 62 -44.17 23.19 16.87
C PRO C 62 -43.16 24.30 16.63
N LEU C 63 -41.90 23.90 16.52
CA LEU C 63 -40.83 24.84 16.24
C LEU C 63 -40.71 25.08 14.74
N ASN C 64 -40.39 26.32 14.37
CA ASN C 64 -40.03 26.65 13.00
C ASN C 64 -38.53 26.87 12.91
N ALA C 65 -38.07 27.23 11.72
CA ALA C 65 -36.63 27.45 11.52
C ALA C 65 -36.13 28.62 12.34
N VAL C 66 -36.96 29.63 12.57
CA VAL C 66 -36.57 30.76 13.41
C VAL C 66 -36.37 30.30 14.85
N ASP C 67 -37.23 29.39 15.33
CA ASP C 67 -37.14 28.96 16.72
C ASP C 67 -35.87 28.17 17.00
N THR C 68 -35.62 27.13 16.20
CA THR C 68 -34.46 26.27 16.45
C THR C 68 -33.17 27.07 16.43
N LYS C 69 -33.08 28.07 15.54
CA LYS C 69 -31.86 28.85 15.44
C LYS C 69 -31.62 29.67 16.71
N GLN C 70 -32.64 30.41 17.16
CA GLN C 70 -32.44 31.23 18.36
C GLN C 70 -32.21 30.36 19.60
N LEU C 71 -33.00 29.30 19.78
CA LEU C 71 -32.87 28.48 20.97
C LEU C 71 -31.46 27.90 21.08
N CYS C 72 -30.96 27.31 20.00
CA CYS C 72 -29.62 26.73 20.03
C CYS C 72 -28.56 27.83 20.16
N TYR C 73 -28.72 28.92 19.43
CA TYR C 73 -27.74 30.00 19.50
C TYR C 73 -27.75 30.72 20.85
N SER C 74 -28.86 30.66 21.58
CA SER C 74 -28.93 31.34 22.87
C SER C 74 -27.97 30.75 23.88
N ILE C 75 -27.46 29.55 23.63
CA ILE C 75 -26.56 28.86 24.55
C ILE C 75 -25.16 28.69 23.92
N LEU C 76 -24.86 29.44 22.88
CA LEU C 76 -23.60 29.34 22.17
C LEU C 76 -22.71 30.55 22.46
N THR C 77 -21.40 30.31 22.55
CA THR C 77 -20.44 31.39 22.64
C THR C 77 -20.19 31.99 21.25
N GLU C 78 -19.57 33.17 21.24
CA GLU C 78 -19.30 33.84 19.97
C GLU C 78 -18.37 33.01 19.10
N GLN C 79 -17.33 32.41 19.68
CA GLN C 79 -16.45 31.54 18.92
C GLN C 79 -17.18 30.30 18.43
N GLN C 80 -18.11 29.78 19.24
CA GLN C 80 -18.90 28.62 18.82
C GLN C 80 -19.86 28.97 17.69
N LYS C 81 -20.39 30.19 17.69
CA LYS C 81 -21.31 30.60 16.62
C LYS C 81 -20.60 30.59 15.27
N HIS C 82 -19.41 31.20 15.20
CA HIS C 82 -18.67 31.24 13.95
C HIS C 82 -18.20 29.84 13.54
N LYS C 83 -17.97 28.96 14.53
CA LYS C 83 -17.51 27.60 14.21
C LYS C 83 -18.63 26.74 13.65
N PHE C 84 -19.85 26.90 14.17
CA PHE C 84 -20.97 26.09 13.69
C PHE C 84 -21.33 26.43 12.25
N GLU C 85 -21.31 27.71 11.88
CA GLU C 85 -21.67 28.11 10.52
C GLU C 85 -20.63 27.69 9.50
N GLU C 86 -19.39 27.43 9.93
CA GLU C 86 -18.36 26.99 8.99
C GLU C 86 -18.53 25.54 8.58
N ASN C 87 -19.03 24.68 9.47
CA ASN C 87 -19.08 23.25 9.24
C ASN C 87 -20.48 22.65 9.24
N ASN C 88 -21.49 23.39 9.71
CA ASN C 88 -22.83 22.87 9.96
C ASN C 88 -22.82 21.72 10.97
N GLU C 89 -21.75 21.64 11.76
CA GLU C 89 -21.64 20.69 12.87
C GLU C 89 -20.92 21.41 14.00
N LEU C 90 -21.28 21.05 15.24
CA LEU C 90 -20.58 21.59 16.40
C LEU C 90 -20.88 20.73 17.61
N ASP C 91 -19.82 20.30 18.30
CA ASP C 91 -19.92 19.67 19.60
C ASP C 91 -19.54 20.66 20.69
N LEU C 92 -20.25 20.60 21.81
CA LEU C 92 -19.97 21.48 22.93
C LEU C 92 -20.57 20.90 24.19
N SER C 93 -20.11 21.41 25.32
CA SER C 93 -20.74 21.19 26.61
C SER C 93 -20.89 22.56 27.28
N PHE C 94 -21.92 22.69 28.10
CA PHE C 94 -22.18 23.95 28.77
C PHE C 94 -22.90 23.67 30.08
N GLY C 95 -22.92 24.67 30.94
CA GLY C 95 -23.59 24.59 32.22
C GLY C 95 -24.76 25.55 32.30
N ILE C 96 -25.78 25.15 33.04
CA ILE C 96 -26.89 26.02 33.42
C ILE C 96 -26.83 26.17 34.94
N LYS C 97 -26.53 27.37 35.40
CA LYS C 97 -26.37 27.63 36.83
C LYS C 97 -27.58 27.14 37.60
N GLY C 98 -27.32 26.30 38.60
CA GLY C 98 -28.37 25.75 39.43
C GLY C 98 -29.07 24.52 38.89
N LEU C 99 -28.67 24.02 37.73
CA LEU C 99 -29.35 22.88 37.13
C LEU C 99 -28.39 21.71 36.90
N SER C 100 -27.63 21.79 35.82
CA SER C 100 -26.75 20.70 35.40
C SER C 100 -25.90 21.19 34.25
N ARG C 101 -24.88 20.40 33.90
CA ARG C 101 -24.20 20.61 32.65
C ARG C 101 -24.76 19.67 31.60
N PHE C 102 -24.65 20.09 30.34
CA PHE C 102 -25.17 19.30 29.22
C PHE C 102 -24.15 19.27 28.11
N ARG C 103 -24.16 18.19 27.34
CA ARG C 103 -23.43 18.11 26.09
C ARG C 103 -24.43 18.24 24.94
N GLY C 104 -24.17 19.18 24.05
CA GLY C 104 -25.05 19.43 22.92
C GLY C 104 -24.33 19.19 21.62
N ASN C 105 -25.08 18.76 20.61
CA ASN C 105 -24.63 18.77 19.23
C ASN C 105 -25.67 19.51 18.40
N VAL C 106 -25.19 20.44 17.58
CA VAL C 106 -26.04 21.21 16.69
C VAL C 106 -25.65 20.85 15.26
N PHE C 107 -26.66 20.75 14.39
CA PHE C 107 -26.46 20.40 13.00
C PHE C 107 -27.56 21.06 12.17
N VAL C 108 -27.60 20.73 10.88
CA VAL C 108 -28.55 21.33 9.96
C VAL C 108 -29.30 20.22 9.23
N GLN C 109 -30.61 20.39 9.09
CA GLN C 109 -31.44 19.43 8.37
C GLN C 109 -32.53 20.18 7.63
N ARG C 110 -32.79 19.76 6.38
CA ARG C 110 -33.76 20.41 5.50
C ARG C 110 -33.59 21.93 5.51
N GLY C 111 -32.33 22.38 5.52
CA GLY C 111 -32.01 23.78 5.40
C GLY C 111 -32.17 24.59 6.67
N ALA C 112 -32.42 23.96 7.81
CA ALA C 112 -32.64 24.67 9.05
C ALA C 112 -31.80 24.06 10.16
N VAL C 113 -31.55 24.86 11.19
CA VAL C 113 -30.78 24.42 12.35
C VAL C 113 -31.60 23.43 13.17
N ALA C 114 -30.94 22.42 13.71
CA ALA C 114 -31.53 21.48 14.65
C ALA C 114 -30.53 21.20 15.75
N GLY C 115 -31.03 20.73 16.90
CA GLY C 115 -30.18 20.51 18.05
C GLY C 115 -30.67 19.37 18.91
N VAL C 116 -29.72 18.66 19.51
CA VAL C 116 -29.99 17.59 20.48
C VAL C 116 -29.10 17.83 21.68
N PHE C 117 -29.67 17.67 22.88
CA PHE C 117 -28.98 18.00 24.12
C PHE C 117 -29.15 16.87 25.12
N ARG C 118 -28.03 16.33 25.59
CA ARG C 118 -28.03 15.23 26.55
C ARG C 118 -27.65 15.74 27.93
N VAL C 119 -28.28 15.16 28.96
CA VAL C 119 -27.95 15.53 30.33
C VAL C 119 -26.72 14.76 30.77
N ILE C 120 -25.81 15.44 31.46
CA ILE C 120 -24.66 14.81 32.08
C ILE C 120 -25.04 14.54 33.53
N PRO C 121 -25.38 13.30 33.89
CA PRO C 121 -25.69 13.04 35.30
C PRO C 121 -24.46 13.29 36.15
N TYR C 122 -24.70 13.82 37.34
CA TYR C 122 -23.63 14.10 38.29
C TYR C 122 -23.71 13.26 39.56
N LYS C 123 -24.90 12.82 39.96
CA LYS C 123 -25.08 12.11 41.21
C LYS C 123 -24.98 10.61 40.95
N ILE C 124 -24.09 9.96 41.68
CA ILE C 124 -23.87 8.52 41.56
C ILE C 124 -24.86 7.79 42.43
N LEU C 125 -25.62 6.88 41.83
CA LEU C 125 -26.55 6.04 42.57
C LEU C 125 -25.82 4.86 43.17
N SER C 126 -26.41 4.28 44.21
CA SER C 126 -25.77 3.15 44.88
C SER C 126 -26.03 1.85 44.11
N PHE C 127 -25.29 0.80 44.50
CA PHE C 127 -25.41 -0.48 43.82
C PHE C 127 -26.85 -1.01 43.88
N GLU C 128 -27.45 -0.97 45.08
CA GLU C 128 -28.78 -1.51 45.25
C GLU C 128 -29.83 -0.65 44.55
N GLU C 129 -29.64 0.67 44.55
CA GLU C 129 -30.55 1.55 43.82
C GLU C 129 -30.53 1.25 42.33
N LEU C 130 -29.40 0.79 41.81
CA LEU C 130 -29.27 0.48 40.39
C LEU C 130 -29.81 -0.89 40.03
N GLY C 131 -30.24 -1.69 41.01
CA GLY C 131 -30.68 -3.03 40.70
C GLY C 131 -29.57 -3.99 40.41
N LEU C 132 -28.36 -3.70 40.86
CA LEU C 132 -27.23 -4.58 40.61
C LEU C 132 -27.16 -5.65 41.70
N PRO C 133 -26.93 -6.91 41.33
CA PRO C 133 -26.90 -7.98 42.34
C PRO C 133 -25.67 -7.86 43.22
N PRO C 134 -25.67 -8.51 44.39
CA PRO C 134 -24.53 -8.36 45.32
C PRO C 134 -23.19 -8.79 44.74
N VAL C 135 -23.16 -9.66 43.72
CA VAL C 135 -21.89 -10.11 43.18
C VAL C 135 -21.13 -8.97 42.52
N VAL C 136 -21.85 -7.99 41.96
CA VAL C 136 -21.21 -6.83 41.35
C VAL C 136 -20.43 -6.03 42.39
N ARG C 137 -20.96 -6.00 43.62
CA ARG C 137 -20.25 -5.33 44.71
C ARG C 137 -18.90 -5.97 44.98
N GLU C 138 -18.80 -7.30 44.82
CA GLU C 138 -17.55 -7.99 45.04
C GLU C 138 -16.49 -7.65 44.00
N LEU C 139 -16.93 -7.27 42.80
CA LEU C 139 -15.98 -6.96 41.72
C LEU C 139 -15.11 -5.75 42.08
N ALA C 140 -15.64 -4.80 42.84
CA ALA C 140 -14.85 -3.63 43.22
C ALA C 140 -13.76 -3.95 44.24
N GLU C 141 -13.70 -5.18 44.73
CA GLU C 141 -12.67 -5.58 45.68
C GLU C 141 -11.62 -6.50 45.06
N LYS C 142 -11.69 -6.75 43.76
CA LYS C 142 -10.68 -7.57 43.10
C LYS C 142 -9.37 -6.81 43.00
N PRO C 143 -8.23 -7.42 43.35
CA PRO C 143 -6.96 -6.70 43.25
C PRO C 143 -6.46 -6.53 41.84
N ARG C 144 -6.78 -7.45 40.94
CA ARG C 144 -6.30 -7.40 39.57
C ARG C 144 -7.25 -8.18 38.67
N GLY C 145 -7.15 -7.91 37.37
CA GLY C 145 -7.92 -8.61 36.37
C GLY C 145 -8.66 -7.65 35.47
N LEU C 146 -9.43 -8.24 34.55
CA LEU C 146 -10.22 -7.49 33.58
C LEU C 146 -11.70 -7.71 33.87
N VAL C 147 -12.44 -6.61 34.00
CA VAL C 147 -13.88 -6.65 34.24
C VAL C 147 -14.56 -5.87 33.12
N LEU C 148 -15.51 -6.52 32.45
CA LEU C 148 -16.17 -5.94 31.28
C LEU C 148 -17.64 -5.68 31.60
N VAL C 149 -18.07 -4.45 31.33
CA VAL C 149 -19.47 -4.05 31.48
C VAL C 149 -19.98 -3.73 30.08
N THR C 150 -20.91 -4.54 29.58
CA THR C 150 -21.31 -4.46 28.18
C THR C 150 -22.80 -4.18 28.03
N GLY C 151 -23.18 -3.82 26.81
CA GLY C 151 -24.56 -3.52 26.48
C GLY C 151 -24.68 -2.43 25.44
N PRO C 152 -25.87 -2.26 24.87
CA PRO C 152 -26.09 -1.18 23.89
C PRO C 152 -25.94 0.19 24.54
N THR C 153 -26.02 1.21 23.69
CA THR C 153 -25.93 2.58 24.19
C THR C 153 -27.12 2.87 25.09
N GLY C 154 -26.83 3.47 26.25
CA GLY C 154 -27.87 3.76 27.21
C GLY C 154 -28.41 2.54 27.93
N SER C 155 -27.60 1.50 28.09
CA SER C 155 -28.00 0.29 28.80
C SER C 155 -27.53 0.31 30.25
N GLY C 156 -26.99 1.43 30.73
CA GLY C 156 -26.61 1.58 32.11
C GLY C 156 -25.17 1.28 32.46
N LYS C 157 -24.27 1.24 31.47
CA LYS C 157 -22.89 0.82 31.77
C LYS C 157 -22.15 1.84 32.64
N SER C 158 -22.32 3.14 32.36
CA SER C 158 -21.50 4.13 33.05
C SER C 158 -21.92 4.30 34.51
N THR C 159 -23.22 4.22 34.80
CA THR C 159 -23.66 4.25 36.20
C THR C 159 -23.11 3.05 36.95
N THR C 160 -23.24 1.85 36.38
CA THR C 160 -22.65 0.66 36.97
C THR C 160 -21.16 0.85 37.18
N LEU C 161 -20.47 1.36 36.17
CA LEU C 161 -19.04 1.62 36.30
C LEU C 161 -18.77 2.71 37.33
N ALA C 162 -19.60 3.76 37.34
CA ALA C 162 -19.41 4.82 38.32
C ALA C 162 -19.63 4.30 39.73
N ALA C 163 -20.59 3.40 39.91
CA ALA C 163 -20.81 2.80 41.23
C ALA C 163 -19.62 1.96 41.65
N ILE C 164 -19.08 1.16 40.72
CA ILE C 164 -17.93 0.32 41.03
C ILE C 164 -16.72 1.19 41.37
N ILE C 165 -16.42 2.17 40.51
CA ILE C 165 -15.26 3.03 40.73
C ILE C 165 -15.39 3.76 42.06
N ASP C 166 -16.59 4.24 42.38
CA ASP C 166 -16.77 5.00 43.61
C ASP C 166 -16.53 4.14 44.84
N LYS C 167 -16.91 2.86 44.78
CA LYS C 167 -16.67 1.99 45.93
C LYS C 167 -15.19 1.73 46.12
N ILE C 168 -14.45 1.52 45.03
CA ILE C 168 -13.00 1.39 45.12
C ILE C 168 -12.39 2.65 45.74
N ASN C 169 -12.84 3.81 45.28
CA ASN C 169 -12.35 5.08 45.82
C ASN C 169 -12.58 5.18 47.32
N THR C 170 -13.68 4.60 47.83
CA THR C 170 -13.97 4.64 49.26
C THR C 170 -13.14 3.62 50.03
N ASP C 171 -12.93 2.43 49.47
CA ASP C 171 -12.40 1.31 50.23
C ASP C 171 -10.88 1.15 50.14
N ARG C 172 -10.25 1.66 49.09
CA ARG C 172 -8.85 1.36 48.84
C ARG C 172 -7.99 2.60 48.91
N HIS C 173 -6.70 2.38 49.17
CA HIS C 173 -5.68 3.41 49.09
C HIS C 173 -4.80 3.12 47.88
N GLU C 174 -5.42 3.23 46.70
CA GLU C 174 -4.78 2.90 45.43
C GLU C 174 -4.98 4.06 44.46
N HIS C 175 -4.51 3.88 43.23
CA HIS C 175 -4.52 4.91 42.21
C HIS C 175 -5.49 4.52 41.10
N ILE C 176 -6.52 5.34 40.91
CA ILE C 176 -7.52 5.12 39.86
C ILE C 176 -7.24 6.12 38.74
N VAL C 177 -7.10 5.61 37.52
CA VAL C 177 -7.01 6.42 36.31
C VAL C 177 -8.16 6.04 35.40
N THR C 178 -8.88 7.05 34.91
CA THR C 178 -9.93 6.84 33.93
C THR C 178 -9.59 7.63 32.67
N VAL C 179 -9.86 7.01 31.52
CA VAL C 179 -9.76 7.67 30.23
C VAL C 179 -11.14 7.57 29.58
N GLU C 180 -11.78 8.73 29.38
CA GLU C 180 -13.18 8.77 28.99
C GLU C 180 -13.38 9.71 27.82
N ASP C 181 -14.41 9.42 27.02
CA ASP C 181 -14.72 10.18 25.81
C ASP C 181 -16.23 10.31 25.71
N PRO C 182 -16.82 11.28 26.42
CA PRO C 182 -16.17 12.21 27.34
C PRO C 182 -16.24 11.75 28.79
N ILE C 183 -15.70 12.54 29.71
CA ILE C 183 -15.88 12.27 31.13
C ILE C 183 -17.35 12.43 31.49
N GLU C 184 -17.93 11.41 32.11
CA GLU C 184 -19.32 11.50 32.52
C GLU C 184 -19.40 11.78 34.02
N TYR C 185 -19.39 10.73 34.83
CA TYR C 185 -19.45 10.90 36.27
C TYR C 185 -18.10 11.34 36.83
N LEU C 186 -18.13 12.27 37.76
CA LEU C 186 -16.94 12.84 38.37
C LEU C 186 -16.66 12.16 39.70
N HIS C 187 -15.41 11.75 39.91
CA HIS C 187 -15.00 11.01 41.10
C HIS C 187 -13.97 11.83 41.87
N PRO C 188 -14.39 12.68 42.79
CA PRO C 188 -13.44 13.34 43.69
C PRO C 188 -12.67 12.32 44.50
N HIS C 189 -11.48 12.73 44.95
CA HIS C 189 -10.66 11.85 45.76
C HIS C 189 -11.39 11.49 47.05
N LYS C 190 -11.41 10.19 47.36
CA LYS C 190 -11.88 9.73 48.65
C LYS C 190 -10.68 9.11 49.35
N SER C 191 -10.53 7.79 49.39
CA SER C 191 -9.31 7.19 49.89
C SER C 191 -8.29 6.92 48.79
N CYS C 192 -8.73 6.94 47.53
CA CYS C 192 -7.86 6.78 46.38
C CYS C 192 -7.49 8.13 45.78
N VAL C 193 -6.43 8.13 44.98
CA VAL C 193 -6.11 9.25 44.10
C VAL C 193 -6.74 8.97 42.75
N VAL C 194 -7.67 9.83 42.33
CA VAL C 194 -8.44 9.63 41.10
C VAL C 194 -8.07 10.72 40.11
N ASN C 195 -7.46 10.31 38.99
CA ASN C 195 -7.18 11.18 37.87
C ASN C 195 -8.07 10.77 36.71
N GLN C 196 -8.77 11.74 36.12
CA GLN C 196 -9.71 11.50 35.04
C GLN C 196 -9.27 12.27 33.81
N ARG C 197 -9.00 11.56 32.73
CA ARG C 197 -8.49 12.15 31.49
C ARG C 197 -9.59 12.08 30.42
N GLU C 198 -9.98 13.24 29.93
CA GLU C 198 -10.98 13.32 28.86
C GLU C 198 -10.26 13.39 27.52
N VAL C 199 -10.63 12.48 26.62
CA VAL C 199 -10.04 12.47 25.28
C VAL C 199 -10.46 13.72 24.52
N GLY C 200 -9.52 14.34 23.82
CA GLY C 200 -9.77 15.59 23.13
C GLY C 200 -9.48 16.83 23.94
N ALA C 201 -9.14 16.68 25.22
CA ALA C 201 -8.77 17.81 26.06
C ALA C 201 -7.56 17.45 26.91
N ASP C 202 -7.71 16.46 27.78
CA ASP C 202 -6.60 16.04 28.63
C ASP C 202 -5.61 15.19 27.85
N THR C 203 -6.09 14.33 26.96
CA THR C 203 -5.22 13.45 26.19
C THR C 203 -5.72 13.38 24.75
N LYS C 204 -4.78 13.10 23.84
CA LYS C 204 -5.08 13.13 22.41
C LYS C 204 -6.05 12.02 22.01
N SER C 205 -5.85 10.81 22.51
CA SER C 205 -6.61 9.66 22.04
C SER C 205 -6.51 8.53 23.06
N PHE C 206 -7.38 7.53 22.90
CA PHE C 206 -7.26 6.32 23.67
C PHE C 206 -5.88 5.70 23.50
N LYS C 207 -5.37 5.71 22.26
CA LYS C 207 -4.07 5.11 21.98
C LYS C 207 -2.95 5.84 22.71
N ASN C 208 -3.01 7.17 22.76
CA ASN C 208 -1.93 7.94 23.37
C ASN C 208 -1.95 7.81 24.90
N ALA C 209 -3.14 7.81 25.51
CA ALA C 209 -3.22 7.66 26.96
C ALA C 209 -2.65 6.32 27.41
N LEU C 210 -2.99 5.25 26.70
CA LEU C 210 -2.51 3.92 27.08
C LEU C 210 -1.03 3.73 26.79
N LYS C 211 -0.44 4.59 25.96
CA LYS C 211 1.00 4.54 25.73
C LYS C 211 1.78 4.88 26.99
N TYR C 212 1.23 5.72 27.85
CA TYR C 212 1.91 6.20 29.04
C TYR C 212 1.31 5.65 30.33
N ILE C 213 0.25 4.85 30.25
CA ILE C 213 -0.51 4.51 31.45
C ILE C 213 0.33 3.66 32.40
N LEU C 214 1.21 2.80 31.85
CA LEU C 214 2.04 1.96 32.71
C LEU C 214 3.11 2.76 33.43
N ARG C 215 3.49 3.92 32.92
CA ARG C 215 4.46 4.78 33.58
C ARG C 215 3.80 5.80 34.51
N GLN C 216 2.48 5.72 34.71
CA GLN C 216 1.76 6.60 35.61
C GLN C 216 1.36 5.90 36.90
N ASP C 217 2.00 4.76 37.19
CA ASP C 217 1.81 3.98 38.41
C ASP C 217 0.33 3.82 38.77
N PRO C 218 -0.47 3.21 37.90
CA PRO C 218 -1.87 2.98 38.24
C PRO C 218 -2.04 1.67 38.98
N ASP C 219 -3.18 1.56 39.65
CA ASP C 219 -3.66 0.29 40.21
C ASP C 219 -4.96 -0.14 39.59
N VAL C 220 -5.85 0.81 39.30
CA VAL C 220 -7.15 0.56 38.68
C VAL C 220 -7.30 1.51 37.51
N VAL C 221 -7.64 0.98 36.34
CA VAL C 221 -7.72 1.77 35.11
C VAL C 221 -9.05 1.47 34.43
N LEU C 222 -9.75 2.52 34.02
CA LEU C 222 -10.92 2.42 33.16
C LEU C 222 -10.56 2.96 31.79
N VAL C 223 -10.69 2.11 30.77
CA VAL C 223 -10.22 2.44 29.42
C VAL C 223 -11.36 2.69 28.45
N GLY C 224 -12.61 2.56 28.88
CA GLY C 224 -13.71 2.74 27.95
C GLY C 224 -13.95 1.47 27.13
N GLU C 225 -14.38 1.68 25.89
CA GLU C 225 -14.75 0.56 25.03
C GLU C 225 -13.52 -0.13 24.45
N LEU C 226 -13.58 -1.47 24.41
CA LEU C 226 -12.60 -2.28 23.68
C LEU C 226 -12.95 -2.22 22.20
N ARG C 227 -12.65 -1.09 21.58
CA ARG C 227 -13.14 -0.79 20.25
C ARG C 227 -12.30 -1.40 19.13
N ASP C 228 -11.02 -1.71 19.38
CA ASP C 228 -10.17 -2.23 18.32
C ASP C 228 -9.10 -3.14 18.92
N LEU C 229 -8.19 -3.61 18.05
CA LEU C 229 -7.16 -4.55 18.48
C LEU C 229 -6.18 -3.91 19.46
N GLU C 230 -5.77 -2.66 19.20
CA GLU C 230 -4.73 -2.04 20.02
C GLU C 230 -5.19 -1.83 21.45
N THR C 231 -6.46 -1.46 21.64
CA THR C 231 -6.95 -1.22 23.00
C THR C 231 -7.15 -2.53 23.76
N ILE C 232 -7.52 -3.61 23.06
CA ILE C 232 -7.66 -4.90 23.71
C ILE C 232 -6.33 -5.37 24.27
N GLU C 233 -5.26 -5.23 23.49
CA GLU C 233 -3.94 -5.60 23.97
C GLU C 233 -3.56 -4.81 25.21
N ALA C 234 -3.95 -3.54 25.27
CA ALA C 234 -3.65 -2.73 26.45
C ALA C 234 -4.42 -3.23 27.68
N ALA C 235 -5.69 -3.56 27.51
CA ALA C 235 -6.49 -4.05 28.64
C ALA C 235 -5.98 -5.40 29.12
N LEU C 236 -5.65 -6.30 28.20
CA LEU C 236 -5.09 -7.59 28.59
C LEU C 236 -3.71 -7.41 29.23
N THR C 237 -2.90 -6.49 28.69
CA THR C 237 -1.60 -6.21 29.29
C THR C 237 -1.76 -5.63 30.70
N LEU C 238 -2.67 -4.66 30.85
CA LEU C 238 -2.93 -4.09 32.17
C LEU C 238 -3.40 -5.16 33.14
N ALA C 239 -4.29 -6.05 32.68
CA ALA C 239 -4.89 -7.02 33.59
C ALA C 239 -3.90 -8.09 34.02
N GLU C 240 -2.98 -8.48 33.16
CA GLU C 240 -2.02 -9.52 33.54
C GLU C 240 -0.74 -8.96 34.15
N THR C 241 -0.57 -7.64 34.14
CA THR C 241 0.58 -7.00 34.79
C THR C 241 0.23 -6.50 36.19
N GLY C 242 -0.88 -6.96 36.76
CA GLY C 242 -1.20 -6.69 38.15
C GLY C 242 -2.15 -5.55 38.43
N HIS C 243 -2.90 -5.09 37.44
CA HIS C 243 -3.86 -4.00 37.63
C HIS C 243 -5.29 -4.52 37.44
N LEU C 244 -6.23 -3.78 38.04
CA LEU C 244 -7.65 -4.02 37.82
C LEU C 244 -8.13 -3.09 36.71
N CYS C 245 -8.51 -3.67 35.59
CA CYS C 245 -8.86 -2.90 34.39
C CYS C 245 -10.33 -3.11 34.06
N PHE C 246 -11.06 -2.01 33.90
CA PHE C 246 -12.46 -2.04 33.49
C PHE C 246 -12.59 -1.54 32.06
N ALA C 247 -13.44 -2.21 31.27
CA ALA C 247 -13.65 -1.85 29.88
C ALA C 247 -15.06 -2.25 29.48
N THR C 248 -15.51 -1.73 28.33
CA THR C 248 -16.88 -1.94 27.88
C THR C 248 -16.91 -2.48 26.46
N LEU C 249 -17.96 -3.24 26.17
CA LEU C 249 -18.33 -3.65 24.83
C LEU C 249 -19.82 -3.37 24.67
N HIS C 250 -20.33 -3.51 23.45
CA HIS C 250 -21.75 -3.31 23.19
C HIS C 250 -22.50 -4.64 23.03
N THR C 251 -21.92 -5.73 23.50
CA THR C 251 -22.54 -7.05 23.38
C THR C 251 -23.60 -7.25 24.46
N ASN C 252 -24.45 -8.25 24.26
CA ASN C 252 -25.63 -8.48 25.09
C ASN C 252 -25.54 -9.75 25.93
N SER C 253 -24.42 -10.46 25.90
CA SER C 253 -24.28 -11.64 26.73
C SER C 253 -22.78 -11.90 26.95
N ALA C 254 -22.50 -12.81 27.88
CA ALA C 254 -21.12 -13.10 28.25
C ALA C 254 -20.40 -13.83 27.13
N VAL C 255 -21.03 -14.86 26.57
CA VAL C 255 -20.45 -15.60 25.45
C VAL C 255 -20.22 -14.66 24.28
N GLN C 256 -21.26 -13.90 23.93
CA GLN C 256 -21.17 -12.90 22.86
C GLN C 256 -20.03 -11.93 23.13
N THR C 257 -19.81 -11.57 24.39
CA THR C 257 -18.74 -10.64 24.74
C THR C 257 -17.37 -11.24 24.52
N ILE C 258 -17.17 -12.49 24.95
CA ILE C 258 -15.87 -13.14 24.82
C ILE C 258 -15.54 -13.38 23.35
N ASN C 259 -16.53 -13.78 22.55
CA ASN C 259 -16.28 -14.02 21.13
C ASN C 259 -15.82 -12.76 20.43
N ARG C 260 -16.41 -11.61 20.78
CA ARG C 260 -16.03 -10.37 20.12
C ARG C 260 -14.56 -10.04 20.35
N ILE C 261 -14.05 -10.34 21.55
CA ILE C 261 -12.65 -10.08 21.84
C ILE C 261 -11.75 -11.01 21.02
N VAL C 262 -12.14 -12.28 20.90
CA VAL C 262 -11.29 -13.25 20.23
C VAL C 262 -11.27 -13.01 18.72
N ASP C 263 -12.43 -12.78 18.13
CA ASP C 263 -12.56 -12.70 16.67
C ASP C 263 -12.01 -11.42 16.08
N VAL C 264 -11.64 -10.43 16.90
CA VAL C 264 -11.03 -9.21 16.37
C VAL C 264 -9.63 -9.50 15.83
N PHE C 265 -8.93 -10.46 16.42
CA PHE C 265 -7.55 -10.75 16.08
C PHE C 265 -7.48 -11.68 14.88
N PRO C 266 -6.38 -11.63 14.12
CA PRO C 266 -6.14 -12.64 13.09
C PRO C 266 -6.13 -14.02 13.72
N SER C 267 -6.45 -15.03 12.91
CA SER C 267 -6.74 -16.36 13.45
C SER C 267 -5.53 -16.93 14.19
N TYR C 268 -4.32 -16.55 13.77
CA TYR C 268 -3.12 -17.24 14.23
C TYR C 268 -2.71 -16.84 15.63
N GLN C 269 -3.33 -15.79 16.20
CA GLN C 269 -3.01 -15.38 17.55
C GLN C 269 -4.18 -15.50 18.54
N GLN C 270 -5.37 -15.91 18.08
CA GLN C 270 -6.46 -16.25 19.00
C GLN C 270 -6.04 -17.19 20.14
N PRO C 271 -5.15 -18.19 19.96
CA PRO C 271 -4.69 -18.96 21.13
C PRO C 271 -4.05 -18.12 22.24
N GLN C 272 -3.23 -17.14 21.88
CA GLN C 272 -2.62 -16.29 22.90
C GLN C 272 -3.67 -15.44 23.62
N VAL C 273 -4.60 -14.85 22.86
CA VAL C 273 -5.62 -14.01 23.47
C VAL C 273 -6.56 -14.85 24.33
N ARG C 274 -6.94 -16.04 23.86
CA ARG C 274 -7.77 -16.92 24.67
C ARG C 274 -7.07 -17.29 25.97
N ALA C 275 -5.77 -17.57 25.89
CA ALA C 275 -5.00 -17.85 27.10
C ALA C 275 -5.02 -16.65 28.03
N GLN C 276 -4.77 -15.45 27.48
CA GLN C 276 -4.78 -14.24 28.28
C GLN C 276 -6.13 -14.04 28.96
N LEU C 277 -7.22 -14.16 28.19
CA LEU C 277 -8.55 -13.95 28.76
C LEU C 277 -8.85 -14.93 29.89
N SER C 278 -8.43 -16.19 29.74
CA SER C 278 -8.77 -17.19 30.75
C SER C 278 -8.16 -16.87 32.10
N PHE C 279 -7.00 -16.21 32.12
CA PHE C 279 -6.34 -15.87 33.38
C PHE C 279 -6.81 -14.54 33.95
N VAL C 280 -7.01 -13.52 33.11
CA VAL C 280 -7.25 -12.18 33.62
C VAL C 280 -8.72 -11.84 33.77
N LEU C 281 -9.62 -12.52 33.06
CA LEU C 281 -11.03 -12.19 33.14
C LEU C 281 -11.56 -12.50 34.53
N GLU C 282 -12.16 -11.49 35.17
CA GLU C 282 -12.75 -11.64 36.48
C GLU C 282 -14.25 -11.37 36.52
N GLY C 283 -14.79 -10.74 35.49
CA GLY C 283 -16.22 -10.49 35.45
C GLY C 283 -16.67 -9.93 34.11
N VAL C 284 -17.82 -10.41 33.62
CA VAL C 284 -18.45 -9.86 32.44
C VAL C 284 -19.88 -9.50 32.83
N LEU C 285 -20.22 -8.22 32.69
CA LEU C 285 -21.55 -7.72 33.00
C LEU C 285 -22.21 -7.25 31.72
N SER C 286 -23.32 -7.88 31.35
CA SER C 286 -24.07 -7.53 30.16
C SER C 286 -25.42 -6.98 30.60
N GLN C 287 -25.65 -5.70 30.36
CA GLN C 287 -26.83 -5.02 30.88
C GLN C 287 -27.78 -4.64 29.76
N THR C 288 -29.03 -4.41 30.16
CA THR C 288 -30.04 -3.78 29.33
C THR C 288 -31.09 -3.21 30.26
N LEU C 289 -31.62 -2.04 29.92
CA LEU C 289 -32.64 -1.40 30.72
C LEU C 289 -34.00 -1.66 30.07
N LEU C 290 -34.88 -2.28 30.82
CA LEU C 290 -36.20 -2.60 30.31
C LEU C 290 -37.27 -1.79 31.03
N PRO C 291 -38.34 -1.41 30.35
CA PRO C 291 -39.39 -0.64 31.02
C PRO C 291 -40.05 -1.43 32.14
N LYS C 292 -40.26 -0.76 33.26
CA LYS C 292 -40.91 -1.39 34.39
C LYS C 292 -42.38 -1.65 34.08
N ALA C 293 -42.96 -2.65 34.75
CA ALA C 293 -44.37 -2.97 34.55
C ALA C 293 -45.27 -1.82 34.98
N SER C 294 -44.78 -0.94 35.85
CA SER C 294 -45.57 0.22 36.25
C SER C 294 -45.77 1.21 35.12
N GLY C 295 -44.94 1.15 34.07
CA GLY C 295 -45.02 2.07 32.96
C GLY C 295 -44.20 3.34 33.11
N THR C 296 -43.58 3.56 34.26
CA THR C 296 -42.75 4.74 34.50
C THR C 296 -41.42 4.28 35.08
N GLY C 297 -40.33 4.61 34.39
CA GLY C 297 -39.02 4.18 34.83
C GLY C 297 -38.59 2.87 34.21
N ARG C 298 -37.34 2.51 34.47
CA ARG C 298 -36.76 1.29 33.92
C ARG C 298 -36.05 0.49 35.00
N VAL C 299 -36.03 -0.82 34.80
CA VAL C 299 -35.37 -1.76 35.70
C VAL C 299 -34.26 -2.45 34.93
N LEU C 300 -33.14 -2.70 35.61
CA LEU C 300 -31.98 -3.27 34.94
C LEU C 300 -32.08 -4.79 34.88
N ALA C 301 -31.86 -5.33 33.69
CA ALA C 301 -31.66 -6.76 33.49
C ALA C 301 -30.20 -6.98 33.12
N ILE C 302 -29.54 -7.90 33.82
CA ILE C 302 -28.09 -8.05 33.72
C ILE C 302 -27.74 -9.52 33.70
N GLU C 303 -26.85 -9.90 32.78
CA GLU C 303 -26.23 -11.21 32.79
C GLU C 303 -24.84 -11.09 33.39
N VAL C 304 -24.56 -11.92 34.39
CA VAL C 304 -23.30 -11.89 35.12
C VAL C 304 -22.59 -13.21 34.89
N MET C 305 -21.38 -13.15 34.36
CA MET C 305 -20.51 -14.32 34.22
C MET C 305 -19.26 -14.08 35.05
N VAL C 306 -19.07 -14.92 36.05
CA VAL C 306 -17.88 -14.91 36.90
C VAL C 306 -17.12 -16.21 36.64
N PRO C 307 -15.92 -16.15 36.08
CA PRO C 307 -15.21 -17.38 35.70
C PRO C 307 -14.89 -18.24 36.91
N ASN C 308 -15.28 -19.50 36.83
CA ASN C 308 -14.83 -20.54 37.74
C ASN C 308 -13.79 -21.41 37.03
N PRO C 309 -13.13 -22.32 37.75
CA PRO C 309 -12.11 -23.16 37.09
C PRO C 309 -12.59 -23.82 35.80
N ALA C 310 -13.84 -24.27 35.74
CA ALA C 310 -14.33 -24.91 34.53
C ALA C 310 -14.41 -23.92 33.37
N ILE C 311 -14.91 -22.71 33.64
CA ILE C 311 -15.09 -21.74 32.57
C ILE C 311 -13.76 -21.24 32.04
N ARG C 312 -12.79 -21.00 32.94
CA ARG C 312 -11.48 -20.54 32.49
C ARG C 312 -10.82 -21.55 31.57
N ASN C 313 -10.97 -22.84 31.87
CA ASN C 313 -10.46 -23.87 30.97
C ASN C 313 -11.20 -23.88 29.64
N LEU C 314 -12.52 -23.64 29.68
CA LEU C 314 -13.30 -23.65 28.45
C LEU C 314 -12.83 -22.58 27.49
N ILE C 315 -12.44 -21.41 27.99
CA ILE C 315 -11.97 -20.34 27.12
C ILE C 315 -10.66 -20.72 26.44
N ARG C 316 -9.71 -21.27 27.20
CA ARG C 316 -8.44 -21.63 26.57
C ARG C 316 -8.58 -22.83 25.65
N GLU C 317 -9.47 -23.77 25.96
CA GLU C 317 -9.66 -24.94 25.13
C GLU C 317 -10.53 -24.67 23.90
N ASP C 318 -10.96 -23.43 23.68
CA ASP C 318 -11.82 -23.07 22.55
C ASP C 318 -13.11 -23.90 22.56
N LYS C 319 -13.70 -24.06 23.74
CA LYS C 319 -15.03 -24.62 23.87
C LYS C 319 -15.96 -23.52 24.37
N ILE C 320 -15.93 -22.38 23.69
CA ILE C 320 -16.58 -21.18 24.20
C ILE C 320 -18.10 -21.33 24.21
N HIS C 321 -18.66 -22.02 23.21
CA HIS C 321 -20.10 -22.20 23.18
C HIS C 321 -20.60 -23.01 24.38
N GLN C 322 -19.74 -23.86 24.93
CA GLN C 322 -20.10 -24.65 26.12
C GLN C 322 -20.17 -23.81 27.39
N ILE C 323 -19.81 -22.52 27.33
CA ILE C 323 -19.77 -21.71 28.55
C ILE C 323 -21.17 -21.42 29.07
N TYR C 324 -22.16 -21.26 28.19
CA TYR C 324 -23.51 -20.94 28.64
C TYR C 324 -24.07 -22.03 29.54
N SER C 325 -23.79 -23.30 29.22
CA SER C 325 -24.24 -24.39 30.07
C SER C 325 -23.63 -24.31 31.46
N GLN C 326 -22.39 -23.84 31.56
CA GLN C 326 -21.73 -23.72 32.86
C GLN C 326 -22.36 -22.62 33.71
N MET C 327 -22.83 -21.54 33.09
CA MET C 327 -23.37 -20.43 33.86
C MET C 327 -24.72 -20.77 34.49
N GLN C 328 -25.48 -21.68 33.88
CA GLN C 328 -26.80 -22.00 34.39
C GLN C 328 -26.77 -22.78 35.70
N VAL C 329 -25.67 -23.47 36.01
CA VAL C 329 -25.60 -24.31 37.20
C VAL C 329 -24.54 -23.84 38.19
N GLY C 330 -23.84 -22.75 37.92
CA GLY C 330 -22.90 -22.22 38.88
C GLY C 330 -23.50 -21.05 39.65
N GLN C 331 -24.83 -21.03 39.74
CA GLN C 331 -25.56 -19.87 40.22
C GLN C 331 -25.44 -19.69 41.74
N GLU C 332 -25.76 -20.72 42.52
CA GLU C 332 -25.84 -20.55 43.97
C GLU C 332 -24.48 -20.28 44.59
N LYS C 333 -23.44 -20.93 44.08
CA LYS C 333 -22.14 -20.88 44.75
C LYS C 333 -21.36 -19.60 44.42
N PHE C 334 -21.41 -19.14 43.17
CA PHE C 334 -20.51 -18.10 42.69
C PHE C 334 -21.18 -16.76 42.45
N GLY C 335 -22.48 -16.64 42.66
CA GLY C 335 -23.20 -15.43 42.34
C GLY C 335 -23.42 -15.20 40.86
N MET C 336 -23.26 -16.23 40.04
CA MET C 336 -23.47 -16.10 38.61
C MET C 336 -24.96 -16.01 38.31
N MET C 337 -25.27 -15.50 37.12
CA MET C 337 -26.67 -15.32 36.72
C MET C 337 -26.74 -15.18 35.21
N THR C 338 -27.42 -16.12 34.55
CA THR C 338 -27.69 -15.98 33.14
C THR C 338 -28.74 -14.89 32.92
N MET C 339 -28.84 -14.44 31.67
CA MET C 339 -29.83 -13.42 31.35
C MET C 339 -31.24 -13.93 31.62
N ASN C 340 -31.52 -15.20 31.27
CA ASN C 340 -32.83 -15.76 31.52
C ASN C 340 -33.12 -15.87 33.01
N GLN C 341 -32.11 -16.21 33.82
CA GLN C 341 -32.32 -16.30 35.25
C GLN C 341 -32.61 -14.93 35.85
N CYS C 342 -31.95 -13.89 35.33
CA CYS C 342 -32.27 -12.52 35.74
C CYS C 342 -33.68 -12.16 35.29
N LEU C 343 -34.03 -12.50 34.05
CA LEU C 343 -35.36 -12.20 33.54
C LEU C 343 -36.44 -12.98 34.28
N TYR C 344 -36.13 -14.19 34.73
CA TYR C 344 -37.08 -14.93 35.55
C TYR C 344 -37.42 -14.16 36.83
N GLY C 345 -36.38 -13.66 37.51
CA GLY C 345 -36.61 -12.95 38.75
C GLY C 345 -37.46 -11.71 38.55
N LEU C 346 -37.18 -10.93 37.50
CA LEU C 346 -38.01 -9.77 37.23
C LEU C 346 -39.43 -10.17 36.84
N LEU C 347 -39.60 -11.31 36.18
CA LEU C 347 -40.94 -11.81 35.89
C LEU C 347 -41.60 -12.36 37.15
N GLN C 348 -40.84 -13.08 37.97
CA GLN C 348 -41.40 -13.63 39.21
C GLN C 348 -41.84 -12.52 40.15
N LYS C 349 -41.06 -11.45 40.24
CA LYS C 349 -41.44 -10.30 41.04
C LYS C 349 -42.39 -9.36 40.29
N ARG C 350 -42.75 -9.69 39.05
CA ARG C 350 -43.70 -8.92 38.26
C ARG C 350 -43.24 -7.48 38.03
N HIS C 351 -41.93 -7.28 37.89
CA HIS C 351 -41.40 -5.95 37.61
C HIS C 351 -41.51 -5.58 36.13
N ILE C 352 -41.48 -6.57 35.24
CA ILE C 352 -41.61 -6.35 33.81
C ILE C 352 -42.71 -7.24 33.26
N THR C 353 -43.19 -6.90 32.08
CA THR C 353 -44.24 -7.67 31.44
C THR C 353 -43.66 -8.87 30.71
N MET C 354 -44.54 -9.82 30.38
CA MET C 354 -44.12 -11.00 29.64
C MET C 354 -43.56 -10.61 28.28
N ASP C 355 -44.19 -9.65 27.60
CA ASP C 355 -43.71 -9.21 26.30
C ASP C 355 -42.34 -8.59 26.41
N VAL C 356 -42.10 -7.79 27.45
CA VAL C 356 -40.78 -7.19 27.64
C VAL C 356 -39.76 -8.26 28.00
N GLY C 357 -40.12 -9.18 28.89
CA GLY C 357 -39.19 -10.23 29.27
C GLY C 357 -38.88 -11.18 28.12
N MET C 358 -39.92 -11.60 27.40
CA MET C 358 -39.71 -12.47 26.24
C MET C 358 -38.96 -11.74 25.15
N GLY C 359 -39.20 -10.45 25.00
CA GLY C 359 -38.54 -9.66 23.97
C GLY C 359 -37.05 -9.52 24.17
N ARG C 360 -36.56 -9.65 25.40
CA ARG C 360 -35.15 -9.56 25.69
C ARG C 360 -34.50 -10.91 25.93
N SER C 361 -35.28 -11.94 26.19
CA SER C 361 -34.73 -13.27 26.43
C SER C 361 -33.91 -13.71 25.22
N PRO C 362 -32.67 -14.15 25.42
CA PRO C 362 -31.92 -14.72 24.29
C PRO C 362 -32.47 -16.06 23.83
N ASP C 363 -33.31 -16.70 24.64
CA ASP C 363 -33.97 -17.95 24.26
C ASP C 363 -35.31 -18.00 24.97
N PRO C 364 -36.35 -17.42 24.37
CA PRO C 364 -37.63 -17.32 25.07
C PRO C 364 -38.28 -18.65 25.41
N ASP C 365 -38.04 -19.71 24.63
CA ASP C 365 -38.68 -20.99 24.95
C ASP C 365 -38.08 -21.60 26.21
N GLU C 366 -36.78 -21.42 26.41
CA GLU C 366 -36.14 -21.89 27.64
C GLU C 366 -36.67 -21.13 28.85
N LEU C 367 -36.79 -19.80 28.71
CA LEU C 367 -37.40 -19.01 29.76
C LEU C 367 -38.79 -19.52 30.09
N LYS C 368 -39.56 -19.89 29.07
CA LYS C 368 -40.88 -20.47 29.28
C LYS C 368 -40.77 -21.77 30.08
N GLN C 369 -39.82 -22.64 29.72
CA GLN C 369 -39.57 -23.83 30.50
C GLN C 369 -39.10 -23.47 31.91
N MET C 370 -38.22 -22.48 32.02
CA MET C 370 -37.72 -22.03 33.30
C MET C 370 -38.82 -21.36 34.14
N LEU C 371 -39.79 -20.73 33.47
CA LEU C 371 -40.84 -20.02 34.17
C LEU C 371 -41.87 -20.96 34.78
N THR C 372 -42.23 -22.03 34.05
CA THR C 372 -43.24 -22.97 34.51
C THR C 372 -42.65 -24.20 35.18
N SER C 373 -41.33 -24.35 35.17
CA SER C 373 -40.64 -25.52 35.71
C SER C 373 -40.98 -26.77 34.91
N PRO D 16 -6.88 29.14 54.67
CA PRO D 16 -6.09 30.20 54.03
C PRO D 16 -4.60 30.10 54.38
N ARG D 17 -3.83 29.45 53.53
CA ARG D 17 -2.40 29.29 53.74
C ARG D 17 -1.67 29.55 52.43
N GLY D 18 -0.60 30.35 52.49
CA GLY D 18 0.15 30.66 51.30
C GLY D 18 1.57 31.09 51.62
N SER D 19 2.35 31.28 50.56
CA SER D 19 3.72 31.82 50.57
C SER D 19 4.76 30.86 51.16
N HIS D 20 4.37 29.66 51.58
CA HIS D 20 5.32 28.71 52.15
C HIS D 20 4.94 27.28 51.74
N MET D 21 5.02 27.01 50.45
CA MET D 21 4.74 25.69 49.92
C MET D 21 6.03 24.88 49.86
N ALA D 22 5.91 23.57 50.09
CA ALA D 22 7.05 22.69 49.92
C ALA D 22 7.53 22.73 48.47
N ASN D 23 8.84 22.64 48.30
CA ASN D 23 9.51 22.60 47.02
C ASN D 23 9.41 21.20 46.42
N MET D 24 9.59 21.11 45.10
CA MET D 24 9.65 19.81 44.44
C MET D 24 10.84 19.00 44.94
N HIS D 25 12.00 19.65 45.07
CA HIS D 25 13.17 19.02 45.64
C HIS D 25 12.86 18.44 47.03
N GLN D 26 12.07 19.17 47.81
CA GLN D 26 11.75 18.73 49.16
C GLN D 26 10.74 17.58 49.15
N LEU D 27 9.76 17.62 48.24
CA LEU D 27 8.80 16.53 48.16
C LEU D 27 9.46 15.22 47.76
N LEU D 28 10.37 15.26 46.78
CA LEU D 28 11.07 14.05 46.37
C LEU D 28 12.03 13.58 47.45
N THR D 29 12.64 14.51 48.20
CA THR D 29 13.52 14.12 49.30
C THR D 29 12.75 13.39 50.39
N GLU D 30 11.54 13.85 50.70
CA GLU D 30 10.71 13.17 51.70
C GLU D 30 10.19 11.84 51.16
N LEU D 31 9.96 11.74 49.85
CA LEU D 31 9.55 10.47 49.26
C LEU D 31 10.61 9.39 49.50
N VAL D 32 11.88 9.72 49.24
CA VAL D 32 12.95 8.75 49.43
C VAL D 32 13.11 8.41 50.90
N ASN D 33 13.16 9.43 51.75
CA ASN D 33 13.43 9.22 53.17
C ASN D 33 12.38 8.34 53.83
N ARG D 34 11.13 8.43 53.39
CA ARG D 34 10.05 7.65 53.97
C ARG D 34 9.88 6.28 53.31
N GLY D 35 10.84 5.87 52.47
CA GLY D 35 10.79 4.58 51.84
C GLY D 35 9.67 4.39 50.84
N GLY D 36 9.11 5.47 50.31
CA GLY D 36 8.06 5.33 49.34
C GLY D 36 8.56 4.88 47.99
N SER D 37 7.64 4.34 47.20
CA SER D 37 7.96 3.92 45.85
C SER D 37 7.58 4.97 44.81
N ASP D 38 6.52 5.73 45.07
CA ASP D 38 5.97 6.66 44.08
C ASP D 38 5.46 7.92 44.76
N LEU D 39 5.71 9.06 44.13
CA LEU D 39 5.18 10.35 44.57
C LEU D 39 4.11 10.78 43.59
N HIS D 40 2.95 11.19 44.12
CA HIS D 40 1.82 11.63 43.31
C HIS D 40 1.53 13.10 43.57
N LEU D 41 1.43 13.87 42.50
CA LEU D 41 1.04 15.27 42.56
C LEU D 41 -0.15 15.47 41.65
N THR D 42 -1.28 15.85 42.23
CA THR D 42 -2.49 16.09 41.44
C THR D 42 -3.35 17.11 42.16
N THR D 43 -4.27 17.71 41.42
CA THR D 43 -5.11 18.76 41.98
C THR D 43 -6.10 18.19 42.99
N ASN D 44 -6.50 19.05 43.93
CA ASN D 44 -7.47 18.75 44.97
C ASN D 44 -6.99 17.68 45.95
N SER D 45 -5.72 17.28 45.87
CA SER D 45 -5.14 16.33 46.80
C SER D 45 -3.79 16.83 47.27
N PRO D 46 -3.44 16.59 48.53
CA PRO D 46 -2.06 16.80 48.97
C PRO D 46 -1.14 15.82 48.26
N PRO D 47 0.16 16.04 48.30
CA PRO D 47 1.09 15.03 47.78
C PRO D 47 0.85 13.70 48.48
N GLN D 48 0.88 12.63 47.71
CA GLN D 48 0.64 11.29 48.23
C GLN D 48 1.80 10.39 47.88
N ILE D 49 2.10 9.47 48.80
CA ILE D 49 3.25 8.58 48.68
C ILE D 49 2.78 7.15 48.80
N ARG D 50 3.30 6.28 47.94
CA ARG D 50 2.99 4.86 47.96
C ARG D 50 4.02 4.13 48.82
N ILE D 51 3.57 3.52 49.91
CA ILE D 51 4.42 2.75 50.81
C ILE D 51 3.88 1.33 50.88
N ASP D 52 4.69 0.36 50.50
CA ASP D 52 4.30 -1.05 50.50
C ASP D 52 3.03 -1.27 49.68
N GLY D 53 2.90 -0.51 48.59
CA GLY D 53 1.84 -0.70 47.62
C GLY D 53 0.63 0.19 47.80
N LYS D 54 0.49 0.86 48.95
CA LYS D 54 -0.71 1.64 49.25
C LYS D 54 -0.37 3.12 49.37
N LEU D 55 -1.26 3.96 48.88
CA LEU D 55 -1.07 5.41 48.91
C LEU D 55 -1.44 5.97 50.27
N LEU D 56 -0.63 6.92 50.74
CA LEU D 56 -0.87 7.60 52.00
C LEU D 56 -0.63 9.10 51.79
N PRO D 57 -1.61 9.95 52.10
CA PRO D 57 -1.41 11.38 51.89
C PRO D 57 -0.47 11.97 52.93
N LEU D 58 0.37 12.90 52.48
CA LEU D 58 1.22 13.64 53.40
C LEU D 58 0.41 14.71 54.11
N ASP D 59 0.84 15.05 55.32
CA ASP D 59 0.15 16.06 56.13
C ASP D 59 0.50 17.45 55.60
N MET D 60 -0.09 17.76 54.45
CA MET D 60 0.12 19.02 53.75
C MET D 60 -1.23 19.49 53.22
N PRO D 61 -1.37 20.78 52.93
CA PRO D 61 -2.58 21.25 52.26
C PRO D 61 -2.69 20.67 50.87
N PRO D 62 -3.89 20.48 50.35
CA PRO D 62 -4.05 19.96 48.99
C PRO D 62 -3.51 20.92 47.95
N LEU D 63 -3.00 20.37 46.86
CA LEU D 63 -2.43 21.16 45.78
C LEU D 63 -3.51 21.64 44.83
N ASN D 64 -3.26 22.78 44.18
CA ASN D 64 -4.09 23.27 43.10
C ASN D 64 -3.32 23.15 41.79
N ALA D 65 -3.93 23.65 40.71
CA ALA D 65 -3.31 23.54 39.39
C ALA D 65 -2.02 24.35 39.31
N VAL D 66 -1.95 25.48 40.01
CA VAL D 66 -0.71 26.25 40.04
C VAL D 66 0.40 25.46 40.71
N ASP D 67 0.06 24.74 41.79
CA ASP D 67 1.07 23.96 42.51
C ASP D 67 1.61 22.82 41.67
N THR D 68 0.70 22.01 41.10
CA THR D 68 1.14 20.84 40.35
C THR D 68 1.97 21.23 39.12
N LYS D 69 1.54 22.27 38.41
CA LYS D 69 2.31 22.72 37.25
C LYS D 69 3.66 23.29 37.67
N GLN D 70 3.68 24.11 38.72
CA GLN D 70 4.93 24.73 39.15
C GLN D 70 5.89 23.70 39.70
N LEU D 71 5.38 22.71 40.46
CA LEU D 71 6.24 21.67 40.98
C LEU D 71 6.81 20.81 39.87
N CYS D 72 5.94 20.37 38.95
CA CYS D 72 6.39 19.52 37.84
C CYS D 72 7.32 20.27 36.90
N TYR D 73 7.01 21.54 36.61
CA TYR D 73 7.85 22.32 35.72
C TYR D 73 9.22 22.62 36.33
N SER D 74 9.34 22.55 37.65
CA SER D 74 10.61 22.87 38.30
C SER D 74 11.71 21.87 37.95
N ILE D 75 11.35 20.69 37.42
CA ILE D 75 12.32 19.65 37.12
C ILE D 75 12.39 19.37 35.62
N LEU D 76 11.85 20.26 34.80
CA LEU D 76 11.88 20.12 33.35
C LEU D 76 12.83 21.15 32.76
N THR D 77 13.55 20.74 31.72
CA THR D 77 14.26 21.71 30.90
C THR D 77 13.26 22.47 30.04
N GLU D 78 13.72 23.60 29.48
CA GLU D 78 12.83 24.39 28.62
C GLU D 78 12.37 23.59 27.42
N GLN D 79 13.27 22.77 26.85
CA GLN D 79 12.88 21.90 25.75
C GLN D 79 11.87 20.84 26.21
N GLN D 80 11.97 20.38 27.46
CA GLN D 80 11.04 19.38 27.96
C GLN D 80 9.66 19.97 28.25
N LYS D 81 9.61 21.22 28.74
CA LYS D 81 8.32 21.87 28.92
C LYS D 81 7.58 21.99 27.58
N HIS D 82 8.29 22.41 26.54
CA HIS D 82 7.67 22.57 25.23
C HIS D 82 7.22 21.23 24.66
N LYS D 83 8.00 20.17 24.88
CA LYS D 83 7.61 18.85 24.40
C LYS D 83 6.39 18.34 25.16
N PHE D 84 6.33 18.61 26.46
CA PHE D 84 5.16 18.23 27.24
C PHE D 84 3.92 18.99 26.79
N GLU D 85 4.08 20.28 26.49
CA GLU D 85 2.93 21.10 26.10
C GLU D 85 2.41 20.75 24.72
N GLU D 86 3.23 20.12 23.87
CA GLU D 86 2.77 19.75 22.54
C GLU D 86 1.92 18.49 22.55
N ASN D 87 2.18 17.57 23.49
CA ASN D 87 1.51 16.27 23.50
C ASN D 87 0.68 16.00 24.75
N ASN D 88 0.82 16.82 25.80
CA ASN D 88 0.17 16.60 27.10
C ASN D 88 0.60 15.28 27.73
N GLU D 89 1.73 14.73 27.30
CA GLU D 89 2.34 13.56 27.91
C GLU D 89 3.84 13.77 27.92
N LEU D 90 4.51 13.24 28.93
CA LEU D 90 5.97 13.38 29.02
C LEU D 90 6.53 12.37 30.00
N ASP D 91 7.40 11.49 29.52
CA ASP D 91 8.24 10.65 30.37
C ASP D 91 9.66 11.20 30.33
N LEU D 92 10.33 11.14 31.48
CA LEU D 92 11.70 11.62 31.56
C LEU D 92 12.38 10.97 32.74
N SER D 93 13.71 11.08 32.76
CA SER D 93 14.51 10.67 33.89
C SER D 93 15.41 11.82 34.28
N PHE D 94 15.67 11.96 35.58
CA PHE D 94 16.52 13.01 36.10
C PHE D 94 17.17 12.53 37.39
N GLY D 95 18.22 13.22 37.78
CA GLY D 95 18.93 12.91 39.00
C GLY D 95 18.84 14.05 39.99
N ILE D 96 18.78 13.69 41.27
CA ILE D 96 18.89 14.65 42.36
C ILE D 96 20.19 14.35 43.09
N LYS D 97 21.11 15.31 43.04
CA LYS D 97 22.47 15.11 43.53
C LYS D 97 22.47 14.66 44.98
N GLY D 98 23.17 13.55 45.25
CA GLY D 98 23.28 13.05 46.60
C GLY D 98 22.06 12.33 47.13
N LEU D 99 21.06 12.07 46.31
CA LEU D 99 19.82 11.46 46.78
C LEU D 99 19.48 10.19 46.01
N SER D 100 18.97 10.34 44.79
CA SER D 100 18.50 9.21 43.99
C SER D 100 18.19 9.72 42.59
N ARG D 101 18.04 8.78 41.67
CA ARG D 101 17.48 9.08 40.36
C ARG D 101 15.97 8.80 40.37
N PHE D 102 15.28 9.37 39.39
CA PHE D 102 13.84 9.26 39.35
C PHE D 102 13.33 9.14 37.92
N ARG D 103 12.30 8.32 37.75
CA ARG D 103 11.49 8.30 36.55
C ARG D 103 10.25 9.11 36.82
N GLY D 104 9.99 10.11 35.99
CA GLY D 104 8.83 10.97 36.12
C GLY D 104 7.93 10.79 34.91
N ASN D 105 6.62 10.83 35.15
CA ASN D 105 5.64 10.94 34.09
C ASN D 105 4.73 12.10 34.40
N VAL D 106 4.60 13.03 33.45
CA VAL D 106 3.70 14.17 33.58
C VAL D 106 2.61 14.03 32.52
N PHE D 107 1.38 14.28 32.93
CA PHE D 107 0.23 14.16 32.05
C PHE D 107 -0.78 15.23 32.43
N VAL D 108 -1.96 15.18 31.83
CA VAL D 108 -3.02 16.14 32.08
C VAL D 108 -4.28 15.39 32.47
N GLN D 109 -4.94 15.87 33.54
CA GLN D 109 -6.23 15.34 33.95
C GLN D 109 -7.06 16.50 34.47
N ARG D 110 -8.36 16.47 34.15
CA ARG D 110 -9.31 17.49 34.61
C ARG D 110 -8.79 18.90 34.34
N GLY D 111 -8.07 19.07 33.24
CA GLY D 111 -7.60 20.38 32.83
C GLY D 111 -6.41 20.90 33.58
N ALA D 112 -5.70 20.07 34.34
CA ALA D 112 -4.60 20.53 35.16
C ALA D 112 -3.45 19.54 35.07
N VAL D 113 -2.26 20.02 35.45
CA VAL D 113 -1.07 19.19 35.43
C VAL D 113 -1.17 18.14 36.52
N ALA D 114 -0.73 16.92 36.20
CA ALA D 114 -0.56 15.87 37.18
C ALA D 114 0.78 15.20 36.92
N GLY D 115 1.33 14.58 37.95
CA GLY D 115 2.64 13.95 37.84
C GLY D 115 2.76 12.74 38.72
N VAL D 116 3.49 11.75 38.25
CA VAL D 116 3.81 10.54 39.00
C VAL D 116 5.31 10.33 38.91
N PHE D 117 5.93 9.99 40.04
CA PHE D 117 7.38 9.94 40.13
C PHE D 117 7.81 8.68 40.86
N ARG D 118 8.56 7.83 40.17
CA ARG D 118 8.97 6.52 40.65
C ARG D 118 10.43 6.55 41.04
N VAL D 119 10.78 5.83 42.10
CA VAL D 119 12.16 5.77 42.57
C VAL D 119 12.95 4.82 41.68
N ILE D 120 14.14 5.24 41.28
CA ILE D 120 14.98 4.44 40.39
C ILE D 120 16.27 4.05 41.12
N PRO D 121 16.41 2.80 41.51
CA PRO D 121 17.56 2.40 42.33
C PRO D 121 18.88 2.52 41.58
N TYR D 122 19.95 2.68 42.36
CA TYR D 122 21.29 2.82 41.79
C TYR D 122 21.84 1.50 41.30
N LYS D 123 21.41 0.38 41.89
CA LYS D 123 21.97 -0.93 41.58
C LYS D 123 21.10 -1.65 40.56
N ILE D 124 21.72 -2.01 39.43
CA ILE D 124 21.06 -2.83 38.42
C ILE D 124 21.11 -4.28 38.87
N LEU D 125 19.97 -4.98 38.77
CA LEU D 125 19.90 -6.34 39.24
C LEU D 125 20.68 -7.28 38.33
N SER D 126 21.15 -8.39 38.90
CA SER D 126 21.98 -9.35 38.21
C SER D 126 21.13 -10.39 37.48
N PHE D 127 21.80 -11.28 36.75
CA PHE D 127 21.09 -12.35 36.06
C PHE D 127 20.42 -13.31 37.06
N GLU D 128 21.14 -13.65 38.14
CA GLU D 128 20.61 -14.62 39.09
C GLU D 128 19.49 -14.04 39.94
N GLU D 129 19.55 -12.74 40.25
CA GLU D 129 18.45 -12.10 40.97
C GLU D 129 17.17 -12.12 40.16
N LEU D 130 17.28 -12.03 38.84
CA LEU D 130 16.15 -12.01 37.93
C LEU D 130 15.66 -13.39 37.53
N GLY D 131 16.40 -14.45 37.85
CA GLY D 131 16.03 -15.77 37.45
C GLY D 131 16.42 -16.14 36.03
N LEU D 132 17.42 -15.49 35.46
CA LEU D 132 17.90 -15.78 34.13
C LEU D 132 18.91 -16.92 34.16
N PRO D 133 18.81 -17.88 33.25
CA PRO D 133 19.73 -19.02 33.27
C PRO D 133 21.14 -18.59 32.90
N PRO D 134 22.15 -19.40 33.24
CA PRO D 134 23.54 -19.01 32.97
C PRO D 134 23.86 -18.80 31.49
N VAL D 135 23.01 -19.27 30.58
CA VAL D 135 23.30 -19.07 29.16
C VAL D 135 23.12 -17.61 28.77
N VAL D 136 22.25 -16.89 29.48
CA VAL D 136 22.07 -15.46 29.19
C VAL D 136 23.34 -14.69 29.46
N ARG D 137 24.08 -15.11 30.49
CA ARG D 137 25.39 -14.53 30.78
C ARG D 137 26.31 -14.61 29.56
N GLU D 138 26.32 -15.76 28.88
CA GLU D 138 27.25 -15.97 27.78
C GLU D 138 26.86 -15.17 26.54
N LEU D 139 25.58 -14.87 26.38
CA LEU D 139 25.16 -14.00 25.29
C LEU D 139 25.74 -12.60 25.44
N ALA D 140 26.03 -12.19 26.68
CA ALA D 140 26.65 -10.88 26.91
C ALA D 140 28.12 -10.85 26.54
N GLU D 141 28.72 -11.97 26.16
CA GLU D 141 30.12 -12.03 25.76
C GLU D 141 30.30 -12.14 24.25
N LYS D 142 29.22 -12.11 23.49
CA LYS D 142 29.32 -12.22 22.04
C LYS D 142 30.02 -10.99 21.49
N PRO D 143 31.01 -11.15 20.62
CA PRO D 143 31.67 -9.97 20.04
C PRO D 143 30.80 -9.27 19.00
N ARG D 144 29.94 -10.01 18.31
CA ARG D 144 29.06 -9.46 17.28
C ARG D 144 27.85 -10.35 17.16
N GLY D 145 26.83 -9.86 16.48
CA GLY D 145 25.64 -10.64 16.20
C GLY D 145 24.38 -9.97 16.69
N LEU D 146 23.26 -10.66 16.49
CA LEU D 146 21.95 -10.18 16.86
C LEU D 146 21.41 -11.00 18.03
N VAL D 147 20.98 -10.30 19.08
CA VAL D 147 20.38 -10.93 20.24
C VAL D 147 18.98 -10.34 20.41
N LEU D 148 17.97 -11.20 20.44
CA LEU D 148 16.59 -10.78 20.54
C LEU D 148 16.04 -11.19 21.91
N VAL D 149 15.42 -10.23 22.60
CA VAL D 149 14.77 -10.46 23.88
C VAL D 149 13.29 -10.19 23.66
N THR D 150 12.47 -11.24 23.74
CA THR D 150 11.08 -11.15 23.33
C THR D 150 10.15 -11.49 24.50
N GLY D 151 8.86 -11.22 24.28
CA GLY D 151 7.84 -11.44 25.26
C GLY D 151 6.80 -10.34 25.24
N PRO D 152 5.65 -10.56 25.88
CA PRO D 152 4.63 -9.50 25.94
C PRO D 152 5.10 -8.28 26.73
N THR D 153 4.29 -7.23 26.76
CA THR D 153 4.66 -6.02 27.49
C THR D 153 4.79 -6.30 28.99
N GLY D 154 5.87 -5.83 29.58
CA GLY D 154 6.05 -6.02 31.02
C GLY D 154 6.36 -7.44 31.44
N SER D 155 7.00 -8.22 30.57
CA SER D 155 7.45 -9.56 30.90
C SER D 155 8.93 -9.58 31.29
N GLY D 156 9.50 -8.42 31.59
CA GLY D 156 10.87 -8.33 32.01
C GLY D 156 11.88 -8.11 30.91
N LYS D 157 11.45 -7.67 29.73
CA LYS D 157 12.37 -7.53 28.60
C LYS D 157 13.41 -6.45 28.89
N SER D 158 12.96 -5.26 29.29
CA SER D 158 13.88 -4.15 29.51
C SER D 158 14.83 -4.43 30.66
N THR D 159 14.35 -5.12 31.70
CA THR D 159 15.19 -5.44 32.84
C THR D 159 16.28 -6.43 32.45
N THR D 160 15.93 -7.46 31.69
CA THR D 160 16.93 -8.41 31.22
C THR D 160 17.98 -7.71 30.37
N LEU D 161 17.55 -6.86 29.45
CA LEU D 161 18.50 -6.12 28.61
C LEU D 161 19.35 -5.18 29.44
N ALA D 162 18.77 -4.59 30.48
CA ALA D 162 19.55 -3.73 31.37
C ALA D 162 20.63 -4.53 32.08
N ALA D 163 20.33 -5.79 32.44
CA ALA D 163 21.33 -6.64 33.05
C ALA D 163 22.42 -7.02 32.06
N ILE D 164 22.04 -7.28 30.81
CA ILE D 164 23.02 -7.67 29.80
C ILE D 164 23.96 -6.52 29.48
N ILE D 165 23.40 -5.35 29.14
CA ILE D 165 24.21 -4.19 28.79
C ILE D 165 25.16 -3.84 29.94
N ASP D 166 24.69 -4.02 31.18
CA ASP D 166 25.50 -3.64 32.33
C ASP D 166 26.75 -4.50 32.44
N LYS D 167 26.65 -5.80 32.13
CA LYS D 167 27.85 -6.62 32.12
C LYS D 167 28.80 -6.19 31.01
N ILE D 168 28.25 -5.88 29.83
CA ILE D 168 29.06 -5.35 28.74
C ILE D 168 29.69 -4.02 29.15
N ASN D 169 28.92 -3.16 29.80
CA ASN D 169 29.45 -1.89 30.29
C ASN D 169 30.61 -2.11 31.24
N THR D 170 30.55 -3.19 32.03
CA THR D 170 31.59 -3.46 33.02
C THR D 170 32.84 -4.07 32.40
N ASP D 171 32.67 -4.94 31.40
CA ASP D 171 33.75 -5.81 30.95
C ASP D 171 34.50 -5.29 29.73
N ARG D 172 33.87 -4.50 28.87
CA ARG D 172 34.48 -4.14 27.59
C ARG D 172 34.91 -2.68 27.57
N HIS D 173 35.87 -2.39 26.69
CA HIS D 173 36.23 -1.02 26.39
C HIS D 173 35.72 -0.64 25.00
N GLU D 174 34.40 -0.63 24.85
CA GLU D 174 33.74 -0.42 23.57
C GLU D 174 32.63 0.63 23.74
N HIS D 175 31.99 0.98 22.64
CA HIS D 175 31.00 2.05 22.60
C HIS D 175 29.61 1.47 22.53
N ILE D 176 28.78 1.75 23.54
CA ILE D 176 27.39 1.31 23.59
C ILE D 176 26.49 2.50 23.30
N VAL D 177 25.57 2.34 22.37
CA VAL D 177 24.55 3.33 22.07
C VAL D 177 23.19 2.66 22.20
N THR D 178 22.29 3.29 22.94
CA THR D 178 20.93 2.81 23.08
C THR D 178 19.95 3.86 22.58
N VAL D 179 18.89 3.39 21.92
CA VAL D 179 17.79 4.23 21.47
C VAL D 179 16.52 3.67 22.08
N GLU D 180 15.88 4.45 22.96
CA GLU D 180 14.78 3.94 23.76
C GLU D 180 13.63 4.94 23.79
N ASP D 181 12.42 4.42 23.89
CA ASP D 181 11.20 5.24 23.91
C ASP D 181 10.27 4.71 24.99
N PRO D 182 10.46 5.13 26.25
CA PRO D 182 11.53 6.03 26.69
C PRO D 182 12.73 5.28 27.24
N ILE D 183 13.76 6.01 27.68
CA ILE D 183 14.83 5.37 28.44
C ILE D 183 14.27 4.87 29.75
N GLU D 184 14.46 3.59 30.02
CA GLU D 184 14.00 3.06 31.31
C GLU D 184 15.17 2.94 32.27
N TYR D 185 15.94 1.87 32.16
CA TYR D 185 17.09 1.68 33.04
C TYR D 185 18.25 2.53 32.56
N LEU D 186 18.87 3.24 33.52
CA LEU D 186 19.97 4.15 33.24
C LEU D 186 21.31 3.46 33.48
N HIS D 187 22.27 3.72 32.59
CA HIS D 187 23.58 3.07 32.61
C HIS D 187 24.69 4.11 32.72
N PRO D 188 25.11 4.47 33.93
CA PRO D 188 26.31 5.32 34.07
C PRO D 188 27.55 4.60 33.54
N HIS D 189 28.52 5.39 33.09
CA HIS D 189 29.71 4.83 32.47
C HIS D 189 30.48 3.97 33.45
N LYS D 190 30.86 2.77 33.00
CA LYS D 190 31.86 1.98 33.72
C LYS D 190 33.12 1.92 32.88
N SER D 191 33.39 0.78 32.25
CA SER D 191 34.52 0.69 31.34
C SER D 191 34.16 1.10 29.93
N CYS D 192 32.89 1.05 29.55
CA CYS D 192 32.44 1.49 28.24
C CYS D 192 32.07 2.97 28.27
N VAL D 193 31.97 3.55 27.08
CA VAL D 193 31.29 4.82 26.90
C VAL D 193 29.86 4.50 26.47
N VAL D 194 28.88 4.94 27.26
CA VAL D 194 27.48 4.61 27.05
C VAL D 194 26.73 5.88 26.71
N ASN D 195 26.18 5.94 25.50
CA ASN D 195 25.32 7.03 25.07
C ASN D 195 23.91 6.49 24.91
N GLN D 196 22.95 7.16 25.53
CA GLN D 196 21.55 6.74 25.54
C GLN D 196 20.70 7.86 24.96
N ARG D 197 19.99 7.57 23.88
CA ARG D 197 19.20 8.56 23.16
C ARG D 197 17.72 8.27 23.39
N GLU D 198 17.00 9.25 23.90
CA GLU D 198 15.59 9.11 24.22
C GLU D 198 14.76 9.66 23.05
N VAL D 199 13.88 8.81 22.51
CA VAL D 199 13.01 9.24 21.42
C VAL D 199 12.05 10.30 21.92
N GLY D 200 11.90 11.36 21.12
CA GLY D 200 11.03 12.47 21.48
C GLY D 200 11.72 13.59 22.23
N ALA D 201 12.98 13.43 22.60
CA ALA D 201 13.72 14.47 23.31
C ALA D 201 15.16 14.56 22.78
N ASP D 202 15.91 13.46 22.93
CA ASP D 202 17.29 13.45 22.45
C ASP D 202 17.36 13.26 20.93
N THR D 203 16.44 12.46 20.38
CA THR D 203 16.39 12.23 18.95
C THR D 203 14.93 12.23 18.50
N LYS D 204 14.72 12.54 17.21
CA LYS D 204 13.36 12.71 16.72
C LYS D 204 12.60 11.39 16.68
N SER D 205 13.27 10.30 16.31
CA SER D 205 12.58 9.02 16.14
C SER D 205 13.61 7.90 16.08
N PHE D 206 13.11 6.66 16.15
CA PHE D 206 13.95 5.49 15.91
C PHE D 206 14.56 5.53 14.52
N LYS D 207 13.76 5.91 13.53
CA LYS D 207 14.24 5.98 12.16
C LYS D 207 15.41 6.97 12.03
N ASN D 208 15.31 8.12 12.71
CA ASN D 208 16.34 9.15 12.58
C ASN D 208 17.61 8.76 13.30
N ALA D 209 17.50 8.17 14.49
CA ALA D 209 18.69 7.79 15.26
C ALA D 209 19.49 6.71 14.53
N LEU D 210 18.80 5.73 13.96
CA LEU D 210 19.48 4.64 13.25
C LEU D 210 20.08 5.10 11.93
N LYS D 211 19.63 6.23 11.38
CA LYS D 211 20.20 6.74 10.14
C LYS D 211 21.63 7.24 10.32
N TYR D 212 22.01 7.63 11.53
CA TYR D 212 23.32 8.20 11.80
C TYR D 212 24.21 7.32 12.68
N ILE D 213 23.72 6.14 13.08
CA ILE D 213 24.41 5.37 14.12
C ILE D 213 25.75 4.85 13.62
N LEU D 214 25.83 4.49 12.34
CA LEU D 214 27.07 3.90 11.83
C LEU D 214 28.19 4.93 11.75
N ARG D 215 27.87 6.22 11.71
CA ARG D 215 28.86 7.28 11.79
C ARG D 215 29.23 7.64 13.22
N GLN D 216 28.71 6.91 14.20
CA GLN D 216 28.94 7.19 15.60
C GLN D 216 29.84 6.16 16.27
N ASP D 217 30.53 5.35 15.47
CA ASP D 217 31.50 4.37 15.95
C ASP D 217 30.96 3.47 17.06
N PRO D 218 29.85 2.78 16.83
CA PRO D 218 29.31 1.89 17.87
C PRO D 218 29.91 0.49 17.81
N ASP D 219 29.90 -0.16 18.96
CA ASP D 219 30.21 -1.58 19.07
C ASP D 219 29.02 -2.41 19.53
N VAL D 220 28.21 -1.85 20.43
CA VAL D 220 27.01 -2.50 20.92
C VAL D 220 25.87 -1.50 20.79
N VAL D 221 24.73 -1.94 20.25
CA VAL D 221 23.61 -1.05 19.98
C VAL D 221 22.33 -1.70 20.49
N LEU D 222 21.54 -0.93 21.23
CA LEU D 222 20.17 -1.30 21.60
C LEU D 222 19.22 -0.47 20.76
N VAL D 223 18.34 -1.14 20.00
CA VAL D 223 17.47 -0.47 19.04
C VAL D 223 16.01 -0.53 19.45
N GLY D 224 15.68 -1.12 20.59
CA GLY D 224 14.29 -1.17 20.98
C GLY D 224 13.52 -2.23 20.23
N GLU D 225 12.23 -1.99 20.04
CA GLU D 225 11.37 -2.98 19.41
C GLU D 225 11.61 -3.02 17.91
N LEU D 226 11.60 -4.23 17.34
CA LEU D 226 11.64 -4.42 15.89
C LEU D 226 10.23 -4.13 15.35
N ARG D 227 9.95 -2.83 15.25
CA ARG D 227 8.61 -2.31 15.06
C ARG D 227 8.13 -2.46 13.63
N ASP D 228 9.01 -2.24 12.66
CA ASP D 228 8.63 -2.17 11.27
C ASP D 228 9.78 -2.70 10.42
N LEU D 229 9.57 -2.68 9.10
CA LEU D 229 10.58 -3.20 8.19
C LEU D 229 11.85 -2.37 8.21
N GLU D 230 11.71 -1.05 8.36
CA GLU D 230 12.89 -0.18 8.37
C GLU D 230 13.82 -0.54 9.52
N THR D 231 13.26 -0.79 10.71
CA THR D 231 14.09 -1.06 11.87
C THR D 231 14.74 -2.44 11.80
N ILE D 232 14.00 -3.43 11.29
CA ILE D 232 14.56 -4.77 11.17
C ILE D 232 15.77 -4.77 10.25
N GLU D 233 15.64 -4.10 9.10
CA GLU D 233 16.78 -4.00 8.18
C GLU D 233 17.95 -3.25 8.82
N ALA D 234 17.65 -2.26 9.65
CA ALA D 234 18.70 -1.53 10.34
C ALA D 234 19.41 -2.42 11.36
N ALA D 235 18.65 -3.24 12.09
CA ALA D 235 19.26 -4.10 13.10
C ALA D 235 20.07 -5.22 12.45
N LEU D 236 19.60 -5.77 11.34
CA LEU D 236 20.37 -6.80 10.64
C LEU D 236 21.69 -6.25 10.12
N THR D 237 21.68 -5.01 9.63
CA THR D 237 22.92 -4.40 9.16
C THR D 237 23.91 -4.23 10.30
N LEU D 238 23.44 -3.72 11.44
CA LEU D 238 24.29 -3.59 12.61
C LEU D 238 24.87 -4.93 13.01
N ALA D 239 24.02 -5.95 13.11
CA ALA D 239 24.48 -7.27 13.52
C ALA D 239 25.38 -7.91 12.47
N GLU D 240 25.21 -7.55 11.20
CA GLU D 240 26.02 -8.17 10.15
C GLU D 240 27.37 -7.48 9.99
N THR D 241 27.46 -6.21 10.36
CA THR D 241 28.67 -5.43 10.17
C THR D 241 29.65 -5.55 11.33
N GLY D 242 29.54 -6.60 12.15
CA GLY D 242 30.48 -6.81 13.23
C GLY D 242 30.08 -6.22 14.57
N HIS D 243 28.84 -5.80 14.74
CA HIS D 243 28.36 -5.21 15.97
C HIS D 243 27.45 -6.16 16.71
N LEU D 244 27.31 -5.91 18.01
CA LEU D 244 26.35 -6.62 18.86
C LEU D 244 25.12 -5.74 18.98
N CYS D 245 24.00 -6.22 18.43
CA CYS D 245 22.76 -5.45 18.37
C CYS D 245 21.70 -6.10 19.22
N PHE D 246 21.05 -5.31 20.08
CA PHE D 246 19.98 -5.78 20.95
C PHE D 246 18.66 -5.16 20.54
N ALA D 247 17.61 -5.99 20.49
CA ALA D 247 16.30 -5.55 20.05
C ALA D 247 15.26 -6.39 20.73
N THR D 248 14.01 -5.91 20.71
CA THR D 248 12.91 -6.64 21.31
C THR D 248 11.83 -6.92 20.26
N LEU D 249 11.12 -8.03 20.47
CA LEU D 249 9.87 -8.32 19.77
C LEU D 249 8.86 -8.76 20.81
N HIS D 250 7.58 -8.77 20.42
CA HIS D 250 6.52 -9.22 21.31
C HIS D 250 6.03 -10.62 20.96
N THR D 251 6.91 -11.46 20.42
CA THR D 251 6.60 -12.86 20.16
C THR D 251 6.81 -13.70 21.42
N ASN D 252 6.25 -14.90 21.41
CA ASN D 252 6.22 -15.74 22.60
C ASN D 252 7.17 -16.92 22.52
N SER D 253 7.88 -17.10 21.41
CA SER D 253 8.77 -18.24 21.27
C SER D 253 9.88 -17.88 20.29
N ALA D 254 10.94 -18.69 20.32
CA ALA D 254 12.02 -18.52 19.35
C ALA D 254 11.52 -18.74 17.93
N VAL D 255 10.73 -19.79 17.73
CA VAL D 255 10.21 -20.10 16.39
C VAL D 255 9.26 -19.00 15.94
N GLN D 256 8.35 -18.57 16.83
CA GLN D 256 7.44 -17.49 16.47
C GLN D 256 8.18 -16.19 16.22
N THR D 257 9.30 -15.96 16.92
CA THR D 257 10.08 -14.75 16.70
C THR D 257 10.66 -14.72 15.29
N ILE D 258 11.23 -15.84 14.85
CA ILE D 258 11.82 -15.90 13.52
C ILE D 258 10.76 -15.72 12.44
N ASN D 259 9.57 -16.31 12.65
CA ASN D 259 8.51 -16.19 11.65
C ASN D 259 8.09 -14.75 11.45
N ARG D 260 8.05 -13.97 12.53
CA ARG D 260 7.65 -12.56 12.41
C ARG D 260 8.69 -11.76 11.62
N ILE D 261 9.97 -12.08 11.79
CA ILE D 261 11.01 -11.32 11.11
C ILE D 261 10.92 -11.53 9.60
N VAL D 262 10.79 -12.79 9.17
CA VAL D 262 10.78 -13.07 7.74
C VAL D 262 9.49 -12.60 7.08
N ASP D 263 8.36 -12.83 7.74
CA ASP D 263 7.06 -12.64 7.10
C ASP D 263 6.65 -11.19 6.95
N VAL D 264 7.32 -10.25 7.62
CA VAL D 264 6.99 -8.84 7.42
C VAL D 264 7.53 -8.31 6.09
N PHE D 265 8.49 -9.03 5.47
CA PHE D 265 9.15 -8.68 4.22
C PHE D 265 8.39 -9.21 3.01
N PRO D 266 8.55 -8.57 1.85
CA PRO D 266 8.00 -9.15 0.62
C PRO D 266 8.60 -10.52 0.38
N SER D 267 7.84 -11.36 -0.32
CA SER D 267 8.24 -12.76 -0.48
C SER D 267 9.57 -12.88 -1.22
N TYR D 268 9.90 -11.91 -2.08
CA TYR D 268 11.06 -12.05 -2.95
C TYR D 268 12.36 -11.78 -2.22
N GLN D 269 12.29 -11.08 -1.08
CA GLN D 269 13.47 -10.81 -0.29
C GLN D 269 13.57 -11.63 1.00
N GLN D 270 12.53 -12.38 1.39
CA GLN D 270 12.67 -13.40 2.42
C GLN D 270 13.93 -14.27 2.27
N PRO D 271 14.40 -14.66 1.06
CA PRO D 271 15.70 -15.36 0.99
C PRO D 271 16.88 -14.63 1.63
N GLN D 272 16.99 -13.31 1.41
CA GLN D 272 18.06 -12.57 2.04
C GLN D 272 17.87 -12.49 3.56
N VAL D 273 16.63 -12.26 4.01
CA VAL D 273 16.36 -12.17 5.44
C VAL D 273 16.67 -13.49 6.14
N ARG D 274 16.27 -14.61 5.52
CA ARG D 274 16.56 -15.91 6.11
C ARG D 274 18.06 -16.20 6.12
N ALA D 275 18.78 -15.78 5.08
CA ALA D 275 20.23 -15.99 5.06
C ALA D 275 20.93 -15.10 6.08
N GLN D 276 20.47 -13.85 6.22
CA GLN D 276 21.08 -12.94 7.19
C GLN D 276 20.86 -13.42 8.62
N LEU D 277 19.64 -13.83 8.94
CA LEU D 277 19.35 -14.31 10.30
C LEU D 277 20.26 -15.48 10.67
N SER D 278 20.49 -16.40 9.74
CA SER D 278 21.29 -17.58 10.07
C SER D 278 22.72 -17.20 10.43
N PHE D 279 23.23 -16.08 9.91
CA PHE D 279 24.59 -15.66 10.21
C PHE D 279 24.68 -14.84 11.48
N VAL D 280 23.78 -13.87 11.65
CA VAL D 280 23.96 -12.90 12.72
C VAL D 280 23.25 -13.31 14.01
N LEU D 281 22.21 -14.14 13.92
CA LEU D 281 21.46 -14.48 15.12
C LEU D 281 22.33 -15.25 16.09
N GLU D 282 22.48 -14.70 17.29
CA GLU D 282 23.27 -15.34 18.34
C GLU D 282 22.43 -15.79 19.53
N GLY D 283 21.20 -15.31 19.66
CA GLY D 283 20.34 -15.74 20.75
C GLY D 283 18.95 -15.16 20.68
N VAL D 284 17.95 -15.93 21.14
CA VAL D 284 16.58 -15.48 21.25
C VAL D 284 16.09 -15.84 22.65
N LEU D 285 15.69 -14.85 23.42
CA LEU D 285 15.14 -15.04 24.75
C LEU D 285 13.68 -14.63 24.74
N SER D 286 12.79 -15.57 25.06
CA SER D 286 11.36 -15.32 25.10
C SER D 286 10.90 -15.44 26.55
N GLN D 287 10.50 -14.32 27.15
CA GLN D 287 10.20 -14.26 28.57
C GLN D 287 8.71 -14.15 28.82
N THR D 288 8.34 -14.47 30.05
CA THR D 288 7.01 -14.20 30.59
C THR D 288 7.11 -14.19 32.10
N LEU D 289 6.27 -13.36 32.72
CA LEU D 289 6.19 -13.28 34.17
C LEU D 289 4.91 -13.97 34.62
N LEU D 290 5.04 -14.98 35.46
CA LEU D 290 3.92 -15.73 35.99
C LEU D 290 3.78 -15.45 37.48
N PRO D 291 2.56 -15.46 38.02
CA PRO D 291 2.39 -15.23 39.46
C PRO D 291 3.10 -16.31 40.26
N LYS D 292 3.82 -15.87 41.30
CA LYS D 292 4.68 -16.72 42.09
C LYS D 292 3.87 -17.65 42.98
N ALA D 293 4.45 -18.82 43.28
CA ALA D 293 3.79 -19.76 44.19
C ALA D 293 3.78 -19.23 45.62
N SER D 294 4.76 -18.40 45.99
CA SER D 294 4.80 -17.85 47.33
C SER D 294 3.63 -16.91 47.62
N GLY D 295 3.00 -16.37 46.58
CA GLY D 295 1.91 -15.44 46.74
C GLY D 295 2.31 -13.98 46.66
N THR D 296 3.59 -13.67 46.45
CA THR D 296 4.05 -12.29 46.35
C THR D 296 5.02 -12.20 45.18
N GLY D 297 4.75 -11.31 44.24
CA GLY D 297 5.63 -11.13 43.10
C GLY D 297 5.35 -12.08 41.96
N ARG D 298 6.07 -11.87 40.87
CA ARG D 298 6.03 -12.76 39.72
C ARG D 298 7.42 -13.28 39.45
N VAL D 299 7.49 -14.49 38.87
CA VAL D 299 8.75 -15.17 38.62
C VAL D 299 8.91 -15.38 37.13
N LEU D 300 10.15 -15.32 36.65
CA LEU D 300 10.46 -15.36 35.23
C LEU D 300 10.50 -16.79 34.73
N ALA D 301 9.68 -17.08 33.74
CA ALA D 301 9.82 -18.26 32.90
C ALA D 301 10.32 -17.79 31.54
N ILE D 302 11.41 -18.39 31.08
CA ILE D 302 12.09 -17.92 29.86
C ILE D 302 12.42 -19.11 28.97
N GLU D 303 12.15 -18.95 27.68
CA GLU D 303 12.58 -19.88 26.66
C GLU D 303 13.82 -19.33 25.98
N VAL D 304 14.88 -20.12 25.93
CA VAL D 304 16.18 -19.69 25.42
C VAL D 304 16.53 -20.53 24.19
N MET D 305 16.75 -19.86 23.06
CA MET D 305 17.24 -20.49 21.85
C MET D 305 18.58 -19.86 21.50
N VAL D 306 19.64 -20.67 21.49
CA VAL D 306 20.96 -20.25 21.07
C VAL D 306 21.28 -20.96 19.76
N PRO D 307 21.39 -20.24 18.65
CA PRO D 307 21.60 -20.90 17.35
C PRO D 307 22.92 -21.66 17.31
N ASN D 308 22.83 -22.94 17.02
CA ASN D 308 23.95 -23.78 16.64
C ASN D 308 23.95 -24.00 15.15
N PRO D 309 25.01 -24.57 14.58
CA PRO D 309 25.01 -24.86 13.14
C PRO D 309 23.76 -25.56 12.63
N ALA D 310 23.15 -26.43 13.44
CA ALA D 310 21.94 -27.13 12.99
C ALA D 310 20.76 -26.18 12.89
N ILE D 311 20.57 -25.31 13.90
CA ILE D 311 19.46 -24.37 13.86
C ILE D 311 19.66 -23.35 12.75
N ARG D 312 20.90 -22.93 12.53
CA ARG D 312 21.18 -21.96 11.47
C ARG D 312 20.83 -22.51 10.10
N ASN D 313 20.96 -23.83 9.90
CA ASN D 313 20.58 -24.43 8.62
C ASN D 313 19.07 -24.40 8.43
N LEU D 314 18.30 -24.75 9.46
CA LEU D 314 16.84 -24.73 9.35
C LEU D 314 16.31 -23.36 8.97
N ILE D 315 17.02 -22.29 9.37
CA ILE D 315 16.59 -20.94 9.03
C ILE D 315 16.78 -20.69 7.54
N ARG D 316 17.94 -21.07 6.99
CA ARG D 316 18.18 -20.84 5.57
C ARG D 316 17.27 -21.70 4.69
N GLU D 317 16.94 -22.92 5.14
CA GLU D 317 16.13 -23.85 4.36
C GLU D 317 14.63 -23.65 4.54
N ASP D 318 14.21 -22.55 5.16
CA ASP D 318 12.80 -22.28 5.42
C ASP D 318 12.15 -23.43 6.19
N LYS D 319 12.90 -23.98 7.15
CA LYS D 319 12.37 -25.00 8.04
C LYS D 319 12.29 -24.43 9.44
N ILE D 320 11.70 -23.23 9.56
CA ILE D 320 11.60 -22.53 10.83
C ILE D 320 10.84 -23.35 11.85
N HIS D 321 9.85 -24.12 11.39
CA HIS D 321 9.01 -24.91 12.29
C HIS D 321 9.79 -26.00 13.01
N GLN D 322 10.79 -26.59 12.36
CA GLN D 322 11.53 -27.72 12.92
C GLN D 322 12.52 -27.30 14.01
N ILE D 323 12.69 -26.01 14.26
CA ILE D 323 13.65 -25.57 15.26
C ILE D 323 13.22 -25.98 16.66
N TYR D 324 11.91 -26.06 16.92
CA TYR D 324 11.45 -26.39 18.27
C TYR D 324 11.93 -27.79 18.68
N SER D 325 11.98 -28.72 17.74
CA SER D 325 12.52 -30.05 18.05
C SER D 325 13.98 -29.97 18.47
N GLN D 326 14.74 -29.04 17.88
CA GLN D 326 16.14 -28.92 18.23
C GLN D 326 16.32 -28.36 19.64
N MET D 327 15.45 -27.43 20.05
CA MET D 327 15.57 -26.86 21.38
C MET D 327 15.24 -27.86 22.46
N GLN D 328 14.37 -28.84 22.16
CA GLN D 328 14.02 -29.84 23.16
C GLN D 328 15.23 -30.64 23.61
N VAL D 329 16.22 -30.81 22.74
CA VAL D 329 17.36 -31.67 23.00
C VAL D 329 18.67 -30.88 23.08
N GLY D 330 18.60 -29.55 23.01
CA GLY D 330 19.77 -28.71 23.15
C GLY D 330 19.99 -28.13 24.53
N GLN D 331 19.29 -28.61 25.55
CA GLN D 331 19.44 -28.06 26.89
C GLN D 331 20.80 -28.41 27.48
N GLU D 332 21.18 -29.69 27.42
CA GLU D 332 22.42 -30.13 28.03
C GLU D 332 23.62 -29.52 27.32
N LYS D 333 23.61 -29.56 26.00
CA LYS D 333 24.79 -29.21 25.21
C LYS D 333 24.93 -27.71 24.95
N PHE D 334 23.83 -27.00 24.70
CA PHE D 334 23.88 -25.62 24.24
C PHE D 334 23.29 -24.62 25.22
N GLY D 335 22.81 -25.08 26.37
CA GLY D 335 22.12 -24.22 27.31
C GLY D 335 20.76 -23.73 26.86
N MET D 336 20.18 -24.35 25.83
CA MET D 336 18.85 -23.98 25.36
C MET D 336 17.80 -24.44 26.37
N MET D 337 16.57 -23.97 26.17
CA MET D 337 15.50 -24.26 27.11
C MET D 337 14.19 -23.89 26.44
N THR D 338 13.36 -24.89 26.15
CA THR D 338 12.01 -24.61 25.70
C THR D 338 11.21 -24.02 26.84
N MET D 339 10.09 -23.40 26.48
CA MET D 339 9.21 -22.81 27.48
C MET D 339 8.72 -23.86 28.47
N ASN D 340 8.37 -25.05 27.97
CA ASN D 340 7.96 -26.12 28.86
C ASN D 340 9.10 -26.60 29.73
N GLN D 341 10.32 -26.64 29.19
CA GLN D 341 11.48 -27.03 29.99
C GLN D 341 11.72 -26.06 31.13
N CYS D 342 11.46 -24.77 30.91
CA CYS D 342 11.57 -23.81 32.00
C CYS D 342 10.45 -23.99 33.01
N LEU D 343 9.22 -24.22 32.52
CA LEU D 343 8.09 -24.45 33.42
C LEU D 343 8.28 -25.72 34.23
N TYR D 344 8.93 -26.74 33.66
CA TYR D 344 9.24 -27.94 34.42
C TYR D 344 10.16 -27.61 35.59
N GLY D 345 11.21 -26.83 35.32
CA GLY D 345 12.13 -26.46 36.39
C GLY D 345 11.48 -25.61 37.46
N LEU D 346 10.61 -24.69 37.05
CA LEU D 346 9.91 -23.86 38.03
C LEU D 346 8.97 -24.70 38.88
N LEU D 347 8.49 -25.83 38.36
CA LEU D 347 7.58 -26.67 39.14
C LEU D 347 8.34 -27.54 40.15
N GLN D 348 9.51 -28.05 39.76
CA GLN D 348 10.31 -28.81 40.71
C GLN D 348 10.77 -27.94 41.86
N LYS D 349 11.09 -26.68 41.59
CA LYS D 349 11.45 -25.72 42.62
C LYS D 349 10.23 -25.15 43.35
N ARG D 350 9.02 -25.54 42.96
CA ARG D 350 7.79 -25.06 43.59
C ARG D 350 7.70 -23.53 43.55
N HIS D 351 8.22 -22.95 42.47
CA HIS D 351 8.15 -21.50 42.27
C HIS D 351 6.82 -21.04 41.68
N ILE D 352 6.10 -21.92 40.99
CA ILE D 352 4.81 -21.59 40.41
C ILE D 352 3.80 -22.67 40.78
N THR D 353 2.52 -22.30 40.73
CA THR D 353 1.46 -23.26 40.99
C THR D 353 1.22 -24.13 39.76
N MET D 354 0.45 -25.20 39.94
CA MET D 354 0.21 -26.14 38.85
C MET D 354 -0.72 -25.56 37.80
N ASP D 355 -1.75 -24.83 38.22
CA ASP D 355 -2.68 -24.22 37.26
C ASP D 355 -1.95 -23.22 36.36
N VAL D 356 -1.03 -22.45 36.94
CA VAL D 356 -0.27 -21.49 36.14
C VAL D 356 0.67 -22.22 35.18
N GLY D 357 1.32 -23.28 35.65
CA GLY D 357 2.23 -24.00 34.78
C GLY D 357 1.55 -24.63 33.58
N MET D 358 0.42 -25.32 33.81
CA MET D 358 -0.28 -25.95 32.71
C MET D 358 -1.02 -24.94 31.85
N GLY D 359 -1.63 -23.94 32.49
CA GLY D 359 -2.40 -22.92 31.78
C GLY D 359 -1.59 -22.01 30.88
N ARG D 360 -0.27 -21.95 31.08
CA ARG D 360 0.59 -21.09 30.27
C ARG D 360 1.50 -21.88 29.33
N SER D 361 1.55 -23.20 29.48
CA SER D 361 2.40 -24.02 28.64
C SER D 361 1.96 -23.91 27.18
N PRO D 362 2.87 -23.64 26.24
CA PRO D 362 2.49 -23.63 24.83
C PRO D 362 2.10 -25.01 24.32
N ASP D 363 2.50 -26.08 25.01
CA ASP D 363 2.11 -27.44 24.66
C ASP D 363 1.84 -28.16 25.96
N PRO D 364 0.59 -28.14 26.44
CA PRO D 364 0.28 -28.79 27.72
C PRO D 364 0.49 -30.29 27.72
N ASP D 365 0.40 -30.94 26.55
CA ASP D 365 0.61 -32.38 26.51
C ASP D 365 2.06 -32.75 26.79
N GLU D 366 3.00 -31.95 26.28
CA GLU D 366 4.42 -32.22 26.55
C GLU D 366 4.74 -32.03 28.03
N LEU D 367 4.27 -30.94 28.62
CA LEU D 367 4.57 -30.67 30.03
C LEU D 367 4.00 -31.76 30.93
N LYS D 368 2.80 -32.25 30.61
CA LYS D 368 2.25 -33.37 31.36
C LYS D 368 3.17 -34.57 31.27
N GLN D 369 3.67 -34.88 30.07
CA GLN D 369 4.60 -36.00 29.90
C GLN D 369 5.89 -35.76 30.66
N MET D 370 6.41 -34.53 30.64
CA MET D 370 7.67 -34.24 31.31
C MET D 370 7.59 -34.47 32.81
N LEU D 371 6.43 -34.18 33.41
CA LEU D 371 6.29 -34.34 34.86
C LEU D 371 6.21 -35.81 35.26
N THR D 372 5.45 -36.61 34.50
CA THR D 372 5.21 -38.01 34.84
C THR D 372 6.38 -38.91 34.56
N SER D 373 7.60 -38.40 34.36
CA SER D 373 8.71 -39.29 34.03
C SER D 373 9.01 -40.27 35.16
N GLY D 374 8.63 -39.93 36.39
CA GLY D 374 9.09 -40.64 37.55
C GLY D 374 10.58 -40.59 37.76
N VAL D 375 11.32 -39.90 36.88
CA VAL D 375 12.78 -39.83 36.92
C VAL D 375 13.18 -38.38 37.19
N ARG D 376 13.02 -37.96 38.45
CA ARG D 376 13.31 -36.59 38.84
C ARG D 376 13.67 -36.50 40.32
N MET E 21 41.66 22.40 32.21
CA MET E 21 40.80 22.06 31.08
C MET E 21 41.58 22.14 29.77
N ALA E 22 41.11 21.40 28.76
CA ALA E 22 41.72 21.41 27.43
C ALA E 22 40.65 21.66 26.39
N ASN E 23 41.03 22.35 25.31
CA ASN E 23 40.07 22.68 24.26
C ASN E 23 39.99 21.55 23.24
N MET E 24 39.22 21.80 22.17
CA MET E 24 39.02 20.81 21.13
C MET E 24 40.29 20.54 20.33
N HIS E 25 41.10 21.58 20.09
CA HIS E 25 42.30 21.39 19.28
C HIS E 25 43.31 20.49 19.99
N GLN E 26 43.46 20.65 21.31
CA GLN E 26 44.40 19.81 22.05
C GLN E 26 43.94 18.36 22.08
N LEU E 27 42.63 18.14 22.21
CA LEU E 27 42.09 16.78 22.23
C LEU E 27 42.31 16.08 20.90
N LEU E 28 42.07 16.78 19.79
CA LEU E 28 42.29 16.18 18.47
C LEU E 28 43.77 15.93 18.22
N THR E 29 44.65 16.77 18.76
CA THR E 29 46.08 16.54 18.59
C THR E 29 46.52 15.26 19.27
N GLU E 30 46.01 14.99 20.47
CA GLU E 30 46.37 13.76 21.18
C GLU E 30 45.82 12.53 20.49
N LEU E 31 44.62 12.62 19.90
CA LEU E 31 44.07 11.49 19.16
C LEU E 31 44.98 11.08 18.01
N VAL E 32 45.52 12.06 17.28
CA VAL E 32 46.41 11.76 16.17
C VAL E 32 47.74 11.21 16.68
N ASN E 33 48.30 11.86 17.71
CA ASN E 33 49.66 11.53 18.16
C ASN E 33 49.74 10.09 18.65
N ARG E 34 48.70 9.59 19.30
CA ARG E 34 48.72 8.26 19.87
C ARG E 34 48.25 7.19 18.90
N GLY E 35 48.08 7.55 17.62
CA GLY E 35 47.66 6.58 16.63
C GLY E 35 46.25 6.08 16.81
N GLY E 36 45.39 6.85 17.46
CA GLY E 36 44.03 6.44 17.66
C GLY E 36 43.18 6.67 16.42
N SER E 37 42.03 5.99 16.38
CA SER E 37 41.11 6.12 15.26
C SER E 37 39.91 7.01 15.56
N ASP E 38 39.45 7.05 16.82
CA ASP E 38 38.22 7.75 17.15
C ASP E 38 38.35 8.46 18.48
N LEU E 39 37.79 9.65 18.57
CA LEU E 39 37.69 10.42 19.81
C LEU E 39 36.23 10.55 20.21
N HIS E 40 35.91 10.23 21.46
CA HIS E 40 34.55 10.31 21.98
C HIS E 40 34.48 11.39 23.04
N LEU E 41 33.48 12.27 22.92
CA LEU E 41 33.24 13.32 23.89
C LEU E 41 31.78 13.23 24.33
N THR E 42 31.56 12.90 25.60
CA THR E 42 30.22 12.76 26.12
C THR E 42 30.22 13.07 27.60
N THR E 43 29.02 13.35 28.14
CA THR E 43 28.91 13.78 29.52
C THR E 43 29.18 12.64 30.49
N ASN E 44 29.70 13.01 31.67
CA ASN E 44 29.97 12.11 32.79
C ASN E 44 31.06 11.10 32.50
N SER E 45 31.81 11.27 31.42
CA SER E 45 33.01 10.51 31.12
C SER E 45 34.08 11.46 30.63
N PRO E 46 35.35 11.19 30.95
CA PRO E 46 36.43 11.95 30.33
C PRO E 46 36.47 11.70 28.84
N PRO E 47 37.15 12.55 28.08
CA PRO E 47 37.38 12.22 26.66
C PRO E 47 38.07 10.88 26.54
N GLN E 48 37.57 10.05 25.63
CA GLN E 48 38.12 8.72 25.39
C GLN E 48 38.51 8.59 23.93
N ILE E 49 39.64 7.94 23.67
CA ILE E 49 40.14 7.72 22.33
C ILE E 49 40.21 6.23 22.07
N ARG E 50 39.85 5.81 20.86
CA ARG E 50 39.91 4.41 20.46
C ARG E 50 41.27 4.13 19.84
N ILE E 51 42.05 3.28 20.50
CA ILE E 51 43.36 2.87 20.02
C ILE E 51 43.33 1.37 19.81
N ASP E 52 43.59 0.93 18.58
CA ASP E 52 43.59 -0.49 18.22
C ASP E 52 42.24 -1.15 18.53
N GLY E 53 41.15 -0.40 18.36
CA GLY E 53 39.81 -0.93 18.48
C GLY E 53 39.19 -0.85 19.86
N LYS E 54 39.98 -0.61 20.89
CA LYS E 54 39.50 -0.58 22.26
C LYS E 54 39.62 0.83 22.81
N LEU E 55 38.64 1.22 23.64
CA LEU E 55 38.59 2.57 24.17
C LEU E 55 39.51 2.72 25.39
N LEU E 56 40.09 3.92 25.51
CA LEU E 56 41.00 4.27 26.59
C LEU E 56 40.63 5.68 27.05
N PRO E 57 40.41 5.88 28.35
CA PRO E 57 40.10 7.22 28.85
C PRO E 57 41.34 8.09 28.92
N LEU E 58 41.18 9.36 28.57
CA LEU E 58 42.26 10.33 28.67
C LEU E 58 42.38 10.83 30.11
N ASP E 59 43.55 11.38 30.42
CA ASP E 59 43.84 11.86 31.77
C ASP E 59 43.23 13.26 31.93
N MET E 60 41.92 13.27 32.08
CA MET E 60 41.16 14.52 32.18
C MET E 60 39.97 14.30 33.09
N PRO E 61 39.43 15.36 33.68
CA PRO E 61 38.18 15.23 34.45
C PRO E 61 37.02 14.88 33.53
N PRO E 62 35.97 14.28 34.09
CA PRO E 62 34.79 13.96 33.26
C PRO E 62 34.15 15.24 32.73
N LEU E 63 33.59 15.14 31.53
CA LEU E 63 32.98 16.28 30.88
C LEU E 63 31.58 16.53 31.44
N ASN E 64 31.16 17.79 31.37
CA ASN E 64 29.79 18.19 31.65
C ASN E 64 29.12 18.60 30.34
N ALA E 65 27.87 19.05 30.44
CA ALA E 65 27.14 19.46 29.26
C ALA E 65 27.79 20.68 28.61
N VAL E 66 28.36 21.59 29.43
CA VAL E 66 29.03 22.76 28.89
C VAL E 66 30.25 22.36 28.07
N ASP E 67 31.00 21.36 28.56
CA ASP E 67 32.21 20.95 27.85
C ASP E 67 31.88 20.32 26.51
N THR E 68 30.94 19.37 26.48
CA THR E 68 30.59 18.72 25.23
C THR E 68 30.05 19.72 24.22
N LYS E 69 29.21 20.65 24.67
CA LYS E 69 28.71 21.68 23.77
C LYS E 69 29.84 22.59 23.31
N GLN E 70 30.69 23.03 24.23
CA GLN E 70 31.78 23.93 23.87
C GLN E 70 32.79 23.24 22.94
N LEU E 71 33.14 21.99 23.24
CA LEU E 71 34.13 21.29 22.44
C LEU E 71 33.60 20.98 21.05
N CYS E 72 32.37 20.48 20.95
CA CYS E 72 31.82 20.13 19.64
C CYS E 72 31.49 21.37 18.82
N TYR E 73 30.96 22.41 19.46
CA TYR E 73 30.63 23.64 18.75
C TYR E 73 31.87 24.39 18.28
N SER E 74 33.03 24.16 18.91
CA SER E 74 34.23 24.89 18.56
C SER E 74 34.74 24.57 17.15
N ILE E 75 34.23 23.52 16.52
CA ILE E 75 34.66 23.14 15.18
C ILE E 75 33.53 23.25 14.16
N LEU E 76 32.48 23.99 14.50
CA LEU E 76 31.31 24.13 13.64
C LEU E 76 31.17 25.56 13.14
N THR E 77 30.68 25.68 11.90
CA THR E 77 30.24 26.97 11.39
C THR E 77 28.86 27.31 11.94
N GLU E 78 28.43 28.55 11.69
CA GLU E 78 27.13 28.97 12.22
C GLU E 78 25.99 28.16 11.63
N GLN E 79 26.05 27.85 10.33
CA GLN E 79 24.99 27.07 9.72
C GLN E 79 25.00 25.64 10.24
N GLN E 80 26.18 25.08 10.47
CA GLN E 80 26.26 23.72 11.03
C GLN E 80 25.64 23.69 12.43
N LYS E 81 25.83 24.75 13.21
CA LYS E 81 25.21 24.82 14.53
C LYS E 81 23.69 24.89 14.42
N HIS E 82 23.19 25.72 13.51
CA HIS E 82 21.74 25.87 13.35
C HIS E 82 21.11 24.62 12.77
N LYS E 83 21.80 23.94 11.86
CA LYS E 83 21.28 22.67 11.33
C LYS E 83 21.27 21.60 12.43
N PHE E 84 22.28 21.62 13.30
CA PHE E 84 22.34 20.65 14.38
C PHE E 84 21.18 20.84 15.35
N GLU E 85 20.82 22.08 15.66
CA GLU E 85 19.74 22.34 16.60
C GLU E 85 18.36 22.08 16.01
N GLU E 86 18.24 21.99 14.68
CA GLU E 86 16.96 21.67 14.08
C GLU E 86 16.67 20.17 14.11
N ASN E 87 17.70 19.33 14.07
CA ASN E 87 17.53 17.89 13.99
C ASN E 87 18.16 17.11 15.13
N ASN E 88 19.00 17.74 15.96
CA ASN E 88 19.77 17.08 17.01
C ASN E 88 20.66 15.96 16.45
N GLU E 89 20.94 16.01 15.15
CA GLU E 89 21.88 15.10 14.50
C GLU E 89 22.69 15.92 13.50
N LEU E 90 23.92 15.46 13.24
CA LEU E 90 24.76 16.17 12.26
C LEU E 90 25.92 15.29 11.84
N ASP E 91 26.05 15.07 10.53
CA ASP E 91 27.25 14.52 9.92
C ASP E 91 28.04 15.65 9.29
N LEU E 92 29.36 15.59 9.39
CA LEU E 92 30.20 16.62 8.81
C LEU E 92 31.63 16.11 8.70
N SER E 93 32.42 16.83 7.89
CA SER E 93 33.86 16.67 7.85
C SER E 93 34.48 18.06 7.96
N PHE E 94 35.68 18.13 8.51
CA PHE E 94 36.31 19.42 8.73
C PHE E 94 37.81 19.23 8.80
N GLY E 95 38.53 20.33 8.63
CA GLY E 95 39.98 20.32 8.64
C GLY E 95 40.55 21.21 9.71
N ILE E 96 41.66 20.77 10.31
CA ILE E 96 42.46 21.58 11.20
C ILE E 96 43.82 21.74 10.53
N LYS E 97 44.17 22.97 10.18
CA LYS E 97 45.37 23.24 9.42
C LYS E 97 46.59 22.65 10.10
N GLY E 98 47.39 21.92 9.32
CA GLY E 98 48.64 21.35 9.81
C GLY E 98 48.52 20.04 10.54
N LEU E 99 47.33 19.46 10.66
CA LEU E 99 47.17 18.21 11.40
C LEU E 99 46.60 17.11 10.53
N SER E 100 45.29 17.16 10.30
CA SER E 100 44.59 16.11 9.56
C SER E 100 43.19 16.61 9.28
N ARG E 101 42.49 15.88 8.42
CA ARG E 101 41.04 16.05 8.29
C ARG E 101 40.34 15.01 9.15
N PHE E 102 39.13 15.35 9.58
CA PHE E 102 38.35 14.48 10.45
C PHE E 102 36.90 14.52 10.02
N ARG E 103 36.23 13.39 10.16
CA ARG E 103 34.79 13.31 10.00
C ARG E 103 34.15 13.22 11.38
N GLY E 104 33.25 14.14 11.68
CA GLY E 104 32.60 14.21 12.97
C GLY E 104 31.12 13.94 12.87
N ASN E 105 30.56 13.35 13.91
CA ASN E 105 29.12 13.21 14.06
C ASN E 105 28.74 13.76 15.43
N VAL E 106 27.76 14.66 15.45
CA VAL E 106 27.27 15.28 16.67
C VAL E 106 25.82 14.89 16.85
N PHE E 107 25.46 14.52 18.09
CA PHE E 107 24.12 14.07 18.41
C PHE E 107 23.80 14.50 19.83
N VAL E 108 22.67 14.04 20.35
CA VAL E 108 22.20 14.40 21.68
C VAL E 108 21.85 13.14 22.45
N GLN E 109 22.32 13.05 23.69
CA GLN E 109 22.00 11.94 24.57
C GLN E 109 21.86 12.47 25.98
N ARG E 110 20.79 12.04 26.67
CA ARG E 110 20.49 12.49 28.03
C ARG E 110 20.37 14.01 28.11
N GLY E 111 19.93 14.64 27.04
CA GLY E 111 19.72 16.08 27.05
C GLY E 111 20.98 16.91 26.91
N ALA E 112 22.09 16.29 26.51
CA ALA E 112 23.35 17.00 26.37
C ALA E 112 24.02 16.60 25.07
N VAL E 113 24.95 17.45 24.61
CA VAL E 113 25.65 17.21 23.37
C VAL E 113 26.64 16.07 23.55
N ALA E 114 26.83 15.29 22.49
CA ALA E 114 27.87 14.27 22.44
C ALA E 114 28.46 14.27 21.03
N GLY E 115 29.68 13.76 20.91
CA GLY E 115 30.38 13.81 19.65
C GLY E 115 31.33 12.65 19.46
N VAL E 116 31.44 12.21 18.22
CA VAL E 116 32.41 11.20 17.79
C VAL E 116 33.14 11.74 16.58
N PHE E 117 34.46 11.54 16.54
CA PHE E 117 35.29 12.14 15.50
C PHE E 117 36.26 11.11 14.98
N ARG E 118 36.23 10.88 13.66
CA ARG E 118 36.96 9.82 12.99
C ARG E 118 38.08 10.41 12.14
N VAL E 119 39.21 9.71 12.08
CA VAL E 119 40.38 10.16 11.33
C VAL E 119 40.25 9.74 9.88
N ILE E 120 40.58 10.66 8.99
CA ILE E 120 40.64 10.43 7.54
C ILE E 120 42.10 10.57 7.12
N PRO E 121 42.78 9.47 6.82
CA PRO E 121 44.23 9.54 6.59
C PRO E 121 44.59 10.32 5.32
N TYR E 122 45.67 11.10 5.42
CA TYR E 122 46.23 11.77 4.24
C TYR E 122 46.96 10.80 3.32
N LYS E 123 47.65 9.82 3.89
CA LYS E 123 48.63 8.99 3.19
C LYS E 123 48.08 7.61 2.92
N ILE E 124 48.19 7.16 1.67
CA ILE E 124 47.82 5.80 1.30
C ILE E 124 49.02 4.89 1.58
N LEU E 125 48.78 3.83 2.35
CA LEU E 125 49.85 2.90 2.71
C LEU E 125 50.11 1.91 1.58
N SER E 126 51.30 1.31 1.61
CA SER E 126 51.69 0.37 0.58
C SER E 126 51.16 -1.03 0.89
N PHE E 127 51.29 -1.93 -0.07
CA PHE E 127 50.86 -3.31 0.13
C PHE E 127 51.65 -3.98 1.24
N GLU E 128 52.97 -3.78 1.27
CA GLU E 128 53.80 -4.46 2.25
C GLU E 128 53.56 -3.91 3.66
N GLU E 129 53.33 -2.59 3.78
CA GLU E 129 53.08 -1.99 5.08
C GLU E 129 51.82 -2.58 5.72
N LEU E 130 50.81 -2.88 4.91
CA LEU E 130 49.56 -3.42 5.41
C LEU E 130 49.60 -4.91 5.63
N GLY E 131 50.68 -5.58 5.25
CA GLY E 131 50.75 -7.02 5.41
C GLY E 131 49.94 -7.78 4.38
N LEU E 132 49.68 -7.17 3.21
CA LEU E 132 48.96 -7.83 2.14
C LEU E 132 49.92 -8.63 1.27
N PRO E 133 49.64 -9.90 1.00
CA PRO E 133 50.56 -10.72 0.22
C PRO E 133 50.67 -10.24 -1.22
N PRO E 134 51.73 -10.62 -1.93
CA PRO E 134 51.91 -10.13 -3.31
C PRO E 134 50.78 -10.50 -4.26
N VAL E 135 49.98 -11.51 -3.96
CA VAL E 135 48.90 -11.87 -4.88
C VAL E 135 47.85 -10.77 -4.95
N VAL E 136 47.70 -9.99 -3.88
CA VAL E 136 46.80 -8.83 -3.92
C VAL E 136 47.31 -7.80 -4.91
N ARG E 137 48.63 -7.70 -5.06
CA ARG E 137 49.21 -6.77 -6.04
C ARG E 137 48.83 -7.18 -7.46
N GLU E 138 48.74 -8.48 -7.73
CA GLU E 138 48.38 -8.94 -9.06
C GLU E 138 46.92 -8.64 -9.42
N LEU E 139 46.06 -8.53 -8.41
CA LEU E 139 44.66 -8.22 -8.68
C LEU E 139 44.49 -6.81 -9.23
N ALA E 140 45.41 -5.90 -8.90
CA ALA E 140 45.41 -4.59 -9.53
C ALA E 140 45.76 -4.66 -11.00
N GLU E 141 46.22 -5.80 -11.50
CA GLU E 141 46.55 -5.98 -12.90
C GLU E 141 45.46 -6.70 -13.68
N LYS E 142 44.39 -7.13 -13.02
CA LYS E 142 43.35 -7.88 -13.70
C LYS E 142 42.60 -6.97 -14.68
N PRO E 143 42.38 -7.42 -15.93
CA PRO E 143 41.75 -6.54 -16.93
C PRO E 143 40.24 -6.42 -16.79
N ARG E 144 39.57 -7.50 -16.38
CA ARG E 144 38.11 -7.51 -16.32
C ARG E 144 37.65 -8.59 -15.36
N GLY E 145 37.06 -8.19 -14.24
CA GLY E 145 36.57 -9.18 -13.30
C GLY E 145 36.01 -8.52 -12.04
N LEU E 146 35.53 -9.37 -11.14
CA LEU E 146 34.97 -8.95 -9.87
C LEU E 146 35.93 -9.37 -8.75
N VAL E 147 36.36 -8.40 -7.94
CA VAL E 147 37.22 -8.65 -6.79
C VAL E 147 36.49 -8.16 -5.56
N LEU E 148 36.32 -9.05 -4.58
CA LEU E 148 35.59 -8.75 -3.37
C LEU E 148 36.55 -8.68 -2.19
N VAL E 149 36.43 -7.63 -1.38
CA VAL E 149 37.22 -7.44 -0.17
C VAL E 149 36.23 -7.39 0.99
N THR E 150 36.23 -8.42 1.83
CA THR E 150 35.19 -8.61 2.82
C THR E 150 35.76 -8.65 4.24
N GLY E 151 34.85 -8.51 5.20
CA GLY E 151 35.19 -8.51 6.61
C GLY E 151 34.23 -7.63 7.40
N PRO E 152 34.28 -7.74 8.74
CA PRO E 152 33.46 -6.86 9.57
C PRO E 152 33.93 -5.42 9.49
N THR E 153 33.14 -4.54 10.08
CA THR E 153 33.47 -3.12 10.08
C THR E 153 34.80 -2.89 10.82
N GLY E 154 35.64 -2.07 10.20
CA GLY E 154 36.94 -1.77 10.79
C GLY E 154 37.93 -2.91 10.70
N SER E 155 37.79 -3.78 9.70
CA SER E 155 38.73 -4.86 9.47
C SER E 155 39.73 -4.55 8.37
N GLY E 156 39.77 -3.30 7.91
CA GLY E 156 40.77 -2.87 6.95
C GLY E 156 40.37 -2.93 5.49
N LYS E 157 39.09 -3.12 5.19
CA LYS E 157 38.67 -3.29 3.79
C LYS E 157 38.94 -2.04 2.98
N SER E 158 38.52 -0.87 3.49
CA SER E 158 38.66 0.37 2.73
C SER E 158 40.12 0.71 2.47
N THR E 159 41.02 0.39 3.41
CA THR E 159 42.43 0.67 3.21
C THR E 159 43.04 -0.21 2.13
N THR E 160 42.65 -1.50 2.11
CA THR E 160 43.12 -2.39 1.06
C THR E 160 42.60 -1.96 -0.31
N LEU E 161 41.32 -1.63 -0.40
CA LEU E 161 40.77 -1.14 -1.66
C LEU E 161 41.49 0.12 -2.10
N ALA E 162 41.74 1.05 -1.18
CA ALA E 162 42.49 2.25 -1.52
C ALA E 162 43.90 1.92 -1.98
N ALA E 163 44.51 0.87 -1.41
CA ALA E 163 45.85 0.49 -1.82
C ALA E 163 45.87 -0.07 -3.23
N ILE E 164 44.88 -0.89 -3.57
CA ILE E 164 44.78 -1.44 -4.92
C ILE E 164 44.48 -0.31 -5.92
N ILE E 165 43.52 0.54 -5.58
CA ILE E 165 43.10 1.60 -6.50
C ILE E 165 44.26 2.54 -6.80
N ASP E 166 45.05 2.89 -5.79
CA ASP E 166 46.18 3.78 -6.02
C ASP E 166 47.23 3.17 -6.95
N LYS E 167 47.42 1.85 -6.88
CA LYS E 167 48.35 1.21 -7.80
C LYS E 167 47.81 1.25 -9.23
N ILE E 168 46.51 1.01 -9.40
CA ILE E 168 45.90 1.13 -10.72
C ILE E 168 46.02 2.56 -11.23
N ASN E 169 45.70 3.52 -10.36
CA ASN E 169 45.85 4.93 -10.71
C ASN E 169 47.28 5.25 -11.12
N THR E 170 48.25 4.58 -10.49
CA THR E 170 49.66 4.82 -10.80
C THR E 170 50.07 4.12 -12.10
N ASP E 171 49.51 2.95 -12.39
CA ASP E 171 50.05 2.09 -13.43
C ASP E 171 49.27 2.09 -14.74
N ARG E 172 47.97 2.41 -14.71
CA ARG E 172 47.14 2.30 -15.90
C ARG E 172 46.73 3.67 -16.41
N HIS E 173 46.32 3.71 -17.68
CA HIS E 173 45.72 4.88 -18.29
C HIS E 173 44.25 4.57 -18.60
N GLU E 174 43.48 4.37 -17.54
CA GLU E 174 42.07 4.00 -17.64
C GLU E 174 41.25 4.90 -16.72
N HIS E 175 39.95 4.66 -16.70
CA HIS E 175 39.00 5.50 -15.96
C HIS E 175 38.52 4.72 -14.73
N ILE E 176 38.81 5.26 -13.55
CA ILE E 176 38.39 4.69 -12.28
C ILE E 176 37.26 5.53 -11.72
N VAL E 177 36.16 4.87 -11.36
CA VAL E 177 35.03 5.53 -10.71
C VAL E 177 34.77 4.82 -9.39
N THR E 178 34.65 5.60 -8.32
CA THR E 178 34.30 5.07 -7.01
C THR E 178 33.00 5.71 -6.53
N VAL E 179 32.14 4.90 -5.95
CA VAL E 179 30.94 5.36 -5.25
C VAL E 179 31.11 4.98 -3.79
N GLU E 180 31.15 5.98 -2.91
CA GLU E 180 31.54 5.74 -1.53
C GLU E 180 30.57 6.46 -0.60
N ASP E 181 30.41 5.88 0.60
CA ASP E 181 29.52 6.44 1.63
C ASP E 181 30.20 6.28 2.98
N PRO E 182 31.09 7.21 3.35
CA PRO E 182 31.51 8.35 2.54
C PRO E 182 32.85 8.14 1.84
N ILE E 183 33.31 9.13 1.08
CA ILE E 183 34.66 9.09 0.52
C ILE E 183 35.67 9.21 1.65
N GLU E 184 36.59 8.25 1.73
CA GLU E 184 37.63 8.30 2.74
C GLU E 184 38.95 8.74 2.13
N TYR E 185 39.71 7.79 1.58
CA TYR E 185 40.97 8.12 0.94
C TYR E 185 40.72 8.90 -0.35
N LEU E 186 41.49 9.97 -0.54
CA LEU E 186 41.43 10.77 -1.75
C LEU E 186 42.51 10.32 -2.73
N HIS E 187 42.12 10.20 -4.00
CA HIS E 187 43.02 9.76 -5.07
C HIS E 187 43.21 10.89 -6.06
N PRO E 188 44.23 11.72 -5.90
CA PRO E 188 44.59 12.65 -6.97
C PRO E 188 45.00 11.90 -8.22
N HIS E 189 44.77 12.53 -9.37
CA HIS E 189 45.07 11.89 -10.65
C HIS E 189 46.56 11.60 -10.77
N LYS E 190 46.87 10.37 -11.20
CA LYS E 190 48.24 10.01 -11.54
C LYS E 190 48.25 9.75 -13.04
N SER E 191 48.29 8.50 -13.49
CA SER E 191 48.10 8.21 -14.90
C SER E 191 46.63 7.98 -15.27
N CYS E 192 45.80 7.66 -14.28
CA CYS E 192 44.37 7.45 -14.50
C CYS E 192 43.61 8.75 -14.29
N VAL E 193 42.36 8.74 -14.74
CA VAL E 193 41.35 9.70 -14.32
C VAL E 193 40.55 9.05 -13.21
N VAL E 194 40.56 9.64 -12.03
CA VAL E 194 39.90 9.08 -10.86
C VAL E 194 38.76 10.01 -10.47
N ASN E 195 37.54 9.48 -10.51
CA ASN E 195 36.36 10.19 -10.06
C ASN E 195 35.79 9.48 -8.84
N GLN E 196 35.57 10.24 -7.77
CA GLN E 196 35.09 9.70 -6.51
C GLN E 196 33.76 10.38 -6.18
N ARG E 197 32.71 9.58 -6.07
CA ARG E 197 31.36 10.07 -5.83
C ARG E 197 30.93 9.70 -4.42
N GLU E 198 30.52 10.69 -3.63
CA GLU E 198 30.07 10.47 -2.27
C GLU E 198 28.56 10.36 -2.25
N VAL E 199 28.05 9.21 -1.77
CA VAL E 199 26.62 9.03 -1.64
C VAL E 199 26.07 10.04 -0.64
N GLY E 200 24.95 10.67 -0.99
CA GLY E 200 24.33 11.66 -0.13
C GLY E 200 24.76 13.09 -0.37
N ALA E 201 25.73 13.32 -1.26
CA ALA E 201 26.17 14.67 -1.57
C ALA E 201 26.42 14.82 -3.07
N ASP E 202 27.38 14.07 -3.59
CA ASP E 202 27.62 14.08 -5.04
C ASP E 202 26.58 13.26 -5.78
N THR E 203 26.06 12.21 -5.17
CA THR E 203 25.05 11.34 -5.76
C THR E 203 23.96 11.07 -4.74
N LYS E 204 22.73 10.90 -5.22
CA LYS E 204 21.62 10.62 -4.31
C LYS E 204 21.83 9.31 -3.58
N SER E 205 22.31 8.28 -4.28
CA SER E 205 22.35 6.95 -3.73
C SER E 205 23.26 6.07 -4.58
N PHE E 206 23.58 4.89 -4.06
CA PHE E 206 24.26 3.88 -4.86
C PHE E 206 23.41 3.50 -6.07
N LYS E 207 22.11 3.29 -5.83
CA LYS E 207 21.19 2.96 -6.91
C LYS E 207 21.22 4.01 -8.01
N ASN E 208 21.29 5.28 -7.63
CA ASN E 208 21.33 6.35 -8.62
C ASN E 208 22.67 6.39 -9.35
N ALA E 209 23.77 6.25 -8.60
CA ALA E 209 25.09 6.22 -9.22
C ALA E 209 25.22 5.04 -10.17
N LEU E 210 24.77 3.88 -9.73
CA LEU E 210 24.83 2.68 -10.56
C LEU E 210 23.85 2.73 -11.73
N LYS E 211 22.83 3.58 -11.65
CA LYS E 211 21.88 3.71 -12.75
C LYS E 211 22.53 4.35 -13.97
N TYR E 212 23.56 5.17 -13.76
CA TYR E 212 24.21 5.90 -14.84
C TYR E 212 25.66 5.50 -15.07
N ILE E 213 26.19 4.55 -14.29
CA ILE E 213 27.62 4.25 -14.37
C ILE E 213 27.98 3.66 -15.73
N LEU E 214 27.07 2.93 -16.36
CA LEU E 214 27.39 2.31 -17.64
C LEU E 214 27.42 3.31 -18.79
N ARG E 215 26.85 4.50 -18.59
CA ARG E 215 26.94 5.57 -19.57
C ARG E 215 28.11 6.51 -19.29
N GLN E 216 28.99 6.16 -18.35
CA GLN E 216 30.09 7.03 -17.96
C GLN E 216 31.44 6.49 -18.40
N ASP E 217 31.44 5.52 -19.32
CA ASP E 217 32.66 4.93 -19.86
C ASP E 217 33.68 4.56 -18.79
N PRO E 218 33.31 3.73 -17.81
CA PRO E 218 34.27 3.33 -16.79
C PRO E 218 35.04 2.07 -17.22
N ASP E 219 36.21 1.92 -16.62
CA ASP E 219 37.00 0.69 -16.74
C ASP E 219 37.05 -0.09 -15.44
N VAL E 220 37.23 0.60 -14.32
CA VAL E 220 37.24 0.01 -12.99
C VAL E 220 36.27 0.79 -12.12
N VAL E 221 35.36 0.07 -11.45
CA VAL E 221 34.33 0.69 -10.64
C VAL E 221 34.37 0.10 -9.24
N LEU E 222 34.37 0.97 -8.23
CA LEU E 222 34.19 0.59 -6.84
C LEU E 222 32.77 0.97 -6.42
N VAL E 223 31.99 -0.02 -5.99
CA VAL E 223 30.58 0.18 -5.68
C VAL E 223 30.28 0.05 -4.20
N GLY E 224 31.28 -0.14 -3.35
CA GLY E 224 30.99 -0.28 -1.95
C GLY E 224 30.42 -1.65 -1.63
N GLU E 225 29.56 -1.68 -0.62
CA GLU E 225 28.98 -2.95 -0.15
C GLU E 225 27.87 -3.42 -1.08
N LEU E 226 27.78 -4.74 -1.25
CA LEU E 226 26.69 -5.37 -1.99
C LEU E 226 25.49 -5.46 -1.05
N ARG E 227 24.79 -4.34 -0.93
CA ARG E 227 23.81 -4.18 0.13
C ARG E 227 22.54 -4.98 -0.13
N ASP E 228 22.11 -5.07 -1.39
CA ASP E 228 20.84 -5.68 -1.70
C ASP E 228 20.95 -6.44 -3.01
N LEU E 229 19.84 -7.08 -3.40
CA LEU E 229 19.80 -7.90 -4.60
C LEU E 229 20.15 -7.09 -5.83
N GLU E 230 19.66 -5.86 -5.92
CA GLU E 230 19.88 -5.05 -7.12
C GLU E 230 21.35 -4.71 -7.30
N THR E 231 22.07 -4.46 -6.20
CA THR E 231 23.47 -4.10 -6.30
C THR E 231 24.35 -5.31 -6.65
N ILE E 232 23.98 -6.51 -6.19
CA ILE E 232 24.71 -7.71 -6.59
C ILE E 232 24.67 -7.88 -8.10
N GLU E 233 23.49 -7.77 -8.69
CA GLU E 233 23.36 -7.92 -10.14
C GLU E 233 24.06 -6.79 -10.87
N ALA E 234 24.06 -5.58 -10.30
CA ALA E 234 24.78 -4.48 -10.93
C ALA E 234 26.28 -4.72 -10.94
N ALA E 235 26.82 -5.22 -9.83
CA ALA E 235 28.25 -5.53 -9.78
C ALA E 235 28.60 -6.68 -10.71
N LEU E 236 27.70 -7.66 -10.83
CA LEU E 236 27.92 -8.78 -11.73
C LEU E 236 27.97 -8.32 -13.18
N THR E 237 27.10 -7.37 -13.54
CA THR E 237 27.06 -6.88 -14.91
C THR E 237 28.36 -6.19 -15.30
N LEU E 238 28.86 -5.30 -14.42
CA LEU E 238 30.11 -4.60 -14.70
C LEU E 238 31.24 -5.60 -14.94
N ALA E 239 31.44 -6.53 -14.02
CA ALA E 239 32.54 -7.48 -14.16
C ALA E 239 32.36 -8.39 -15.37
N GLU E 240 31.12 -8.67 -15.75
CA GLU E 240 30.89 -9.60 -16.85
C GLU E 240 30.95 -8.89 -18.20
N THR E 241 30.69 -7.59 -18.24
CA THR E 241 30.67 -6.81 -19.47
C THR E 241 32.04 -6.18 -19.77
N GLY E 242 33.11 -6.73 -19.23
CA GLY E 242 34.44 -6.28 -19.55
C GLY E 242 35.04 -5.24 -18.61
N HIS E 243 34.48 -5.07 -17.41
CA HIS E 243 35.00 -4.12 -16.45
C HIS E 243 35.57 -4.85 -15.24
N LEU E 244 36.43 -4.13 -14.51
CA LEU E 244 36.96 -4.61 -13.22
C LEU E 244 36.12 -3.98 -12.12
N CYS E 245 35.39 -4.80 -11.38
CA CYS E 245 34.46 -4.31 -10.36
C CYS E 245 34.99 -4.68 -8.97
N PHE E 246 35.04 -3.69 -8.09
CA PHE E 246 35.40 -3.87 -6.69
C PHE E 246 34.17 -3.69 -5.82
N ALA E 247 33.99 -4.59 -4.86
CA ALA E 247 32.86 -4.52 -3.95
C ALA E 247 33.27 -5.17 -2.63
N THR E 248 32.48 -4.88 -1.59
CA THR E 248 32.74 -5.41 -0.26
C THR E 248 31.55 -6.18 0.26
N LEU E 249 31.82 -7.10 1.17
CA LEU E 249 30.80 -7.80 1.93
C LEU E 249 31.24 -7.85 3.39
N HIS E 250 30.29 -8.20 4.26
CA HIS E 250 30.57 -8.34 5.69
C HIS E 250 30.70 -9.80 6.10
N THR E 251 31.07 -10.67 5.17
CA THR E 251 31.32 -12.07 5.44
C THR E 251 32.72 -12.25 6.01
N ASN E 252 32.96 -13.42 6.59
CA ASN E 252 34.19 -13.70 7.31
C ASN E 252 35.12 -14.68 6.60
N SER E 253 34.72 -15.21 5.45
CA SER E 253 35.57 -16.16 4.72
C SER E 253 35.22 -16.12 3.24
N ALA E 254 36.09 -16.73 2.44
CA ALA E 254 35.88 -16.75 1.00
C ALA E 254 34.63 -17.57 0.63
N VAL E 255 34.48 -18.74 1.25
CA VAL E 255 33.33 -19.59 0.93
C VAL E 255 32.04 -18.93 1.37
N GLN E 256 32.02 -18.38 2.58
CA GLN E 256 30.84 -17.67 3.07
C GLN E 256 30.49 -16.48 2.16
N THR E 257 31.50 -15.85 1.55
CA THR E 257 31.25 -14.75 0.64
C THR E 257 30.50 -15.22 -0.60
N ILE E 258 30.99 -16.30 -1.21
CA ILE E 258 30.35 -16.82 -2.42
C ILE E 258 28.94 -17.30 -2.11
N ASN E 259 28.73 -17.93 -0.95
CA ASN E 259 27.41 -18.43 -0.60
C ASN E 259 26.42 -17.30 -0.40
N ARG E 260 26.86 -16.20 0.23
CA ARG E 260 25.94 -15.09 0.50
C ARG E 260 25.44 -14.45 -0.78
N ILE E 261 26.31 -14.32 -1.79
CA ILE E 261 25.89 -13.76 -3.07
C ILE E 261 24.85 -14.65 -3.73
N VAL E 262 25.07 -15.96 -3.69
CA VAL E 262 24.18 -16.88 -4.39
C VAL E 262 22.87 -17.04 -3.63
N ASP E 263 22.93 -17.12 -2.30
CA ASP E 263 21.76 -17.52 -1.50
C ASP E 263 20.71 -16.44 -1.36
N VAL E 264 20.97 -15.19 -1.74
CA VAL E 264 19.96 -14.15 -1.63
C VAL E 264 18.95 -14.20 -2.77
N PHE E 265 19.29 -14.87 -3.87
CA PHE E 265 18.43 -15.02 -5.03
C PHE E 265 17.49 -16.22 -4.85
N PRO E 266 16.33 -16.20 -5.49
CA PRO E 266 15.50 -17.42 -5.52
C PRO E 266 16.27 -18.57 -6.12
N SER E 267 15.93 -19.79 -5.66
CA SER E 267 16.75 -20.95 -5.99
C SER E 267 16.85 -21.16 -7.50
N TYR E 268 15.78 -20.88 -8.24
CA TYR E 268 15.82 -21.20 -9.66
C TYR E 268 16.62 -20.17 -10.47
N GLN E 269 16.89 -18.99 -9.93
CA GLN E 269 17.84 -18.11 -10.59
C GLN E 269 19.27 -18.51 -10.29
N GLN E 270 19.49 -19.02 -9.05
CA GLN E 270 20.79 -19.35 -8.50
C GLN E 270 21.73 -20.02 -9.48
N PRO E 271 21.27 -20.98 -10.32
CA PRO E 271 22.17 -21.55 -11.33
C PRO E 271 22.85 -20.53 -12.22
N GLN E 272 22.12 -19.52 -12.69
CA GLN E 272 22.73 -18.50 -13.54
C GLN E 272 23.81 -17.73 -12.78
N VAL E 273 23.51 -17.33 -11.55
CA VAL E 273 24.39 -16.45 -10.80
C VAL E 273 25.71 -17.15 -10.49
N ARG E 274 25.68 -18.45 -10.20
CA ARG E 274 26.92 -19.18 -9.97
C ARG E 274 27.80 -19.19 -11.21
N ALA E 275 27.20 -19.32 -12.40
CA ALA E 275 27.98 -19.33 -13.63
C ALA E 275 28.64 -17.97 -13.88
N GLN E 276 27.92 -16.88 -13.61
CA GLN E 276 28.49 -15.55 -13.80
C GLN E 276 29.65 -15.32 -12.82
N LEU E 277 29.45 -15.69 -11.55
CA LEU E 277 30.51 -15.55 -10.56
C LEU E 277 31.76 -16.33 -10.97
N SER E 278 31.58 -17.56 -11.47
CA SER E 278 32.72 -18.39 -11.82
C SER E 278 33.58 -17.74 -12.91
N PHE E 279 32.95 -16.97 -13.81
CA PHE E 279 33.69 -16.35 -14.89
C PHE E 279 34.34 -15.05 -14.44
N VAL E 280 33.61 -14.21 -13.69
CA VAL E 280 34.08 -12.87 -13.40
C VAL E 280 34.91 -12.78 -12.12
N LEU E 281 34.75 -13.71 -11.19
CA LEU E 281 35.50 -13.65 -9.95
C LEU E 281 36.98 -13.79 -10.23
N GLU E 282 37.76 -12.78 -9.83
CA GLU E 282 39.20 -12.82 -9.97
C GLU E 282 39.93 -12.83 -8.64
N GLY E 283 39.24 -12.52 -7.54
CA GLY E 283 39.85 -12.57 -6.23
C GLY E 283 38.87 -12.26 -5.12
N VAL E 284 39.02 -12.94 -3.99
CA VAL E 284 38.22 -12.68 -2.79
C VAL E 284 39.19 -12.54 -1.62
N LEU E 285 39.18 -11.37 -0.98
CA LEU E 285 40.01 -11.11 0.18
C LEU E 285 39.11 -10.91 1.39
N SER E 286 39.40 -11.65 2.47
CA SER E 286 38.67 -11.55 3.72
C SER E 286 39.66 -11.18 4.82
N GLN E 287 39.46 -10.02 5.43
CA GLN E 287 40.42 -9.47 6.38
C GLN E 287 39.85 -9.43 7.79
N THR E 288 40.76 -9.34 8.75
CA THR E 288 40.43 -9.09 10.15
C THR E 288 41.67 -8.52 10.82
N LEU E 289 41.45 -7.58 11.74
CA LEU E 289 42.54 -6.96 12.48
C LEU E 289 42.57 -7.52 13.90
N LEU E 290 43.71 -8.06 14.28
CA LEU E 290 43.92 -8.68 15.56
C LEU E 290 44.90 -7.87 16.40
N PRO E 291 44.74 -7.83 17.72
CA PRO E 291 45.72 -7.13 18.56
C PRO E 291 47.08 -7.81 18.47
N LYS E 292 48.12 -6.99 18.27
CA LYS E 292 49.46 -7.51 18.12
C LYS E 292 49.98 -8.08 19.44
N ALA E 293 50.94 -9.00 19.34
CA ALA E 293 51.51 -9.61 20.53
C ALA E 293 52.33 -8.63 21.35
N SER E 294 52.93 -7.63 20.69
CA SER E 294 53.71 -6.63 21.41
C SER E 294 52.85 -5.73 22.29
N GLY E 295 51.55 -5.68 22.04
CA GLY E 295 50.64 -4.84 22.78
C GLY E 295 50.39 -3.46 22.20
N THR E 296 50.93 -3.17 21.02
CA THR E 296 50.71 -1.90 20.33
C THR E 296 50.42 -2.18 18.86
N GLY E 297 49.34 -1.62 18.35
CA GLY E 297 49.00 -1.79 16.95
C GLY E 297 48.23 -3.06 16.68
N ARG E 298 47.78 -3.18 15.43
CA ARG E 298 47.06 -4.34 14.96
C ARG E 298 47.75 -4.89 13.72
N VAL E 299 47.62 -6.21 13.54
CA VAL E 299 48.25 -6.92 12.44
C VAL E 299 47.16 -7.57 11.60
N LEU E 300 47.37 -7.60 10.28
CA LEU E 300 46.37 -8.07 9.34
C LEU E 300 46.44 -9.58 9.20
N ALA E 301 45.31 -10.24 9.44
CA ALA E 301 45.11 -11.63 9.08
C ALA E 301 44.12 -11.67 7.92
N ILE E 302 44.49 -12.33 6.83
CA ILE E 302 43.72 -12.26 5.60
C ILE E 302 43.63 -13.66 5.00
N GLU E 303 42.43 -14.02 4.53
CA GLU E 303 42.24 -15.20 3.70
C GLU E 303 42.11 -14.75 2.24
N VAL E 304 42.92 -15.35 1.38
CA VAL E 304 42.99 -14.95 -0.02
C VAL E 304 42.53 -16.12 -0.88
N MET E 305 41.48 -15.89 -1.67
CA MET E 305 41.00 -16.87 -2.65
C MET E 305 41.10 -16.23 -4.02
N VAL E 306 41.99 -16.78 -4.85
CA VAL E 306 42.12 -16.39 -6.25
C VAL E 306 41.64 -17.56 -7.09
N PRO E 307 40.55 -17.42 -7.84
CA PRO E 307 39.99 -18.58 -8.55
C PRO E 307 40.97 -19.15 -9.57
N ASN E 308 41.19 -20.45 -9.47
CA ASN E 308 41.92 -21.22 -10.46
C ASN E 308 40.93 -22.02 -11.29
N PRO E 309 41.40 -22.68 -12.36
CA PRO E 309 40.48 -23.53 -13.14
C PRO E 309 39.68 -24.50 -12.29
N ALA E 310 40.29 -25.08 -11.25
CA ALA E 310 39.59 -26.04 -10.41
C ALA E 310 38.48 -25.36 -9.61
N ILE E 311 38.77 -24.19 -9.03
CA ILE E 311 37.77 -23.52 -8.19
C ILE E 311 36.61 -23.00 -9.04
N ARG E 312 36.92 -22.47 -10.24
CA ARG E 312 35.85 -21.95 -11.09
C ARG E 312 34.90 -23.07 -11.52
N ASN E 313 35.43 -24.28 -11.73
CA ASN E 313 34.55 -25.41 -12.00
C ASN E 313 33.73 -25.78 -10.78
N LEU E 314 34.35 -25.77 -9.59
CA LEU E 314 33.63 -26.06 -8.36
C LEU E 314 32.49 -25.07 -8.13
N ILE E 315 32.69 -23.81 -8.53
CA ILE E 315 31.65 -22.81 -8.37
C ILE E 315 30.44 -23.13 -9.24
N ARG E 316 30.67 -23.50 -10.50
CA ARG E 316 29.56 -23.78 -11.41
C ARG E 316 28.77 -25.03 -11.00
N GLU E 317 29.44 -26.02 -10.43
CA GLU E 317 28.79 -27.27 -10.07
C GLU E 317 28.08 -27.22 -8.72
N ASP E 318 28.05 -26.06 -8.06
CA ASP E 318 27.50 -25.95 -6.71
C ASP E 318 28.18 -26.92 -5.75
N LYS E 319 29.49 -27.09 -5.94
CA LYS E 319 30.31 -27.85 -5.01
C LYS E 319 31.20 -26.87 -4.24
N ILE E 320 30.57 -25.85 -3.66
CA ILE E 320 31.29 -24.76 -3.02
C ILE E 320 32.13 -25.24 -1.85
N HIS E 321 31.70 -26.31 -1.18
CA HIS E 321 32.39 -26.74 0.03
C HIS E 321 33.74 -27.38 -0.27
N GLN E 322 33.91 -27.96 -1.45
CA GLN E 322 35.22 -28.49 -1.84
C GLN E 322 36.22 -27.37 -2.13
N ILE E 323 35.78 -26.11 -2.14
CA ILE E 323 36.70 -25.01 -2.39
C ILE E 323 37.72 -24.88 -1.26
N TYR E 324 37.28 -25.05 -0.01
CA TYR E 324 38.21 -24.92 1.10
C TYR E 324 39.35 -25.93 0.99
N SER E 325 39.04 -27.16 0.58
CA SER E 325 40.10 -28.15 0.35
C SER E 325 41.01 -27.72 -0.79
N GLN E 326 40.44 -27.10 -1.81
CA GLN E 326 41.26 -26.64 -2.94
C GLN E 326 42.11 -25.44 -2.56
N MET E 327 41.59 -24.55 -1.72
CA MET E 327 42.38 -23.42 -1.24
C MET E 327 43.54 -23.89 -0.37
N GLN E 328 43.35 -24.98 0.37
CA GLN E 328 44.42 -25.50 1.22
C GLN E 328 45.60 -26.01 0.42
N VAL E 329 45.39 -26.38 -0.84
CA VAL E 329 46.42 -27.00 -1.66
C VAL E 329 46.81 -26.16 -2.87
N GLY E 330 46.23 -24.97 -3.03
CA GLY E 330 46.60 -24.13 -4.15
C GLY E 330 47.38 -22.88 -3.77
N GLN E 331 48.07 -22.92 -2.63
CA GLN E 331 48.74 -21.73 -2.11
C GLN E 331 50.02 -21.42 -2.88
N GLU E 332 50.88 -22.42 -3.10
CA GLU E 332 52.16 -22.14 -3.77
C GLU E 332 51.97 -21.78 -5.23
N LYS E 333 50.98 -22.37 -5.89
CA LYS E 333 50.78 -22.12 -7.32
C LYS E 333 50.12 -20.78 -7.59
N PHE E 334 49.09 -20.43 -6.82
CA PHE E 334 48.26 -19.27 -7.11
C PHE E 334 48.36 -18.16 -6.07
N GLY E 335 49.18 -18.32 -5.04
CA GLY E 335 49.23 -17.34 -3.99
C GLY E 335 48.02 -17.34 -3.09
N MET E 336 47.24 -18.42 -3.11
CA MET E 336 46.07 -18.52 -2.25
C MET E 336 46.48 -18.74 -0.81
N MET E 337 45.54 -18.55 0.10
CA MET E 337 45.83 -18.69 1.53
C MET E 337 44.56 -18.76 2.36
N THR E 338 44.37 -19.86 3.07
CA THR E 338 43.25 -19.94 4.00
C THR E 338 43.50 -19.04 5.20
N MET E 339 42.42 -18.74 5.92
CA MET E 339 42.55 -17.88 7.09
C MET E 339 43.41 -18.54 8.17
N ASN E 340 43.26 -19.85 8.35
CA ASN E 340 44.05 -20.55 9.37
C ASN E 340 45.53 -20.54 9.01
N GLN E 341 45.86 -20.65 7.72
CA GLN E 341 47.26 -20.59 7.33
C GLN E 341 47.84 -19.21 7.57
N CYS E 342 47.03 -18.15 7.43
CA CYS E 342 47.52 -16.80 7.72
C CYS E 342 47.74 -16.61 9.22
N LEU E 343 46.77 -17.07 10.02
CA LEU E 343 46.93 -17.03 11.48
C LEU E 343 48.15 -17.83 11.91
N TYR E 344 48.40 -18.96 11.25
CA TYR E 344 49.56 -19.77 11.56
C TYR E 344 50.85 -18.97 11.41
N GLY E 345 50.97 -18.22 10.31
CA GLY E 345 52.18 -17.45 10.09
C GLY E 345 52.37 -16.33 11.10
N LEU E 346 51.28 -15.65 11.47
CA LEU E 346 51.38 -14.61 12.50
C LEU E 346 51.75 -15.20 13.84
N LEU E 347 51.42 -16.46 14.07
CA LEU E 347 51.84 -17.13 15.30
C LEU E 347 53.33 -17.46 15.26
N GLN E 348 53.83 -17.89 14.09
CA GLN E 348 55.24 -18.24 13.99
C GLN E 348 56.13 -17.02 14.13
N LYS E 349 55.72 -15.89 13.56
CA LYS E 349 56.46 -14.64 13.69
C LYS E 349 56.19 -13.93 15.00
N ARG E 350 55.40 -14.55 15.88
CA ARG E 350 55.08 -14.00 17.20
C ARG E 350 54.45 -12.62 17.08
N HIS E 351 53.69 -12.41 16.00
CA HIS E 351 52.93 -11.19 15.82
C HIS E 351 51.61 -11.19 16.59
N ILE E 352 51.08 -12.37 16.92
CA ILE E 352 49.84 -12.49 17.67
C ILE E 352 50.05 -13.48 18.81
N THR E 353 49.20 -13.38 19.82
CA THR E 353 49.23 -14.32 20.93
C THR E 353 48.50 -15.61 20.53
N MET E 354 48.70 -16.65 21.34
CA MET E 354 48.07 -17.94 21.06
C MET E 354 46.55 -17.85 21.17
N ASP E 355 46.05 -17.10 22.14
CA ASP E 355 44.60 -16.98 22.32
C ASP E 355 43.96 -16.18 21.20
N VAL E 356 44.64 -15.14 20.70
CA VAL E 356 44.08 -14.33 19.63
C VAL E 356 43.95 -15.14 18.36
N GLY E 357 44.99 -15.91 18.02
CA GLY E 357 44.92 -16.75 16.83
C GLY E 357 43.82 -17.78 16.92
N MET E 358 43.61 -18.35 18.10
CA MET E 358 42.53 -19.32 18.29
C MET E 358 41.17 -18.64 18.24
N GLY E 359 41.07 -17.43 18.77
CA GLY E 359 39.80 -16.71 18.85
C GLY E 359 39.20 -16.34 17.50
N ARG E 360 39.98 -16.40 16.43
CA ARG E 360 39.50 -16.04 15.10
C ARG E 360 39.48 -17.21 14.12
N SER E 361 40.21 -18.28 14.40
CA SER E 361 40.18 -19.45 13.54
C SER E 361 38.73 -19.95 13.38
N PRO E 362 38.25 -20.13 12.15
CA PRO E 362 36.93 -20.75 11.96
C PRO E 362 36.91 -22.22 12.38
N ASP E 363 38.07 -22.84 12.56
CA ASP E 363 38.16 -24.23 13.02
C ASP E 363 39.39 -24.31 13.92
N PRO E 364 39.22 -24.11 15.24
CA PRO E 364 40.38 -24.06 16.14
C PRO E 364 41.13 -25.38 16.22
N ASP E 365 40.44 -26.51 16.12
CA ASP E 365 41.14 -27.80 16.17
C ASP E 365 42.03 -28.00 14.95
N GLU E 366 41.63 -27.48 13.80
CA GLU E 366 42.48 -27.56 12.62
C GLU E 366 43.75 -26.74 12.83
N LEU E 367 43.62 -25.52 13.33
CA LEU E 367 44.79 -24.69 13.60
C LEU E 367 45.68 -25.30 14.68
N LYS E 368 45.05 -25.94 15.68
CA LYS E 368 45.82 -26.62 16.72
C LYS E 368 46.70 -27.71 16.11
N GLN E 369 46.13 -28.52 15.21
CA GLN E 369 46.91 -29.55 14.54
C GLN E 369 48.09 -28.95 13.79
N MET E 370 47.87 -27.82 13.11
CA MET E 370 48.96 -27.17 12.41
C MET E 370 50.03 -26.68 13.37
N LEU E 371 49.63 -26.22 14.55
CA LEU E 371 50.60 -25.69 15.51
C LEU E 371 51.48 -26.79 16.09
N THR E 372 50.87 -27.93 16.46
CA THR E 372 51.67 -29.01 17.01
C THR E 372 52.56 -29.64 15.94
N SER E 373 52.17 -29.56 14.68
CA SER E 373 52.96 -30.11 13.58
C SER E 373 54.36 -29.50 13.54
N ALA F 22 39.89 28.17 -23.31
CA ALA F 22 39.41 27.28 -24.36
C ALA F 22 37.91 27.07 -24.23
N ASN F 23 37.19 27.12 -25.35
CA ASN F 23 35.77 26.82 -25.32
C ASN F 23 35.53 25.33 -25.56
N MET F 24 34.28 24.91 -25.35
CA MET F 24 33.92 23.50 -25.46
C MET F 24 34.04 23.00 -26.90
N HIS F 25 33.77 23.85 -27.87
CA HIS F 25 33.77 23.44 -29.27
C HIS F 25 35.14 22.93 -29.70
N GLN F 26 36.21 23.60 -29.27
CA GLN F 26 37.56 23.17 -29.64
C GLN F 26 37.90 21.82 -29.03
N LEU F 27 37.46 21.59 -27.79
CA LEU F 27 37.73 20.30 -27.13
C LEU F 27 37.05 19.17 -27.87
N LEU F 28 35.77 19.35 -28.24
CA LEU F 28 35.05 18.30 -28.94
C LEU F 28 35.55 18.08 -30.35
N THR F 29 36.10 19.13 -30.98
CA THR F 29 36.71 18.97 -32.30
C THR F 29 37.94 18.08 -32.24
N GLU F 30 38.74 18.20 -31.17
CA GLU F 30 39.93 17.37 -31.04
C GLU F 30 39.60 15.91 -30.81
N LEU F 31 38.50 15.63 -30.09
CA LEU F 31 38.08 14.24 -29.90
C LEU F 31 37.78 13.58 -31.24
N VAL F 32 37.05 14.28 -32.11
CA VAL F 32 36.74 13.73 -33.42
C VAL F 32 38.01 13.62 -34.27
N ASN F 33 38.82 14.67 -34.29
CA ASN F 33 39.95 14.73 -35.20
C ASN F 33 40.96 13.63 -34.90
N ARG F 34 41.13 13.29 -33.63
CA ARG F 34 42.14 12.31 -33.22
C ARG F 34 41.58 10.90 -33.14
N GLY F 35 40.37 10.67 -33.63
CA GLY F 35 39.79 9.34 -33.61
C GLY F 35 39.50 8.77 -32.24
N GLY F 36 39.29 9.63 -31.25
CA GLY F 36 38.94 9.14 -29.93
C GLY F 36 37.50 8.68 -29.86
N SER F 37 37.23 7.76 -28.93
CA SER F 37 35.88 7.25 -28.75
C SER F 37 35.13 8.00 -27.66
N ASP F 38 35.83 8.55 -26.67
CA ASP F 38 35.21 9.20 -25.54
C ASP F 38 36.09 10.35 -25.06
N LEU F 39 35.46 11.44 -24.66
CA LEU F 39 36.14 12.60 -24.09
C LEU F 39 35.79 12.74 -22.63
N HIS F 40 36.79 12.94 -21.78
CA HIS F 40 36.62 13.03 -20.33
C HIS F 40 37.03 14.41 -19.83
N LEU F 41 36.16 15.04 -19.04
CA LEU F 41 36.41 16.33 -18.43
C LEU F 41 36.15 16.23 -16.94
N THR F 42 37.18 16.45 -16.12
CA THR F 42 37.01 16.40 -14.68
C THR F 42 38.07 17.28 -14.02
N THR F 43 37.83 17.60 -12.75
CA THR F 43 38.69 18.54 -12.04
C THR F 43 40.04 17.93 -11.72
N ASN F 44 41.03 18.80 -11.55
CA ASN F 44 42.42 18.44 -11.24
C ASN F 44 43.08 17.65 -12.35
N SER F 45 42.43 17.54 -13.50
CA SER F 45 42.98 16.90 -14.68
C SER F 45 42.70 17.74 -15.90
N PRO F 46 43.61 17.78 -16.86
CA PRO F 46 43.29 18.37 -18.16
C PRO F 46 42.24 17.53 -18.86
N PRO F 47 41.61 18.06 -19.91
CA PRO F 47 40.75 17.20 -20.73
C PRO F 47 41.52 16.01 -21.25
N GLN F 48 40.91 14.83 -21.13
CA GLN F 48 41.55 13.57 -21.51
C GLN F 48 40.71 12.86 -22.57
N ILE F 49 41.41 12.27 -23.53
CA ILE F 49 40.78 11.59 -24.67
C ILE F 49 41.21 10.13 -24.65
N ARG F 50 40.25 9.24 -24.90
CA ARG F 50 40.54 7.81 -24.96
C ARG F 50 40.90 7.43 -26.40
N ILE F 51 42.12 6.95 -26.58
CA ILE F 51 42.62 6.50 -27.88
C ILE F 51 43.00 5.02 -27.73
N ASP F 52 42.34 4.17 -28.52
CA ASP F 52 42.57 2.72 -28.49
C ASP F 52 42.37 2.16 -27.08
N GLY F 53 41.42 2.72 -26.34
CA GLY F 53 41.07 2.24 -25.02
C GLY F 53 41.85 2.87 -23.89
N LYS F 54 42.93 3.59 -24.18
CA LYS F 54 43.76 4.21 -23.15
C LYS F 54 43.63 5.72 -23.20
N LEU F 55 43.55 6.34 -22.03
CA LEU F 55 43.39 7.79 -21.95
C LEU F 55 44.69 8.51 -22.23
N LEU F 56 44.59 9.61 -22.97
CA LEU F 56 45.72 10.48 -23.26
C LEU F 56 45.30 11.91 -22.95
N PRO F 57 45.99 12.62 -22.07
CA PRO F 57 45.63 14.00 -21.76
C PRO F 57 46.03 14.95 -22.87
N LEU F 58 45.18 15.94 -23.11
CA LEU F 58 45.51 17.02 -24.02
C LEU F 58 46.50 17.97 -23.37
N ASP F 59 47.35 18.58 -24.19
CA ASP F 59 48.37 19.51 -23.69
C ASP F 59 47.70 20.84 -23.33
N MET F 60 46.99 20.81 -22.21
CA MET F 60 46.21 21.94 -21.73
C MET F 60 46.32 22.00 -20.22
N PRO F 61 46.07 23.17 -19.63
CA PRO F 61 46.08 23.26 -18.17
C PRO F 61 44.98 22.41 -17.58
N PRO F 62 45.16 21.93 -16.35
CA PRO F 62 44.09 21.17 -15.70
C PRO F 62 42.88 22.06 -15.44
N LEU F 63 41.70 21.46 -15.56
CA LEU F 63 40.46 22.19 -15.29
C LEU F 63 40.25 22.28 -13.79
N ASN F 64 39.65 23.39 -13.35
CA ASN F 64 39.16 23.53 -12.00
C ASN F 64 37.64 23.46 -12.01
N ALA F 65 37.04 23.64 -10.83
CA ALA F 65 35.59 23.55 -10.72
C ALA F 65 34.90 24.61 -11.58
N VAL F 66 35.52 25.79 -11.73
CA VAL F 66 34.97 26.81 -12.60
C VAL F 66 34.94 26.34 -14.04
N ASP F 67 36.01 25.66 -14.48
CA ASP F 67 36.12 25.28 -15.88
C ASP F 67 35.16 24.17 -16.25
N THR F 68 35.07 23.12 -15.43
CA THR F 68 34.24 21.98 -15.79
C THR F 68 32.77 22.36 -15.89
N LYS F 69 32.29 23.18 -14.96
CA LYS F 69 30.90 23.62 -15.03
C LYS F 69 30.66 24.51 -16.24
N GLN F 70 31.60 25.40 -16.55
CA GLN F 70 31.42 26.30 -17.68
C GLN F 70 31.44 25.53 -19.01
N LEU F 71 32.35 24.58 -19.15
CA LEU F 71 32.41 23.79 -20.38
C LEU F 71 31.14 22.97 -20.58
N CYS F 72 30.72 22.26 -19.53
CA CYS F 72 29.57 21.36 -19.67
C CYS F 72 28.26 22.12 -19.79
N TYR F 73 28.09 23.21 -19.04
CA TYR F 73 26.85 23.97 -19.10
C TYR F 73 26.66 24.67 -20.45
N SER F 74 27.74 24.91 -21.19
CA SER F 74 27.64 25.64 -22.44
C SER F 74 26.83 24.88 -23.49
N ILE F 75 26.63 23.58 -23.30
CA ILE F 75 25.93 22.76 -24.28
C ILE F 75 24.61 22.24 -23.73
N LEU F 76 24.11 22.81 -22.64
CA LEU F 76 22.86 22.41 -22.03
C LEU F 76 21.78 23.47 -22.27
N THR F 77 20.54 23.00 -22.35
CA THR F 77 19.40 23.91 -22.31
C THR F 77 19.11 24.30 -20.87
N GLU F 78 18.23 25.28 -20.70
CA GLU F 78 17.88 25.72 -19.35
C GLU F 78 17.16 24.63 -18.58
N GLN F 79 16.33 23.85 -19.27
CA GLN F 79 15.68 22.71 -18.64
C GLN F 79 16.70 21.66 -18.22
N GLN F 80 17.74 21.44 -19.04
CA GLN F 80 18.75 20.45 -18.71
C GLN F 80 19.61 20.90 -17.54
N LYS F 81 19.88 22.20 -17.43
CA LYS F 81 20.55 22.71 -16.24
C LYS F 81 19.71 22.49 -15.00
N HIS F 82 18.40 22.70 -15.11
CA HIS F 82 17.50 22.53 -13.97
C HIS F 82 17.37 21.06 -13.58
N LYS F 83 17.36 20.15 -14.56
CA LYS F 83 17.26 18.73 -14.24
C LYS F 83 18.57 18.19 -13.68
N PHE F 84 19.70 18.67 -14.21
CA PHE F 84 20.99 18.26 -13.65
C PHE F 84 21.14 18.73 -12.21
N GLU F 85 20.70 19.95 -11.92
CA GLU F 85 20.82 20.46 -10.56
C GLU F 85 19.86 19.78 -9.60
N GLU F 86 18.77 19.19 -10.11
CA GLU F 86 17.83 18.50 -9.24
C GLU F 86 18.33 17.12 -8.83
N ASN F 87 19.12 16.46 -9.68
CA ASN F 87 19.50 15.07 -9.46
C ASN F 87 20.99 14.81 -9.43
N ASN F 88 21.83 15.79 -9.80
CA ASN F 88 23.28 15.61 -9.97
C ASN F 88 23.61 14.53 -10.99
N GLU F 89 22.65 14.13 -11.81
CA GLU F 89 22.86 13.20 -12.92
C GLU F 89 22.09 13.72 -14.11
N LEU F 90 22.61 13.45 -15.32
CA LEU F 90 21.89 13.80 -16.53
C LEU F 90 22.46 13.03 -17.71
N ASP F 91 21.59 12.33 -18.42
CA ASP F 91 21.90 11.77 -19.73
C ASP F 91 21.27 12.68 -20.78
N LEU F 92 22.00 12.91 -21.87
CA LEU F 92 21.52 13.83 -22.89
C LEU F 92 22.26 13.59 -24.20
N SER F 93 21.70 14.12 -25.27
CA SER F 93 22.36 14.20 -26.55
C SER F 93 22.27 15.63 -27.06
N PHE F 94 23.26 16.04 -27.84
CA PHE F 94 23.30 17.40 -28.37
C PHE F 94 24.08 17.38 -29.67
N GLY F 95 23.94 18.45 -30.42
CA GLY F 95 24.58 18.56 -31.73
C GLY F 95 25.52 19.75 -31.80
N ILE F 96 26.62 19.56 -32.52
CA ILE F 96 27.54 20.65 -32.88
C ILE F 96 27.48 20.80 -34.39
N LYS F 97 27.03 21.97 -34.83
CA LYS F 97 26.78 22.21 -36.24
C LYS F 97 28.03 21.97 -37.09
N GLY F 98 27.87 21.20 -38.15
CA GLY F 98 28.94 20.94 -39.10
C GLY F 98 29.90 19.82 -38.74
N LEU F 99 29.72 19.16 -37.59
CA LEU F 99 30.65 18.11 -37.19
C LEU F 99 29.95 16.79 -36.98
N SER F 100 29.26 16.66 -35.85
CA SER F 100 28.67 15.39 -35.46
C SER F 100 27.74 15.64 -34.28
N ARG F 101 26.99 14.61 -33.93
CA ARG F 101 26.22 14.59 -32.71
C ARG F 101 26.99 13.83 -31.63
N PHE F 102 26.65 14.13 -30.38
CA PHE F 102 27.30 13.53 -29.24
C PHE F 102 26.26 13.19 -28.19
N ARG F 103 26.46 12.07 -27.49
CA ARG F 103 25.75 11.80 -26.26
C ARG F 103 26.67 12.10 -25.10
N GLY F 104 26.19 12.92 -24.16
CA GLY F 104 26.95 13.33 -23.01
C GLY F 104 26.33 12.81 -21.74
N ASN F 105 27.17 12.59 -20.74
CA ASN F 105 26.73 12.32 -19.37
C ASN F 105 27.47 13.24 -18.44
N VAL F 106 26.73 13.99 -17.63
CA VAL F 106 27.30 14.86 -16.62
C VAL F 106 26.91 14.34 -15.25
N PHE F 107 27.86 14.35 -14.32
CA PHE F 107 27.63 13.93 -12.96
C PHE F 107 28.46 14.82 -12.05
N VAL F 108 28.49 14.47 -10.76
CA VAL F 108 29.21 15.24 -9.75
C VAL F 108 30.19 14.32 -9.05
N GLN F 109 31.40 14.80 -8.83
CA GLN F 109 32.41 14.06 -8.09
C GLN F 109 33.20 15.04 -7.22
N ARG F 110 33.37 14.69 -5.94
CA ARG F 110 34.09 15.50 -4.97
C ARG F 110 33.66 16.96 -5.02
N GLY F 111 32.36 17.18 -5.21
CA GLY F 111 31.78 18.51 -5.15
C GLY F 111 31.92 19.34 -6.41
N ALA F 112 32.32 18.75 -7.54
CA ALA F 112 32.53 19.50 -8.76
C ALA F 112 31.98 18.72 -9.94
N VAL F 113 31.67 19.46 -11.01
CA VAL F 113 31.08 18.86 -12.20
C VAL F 113 32.12 18.07 -12.97
N ALA F 114 31.72 16.92 -13.51
CA ALA F 114 32.53 16.15 -14.43
C ALA F 114 31.63 15.71 -15.59
N GLY F 115 32.26 15.43 -16.72
CA GLY F 115 31.49 15.08 -17.91
C GLY F 115 32.24 14.10 -18.79
N VAL F 116 31.48 13.25 -19.47
CA VAL F 116 32.00 12.33 -20.47
C VAL F 116 31.12 12.45 -21.71
N PHE F 117 31.75 12.47 -22.89
CA PHE F 117 31.03 12.73 -24.12
C PHE F 117 31.45 11.72 -25.19
N ARG F 118 30.46 11.11 -25.82
CA ARG F 118 30.61 9.99 -26.72
C ARG F 118 30.09 10.35 -28.11
N VAL F 119 30.74 9.81 -29.14
CA VAL F 119 30.36 10.12 -30.51
C VAL F 119 29.16 9.28 -30.93
N ILE F 120 28.21 9.92 -31.62
CA ILE F 120 27.00 9.27 -32.09
C ILE F 120 27.00 9.26 -33.62
N PRO F 121 27.24 8.11 -34.25
CA PRO F 121 27.40 8.09 -35.71
C PRO F 121 26.14 8.47 -36.47
N TYR F 122 26.35 9.08 -37.64
CA TYR F 122 25.24 9.43 -38.52
C TYR F 122 24.66 8.21 -39.22
N LYS F 123 25.47 7.20 -39.50
CA LYS F 123 25.12 6.11 -40.40
C LYS F 123 24.70 4.87 -39.63
N ILE F 124 23.55 4.32 -39.98
CA ILE F 124 23.01 3.11 -39.38
C ILE F 124 23.57 1.90 -40.10
N LEU F 125 24.08 0.93 -39.34
CA LEU F 125 24.62 -0.27 -39.93
C LEU F 125 23.49 -1.26 -40.25
N SER F 126 23.78 -2.18 -41.16
CA SER F 126 22.77 -3.13 -41.64
C SER F 126 22.68 -4.33 -40.69
N PHE F 127 21.67 -5.15 -40.92
CA PHE F 127 21.46 -6.33 -40.08
C PHE F 127 22.65 -7.29 -40.17
N GLU F 128 23.11 -7.57 -41.39
CA GLU F 128 24.23 -8.49 -41.56
C GLU F 128 25.52 -7.88 -41.00
N GLU F 129 25.70 -6.57 -41.15
CA GLU F 129 26.87 -5.91 -40.58
C GLU F 129 26.84 -5.95 -39.06
N LEU F 130 25.65 -5.92 -38.47
CA LEU F 130 25.51 -6.02 -37.02
C LEU F 130 25.51 -7.45 -36.53
N GLY F 131 25.51 -8.43 -37.42
CA GLY F 131 25.44 -9.81 -37.00
C GLY F 131 24.06 -10.26 -36.58
N LEU F 132 23.02 -9.58 -37.05
CA LEU F 132 21.65 -9.92 -36.67
C LEU F 132 21.14 -11.05 -37.56
N PRO F 133 20.53 -12.09 -36.98
CA PRO F 133 20.03 -13.20 -37.79
C PRO F 133 18.88 -12.74 -38.68
N PRO F 134 18.54 -13.52 -39.71
CA PRO F 134 17.45 -13.11 -40.61
C PRO F 134 16.11 -12.91 -39.92
N VAL F 135 15.91 -13.48 -38.74
CA VAL F 135 14.63 -13.32 -38.06
C VAL F 135 14.40 -11.89 -37.63
N VAL F 136 15.48 -11.14 -37.35
CA VAL F 136 15.33 -9.75 -36.93
C VAL F 136 14.77 -8.91 -38.06
N ARG F 137 15.16 -9.20 -39.31
CA ARG F 137 14.58 -8.48 -40.44
C ARG F 137 13.10 -8.83 -40.59
N GLU F 138 12.74 -10.09 -40.34
CA GLU F 138 11.33 -10.48 -40.42
C GLU F 138 10.52 -9.84 -39.30
N LEU F 139 11.12 -9.61 -38.14
CA LEU F 139 10.43 -8.91 -37.07
C LEU F 139 10.16 -7.46 -37.46
N ALA F 140 11.08 -6.85 -38.21
CA ALA F 140 10.88 -5.50 -38.71
C ALA F 140 9.75 -5.42 -39.72
N GLU F 141 9.24 -6.56 -40.20
CA GLU F 141 8.14 -6.60 -41.15
C GLU F 141 6.84 -7.09 -40.51
N LYS F 142 6.84 -7.28 -39.19
CA LYS F 142 5.62 -7.63 -38.47
C LYS F 142 4.64 -6.47 -38.51
N PRO F 143 3.37 -6.72 -38.79
CA PRO F 143 2.40 -5.61 -38.86
C PRO F 143 1.97 -5.10 -37.48
N ARG F 144 2.10 -5.92 -36.45
CA ARG F 144 1.55 -5.56 -35.14
C ARG F 144 2.29 -6.32 -34.06
N GLY F 145 2.18 -5.83 -32.84
CA GLY F 145 2.64 -6.52 -31.66
C GLY F 145 3.71 -5.76 -30.92
N LEU F 146 4.20 -6.40 -29.86
CA LEU F 146 5.28 -5.88 -29.03
C LEU F 146 6.54 -6.67 -29.31
N VAL F 147 7.59 -5.98 -29.75
CA VAL F 147 8.89 -6.58 -29.97
C VAL F 147 9.87 -5.91 -29.02
N LEU F 148 10.51 -6.70 -28.17
CA LEU F 148 11.38 -6.19 -27.12
C LEU F 148 12.83 -6.55 -27.44
N VAL F 149 13.69 -5.55 -27.45
CA VAL F 149 15.13 -5.73 -27.62
C VAL F 149 15.78 -5.38 -26.29
N THR F 150 16.26 -6.39 -25.59
CA THR F 150 16.70 -6.25 -24.20
C THR F 150 18.17 -6.58 -24.05
N GLY F 151 18.72 -6.19 -22.90
CA GLY F 151 20.11 -6.40 -22.58
C GLY F 151 20.62 -5.30 -21.66
N PRO F 152 21.80 -5.50 -21.08
CA PRO F 152 22.38 -4.46 -20.23
C PRO F 152 22.78 -3.24 -21.06
N THR F 153 23.12 -2.17 -20.34
CA THR F 153 23.53 -0.95 -21.01
C THR F 153 24.80 -1.18 -21.83
N GLY F 154 24.80 -0.66 -23.05
CA GLY F 154 25.95 -0.81 -23.93
C GLY F 154 26.11 -2.18 -24.55
N SER F 155 25.04 -2.97 -24.59
CA SER F 155 25.05 -4.28 -25.24
C SER F 155 24.54 -4.22 -26.68
N GLY F 156 24.37 -3.01 -27.21
CA GLY F 156 23.93 -2.84 -28.58
C GLY F 156 22.44 -2.68 -28.80
N LYS F 157 21.68 -2.32 -27.75
CA LYS F 157 20.22 -2.31 -27.88
C LYS F 157 19.75 -1.21 -28.83
N SER F 158 20.28 0.00 -28.68
CA SER F 158 19.84 1.10 -29.53
C SER F 158 20.28 0.90 -30.98
N THR F 159 21.47 0.31 -31.19
CA THR F 159 21.96 0.10 -32.54
C THR F 159 21.06 -0.88 -33.30
N THR F 160 20.68 -1.98 -32.64
CA THR F 160 19.76 -2.92 -33.27
C THR F 160 18.41 -2.26 -33.55
N LEU F 161 17.92 -1.46 -32.60
CA LEU F 161 16.65 -0.77 -32.80
C LEU F 161 16.75 0.24 -33.94
N ALA F 162 17.86 0.95 -34.05
CA ALA F 162 18.03 1.92 -35.13
C ALA F 162 18.04 1.22 -36.48
N ALA F 163 18.63 0.03 -36.55
CA ALA F 163 18.64 -0.72 -37.80
C ALA F 163 17.23 -1.21 -38.15
N ILE F 164 16.46 -1.63 -37.15
CA ILE F 164 15.09 -2.05 -37.40
C ILE F 164 14.24 -0.88 -37.88
N ILE F 165 14.32 0.24 -37.17
CA ILE F 165 13.53 1.42 -37.52
C ILE F 165 13.91 1.94 -38.90
N ASP F 166 15.21 1.90 -39.22
CA ASP F 166 15.64 2.33 -40.55
C ASP F 166 15.10 1.41 -41.63
N LYS F 167 15.06 0.10 -41.35
CA LYS F 167 14.50 -0.84 -42.32
C LYS F 167 12.99 -0.60 -42.48
N ILE F 168 12.29 -0.40 -41.38
CA ILE F 168 10.86 -0.07 -41.45
C ILE F 168 10.67 1.25 -42.19
N ASN F 169 11.49 2.25 -41.88
CA ASN F 169 11.40 3.54 -42.55
C ASN F 169 11.65 3.42 -44.05
N THR F 170 12.53 2.50 -44.45
CA THR F 170 12.86 2.34 -45.86
C THR F 170 11.75 1.64 -46.63
N ASP F 171 11.12 0.63 -46.03
CA ASP F 171 10.23 -0.27 -46.76
C ASP F 171 8.76 0.08 -46.68
N ARG F 172 8.33 0.86 -45.69
CA ARG F 172 6.91 1.05 -45.44
C ARG F 172 6.49 2.51 -45.67
N HIS F 173 5.20 2.69 -45.86
CA HIS F 173 4.56 4.00 -45.92
C HIS F 173 3.69 4.17 -44.67
N GLU F 174 4.34 4.22 -43.52
CA GLU F 174 3.64 4.28 -42.24
C GLU F 174 4.22 5.41 -41.40
N HIS F 175 3.67 5.57 -40.20
CA HIS F 175 4.03 6.66 -39.30
C HIS F 175 4.79 6.08 -38.11
N ILE F 176 6.05 6.50 -37.95
CA ILE F 176 6.89 6.07 -36.84
C ILE F 176 6.99 7.22 -35.84
N VAL F 177 6.66 6.93 -34.58
CA VAL F 177 6.89 7.86 -33.48
C VAL F 177 7.83 7.18 -32.48
N THR F 178 8.91 7.87 -32.15
CA THR F 178 9.84 7.40 -31.12
C THR F 178 9.79 8.36 -29.94
N VAL F 179 9.81 7.80 -28.75
CA VAL F 179 9.97 8.55 -27.51
C VAL F 179 11.28 8.07 -26.90
N GLU F 180 12.28 8.95 -26.85
CA GLU F 180 13.62 8.57 -26.45
C GLU F 180 14.14 9.55 -25.42
N ASP F 181 14.96 9.05 -24.50
CA ASP F 181 15.53 9.85 -23.42
C ASP F 181 17.00 9.48 -23.27
N PRO F 182 17.89 10.08 -24.09
CA PRO F 182 17.55 11.04 -25.14
C PRO F 182 17.47 10.42 -26.53
N ILE F 183 17.20 11.25 -27.53
CA ILE F 183 17.25 10.80 -28.91
C ILE F 183 18.70 10.46 -29.25
N GLU F 184 18.93 9.23 -29.70
CA GLU F 184 20.28 8.87 -30.12
C GLU F 184 20.39 8.92 -31.63
N TYR F 185 19.98 7.84 -32.31
CA TYR F 185 20.01 7.84 -33.76
C TYR F 185 18.90 8.71 -34.32
N LEU F 186 19.24 9.56 -35.29
CA LEU F 186 18.27 10.37 -35.99
C LEU F 186 17.78 9.63 -37.23
N HIS F 187 16.47 9.69 -37.46
CA HIS F 187 15.83 9.02 -38.59
C HIS F 187 15.18 10.06 -39.48
N PRO F 188 15.91 10.64 -40.44
CA PRO F 188 15.27 11.49 -41.44
C PRO F 188 14.23 10.70 -42.22
N HIS F 189 13.19 11.40 -42.64
CA HIS F 189 12.11 10.76 -43.37
C HIS F 189 12.64 10.07 -44.62
N LYS F 190 12.26 8.80 -44.81
CA LYS F 190 12.54 8.09 -46.04
C LYS F 190 11.20 7.86 -46.71
N SER F 191 10.64 6.65 -46.65
CA SER F 191 9.28 6.43 -47.12
C SER F 191 8.25 6.61 -46.03
N CYS F 192 8.65 6.54 -44.77
CA CYS F 192 7.78 6.76 -43.64
C CYS F 192 7.86 8.21 -43.17
N VAL F 193 6.87 8.61 -42.37
CA VAL F 193 6.94 9.84 -41.61
C VAL F 193 7.45 9.50 -40.22
N VAL F 194 8.64 10.00 -39.89
CA VAL F 194 9.31 9.66 -38.64
C VAL F 194 9.32 10.90 -37.75
N ASN F 195 8.62 10.82 -36.64
CA ASN F 195 8.63 11.87 -35.61
C ASN F 195 9.35 11.33 -34.39
N GLN F 196 10.32 12.08 -33.90
CA GLN F 196 11.14 11.70 -32.76
C GLN F 196 10.99 12.75 -31.68
N ARG F 197 10.48 12.34 -30.52
CA ARG F 197 10.21 13.25 -29.42
C ARG F 197 11.21 13.01 -28.31
N GLU F 198 11.93 14.06 -27.91
CA GLU F 198 12.87 13.97 -26.80
C GLU F 198 12.19 14.43 -25.52
N VAL F 199 12.26 13.61 -24.48
CA VAL F 199 11.63 13.93 -23.22
C VAL F 199 12.38 15.04 -22.50
N GLY F 200 11.64 15.97 -21.92
CA GLY F 200 12.21 17.14 -21.28
C GLY F 200 12.33 18.34 -22.19
N ALA F 201 12.16 18.17 -23.49
CA ALA F 201 12.18 19.29 -24.43
C ALA F 201 10.96 19.21 -25.33
N ASP F 202 10.84 18.12 -26.09
CA ASP F 202 9.69 17.94 -26.96
C ASP F 202 8.46 17.54 -26.16
N THR F 203 8.63 16.73 -25.11
CA THR F 203 7.53 16.30 -24.27
C THR F 203 8.00 16.30 -22.82
N LYS F 204 7.03 16.44 -21.91
CA LYS F 204 7.36 16.55 -20.50
C LYS F 204 7.86 15.23 -19.93
N SER F 205 7.31 14.10 -20.38
CA SER F 205 7.67 12.81 -19.83
C SER F 205 7.15 11.70 -20.74
N PHE F 206 7.66 10.48 -20.51
CA PHE F 206 7.09 9.29 -21.16
C PHE F 206 5.60 9.19 -20.86
N LYS F 207 5.23 9.37 -19.59
CA LYS F 207 3.85 9.27 -19.15
C LYS F 207 2.95 10.22 -19.94
N ASN F 208 3.41 11.44 -20.17
CA ASN F 208 2.61 12.43 -20.88
C ASN F 208 2.58 12.16 -22.38
N ALA F 209 3.73 11.76 -22.95
CA ALA F 209 3.80 11.51 -24.39
C ALA F 209 2.97 10.31 -24.80
N LEU F 210 3.05 9.21 -24.04
CA LEU F 210 2.27 8.02 -24.34
C LEU F 210 0.78 8.23 -24.11
N LYS F 211 0.39 9.24 -23.34
CA LYS F 211 -1.02 9.53 -23.13
C LYS F 211 -1.68 10.03 -24.41
N TYR F 212 -0.92 10.66 -25.30
CA TYR F 212 -1.44 11.22 -26.53
C TYR F 212 -1.00 10.46 -27.77
N ILE F 213 -0.19 9.40 -27.62
CA ILE F 213 0.35 8.70 -28.79
C ILE F 213 -0.77 8.08 -29.60
N LEU F 214 -1.86 7.66 -28.95
CA LEU F 214 -2.97 7.05 -29.67
C LEU F 214 -3.75 8.05 -30.50
N ARG F 215 -3.60 9.34 -30.23
CA ARG F 215 -4.26 10.39 -30.99
C ARG F 215 -3.41 10.90 -32.14
N GLN F 216 -2.25 10.30 -32.39
CA GLN F 216 -1.31 10.79 -33.38
C GLN F 216 -1.20 9.87 -34.60
N ASP F 217 -2.17 8.99 -34.79
CA ASP F 217 -2.25 8.09 -35.94
C ASP F 217 -0.94 7.35 -36.21
N PRO F 218 -0.37 6.67 -35.23
CA PRO F 218 0.88 5.95 -35.46
C PRO F 218 0.65 4.52 -35.95
N ASP F 219 1.67 4.00 -36.63
CA ASP F 219 1.71 2.60 -37.01
C ASP F 219 2.82 1.85 -36.28
N VAL F 220 3.95 2.50 -36.06
CA VAL F 220 5.08 1.92 -35.33
C VAL F 220 5.51 2.93 -34.27
N VAL F 221 5.70 2.45 -33.04
CA VAL F 221 6.03 3.32 -31.92
C VAL F 221 7.21 2.73 -31.17
N LEU F 222 8.23 3.55 -30.94
CA LEU F 222 9.35 3.20 -30.07
C LEU F 222 9.20 3.97 -28.76
N VAL F 223 9.07 3.24 -27.66
CA VAL F 223 8.80 3.86 -26.35
C VAL F 223 10.00 3.82 -25.43
N GLY F 224 11.14 3.28 -25.88
CA GLY F 224 12.30 3.22 -25.02
C GLY F 224 12.18 2.10 -23.98
N GLU F 225 12.81 2.32 -22.84
CA GLU F 225 12.83 1.29 -21.81
C GLU F 225 11.47 1.23 -21.10
N LEU F 226 11.06 0.00 -20.77
CA LEU F 226 9.88 -0.24 -19.93
C LEU F 226 10.30 -0.03 -18.48
N ARG F 227 10.40 1.25 -18.11
CA ARG F 227 11.04 1.62 -16.86
C ARG F 227 10.12 1.45 -15.64
N ASP F 228 8.81 1.64 -15.80
CA ASP F 228 7.89 1.55 -14.67
C ASP F 228 6.60 0.88 -15.11
N LEU F 229 5.67 0.74 -14.15
CA LEU F 229 4.38 0.12 -14.43
C LEU F 229 3.60 0.93 -15.46
N GLU F 230 3.74 2.26 -15.43
CA GLU F 230 2.92 3.11 -16.26
C GLU F 230 3.24 2.92 -17.75
N THR F 231 4.54 2.91 -18.08
CA THR F 231 4.92 2.75 -19.49
C THR F 231 4.65 1.34 -20.00
N ILE F 232 4.80 0.34 -19.13
CA ILE F 232 4.54 -1.04 -19.53
C ILE F 232 3.07 -1.20 -19.93
N GLU F 233 2.16 -0.68 -19.12
CA GLU F 233 0.74 -0.77 -19.46
C GLU F 233 0.41 0.04 -20.70
N ALA F 234 1.12 1.15 -20.93
CA ALA F 234 0.92 1.91 -22.16
C ALA F 234 1.45 1.15 -23.36
N ALA F 235 2.63 0.56 -23.25
CA ALA F 235 3.22 -0.19 -24.36
C ALA F 235 2.39 -1.43 -24.68
N LEU F 236 1.87 -2.10 -23.64
CA LEU F 236 0.99 -3.24 -23.88
C LEU F 236 -0.30 -2.81 -24.58
N THR F 237 -0.80 -1.61 -24.26
CA THR F 237 -2.01 -1.12 -24.91
C THR F 237 -1.76 -0.79 -26.38
N LEU F 238 -0.63 -0.15 -26.68
CA LEU F 238 -0.27 0.11 -28.07
C LEU F 238 -0.18 -1.18 -28.87
N ALA F 239 0.57 -2.16 -28.35
CA ALA F 239 0.70 -3.44 -29.02
C ALA F 239 -0.61 -4.20 -29.06
N GLU F 240 -1.53 -3.90 -28.14
CA GLU F 240 -2.82 -4.58 -28.10
C GLU F 240 -3.79 -3.99 -29.11
N THR F 241 -3.62 -2.72 -29.46
CA THR F 241 -4.54 -2.00 -30.33
C THR F 241 -4.07 -1.98 -31.78
N GLY F 242 -3.17 -2.89 -32.18
CA GLY F 242 -2.84 -3.04 -33.57
C GLY F 242 -1.63 -2.28 -34.07
N HIS F 243 -0.75 -1.82 -33.18
CA HIS F 243 0.47 -1.15 -33.57
C HIS F 243 1.66 -2.06 -33.32
N LEU F 244 2.77 -1.77 -33.99
CA LEU F 244 4.04 -2.42 -33.73
C LEU F 244 4.84 -1.54 -32.78
N CYS F 245 5.03 -2.03 -31.55
CA CYS F 245 5.69 -1.28 -30.49
C CYS F 245 7.03 -1.92 -30.18
N PHE F 246 8.07 -1.09 -30.14
CA PHE F 246 9.40 -1.51 -29.74
C PHE F 246 9.76 -0.88 -28.41
N ALA F 247 10.32 -1.69 -27.51
CA ALA F 247 10.70 -1.22 -26.19
C ALA F 247 11.91 -2.02 -25.73
N THR F 248 12.58 -1.53 -24.70
CA THR F 248 13.75 -2.19 -24.16
C THR F 248 13.58 -2.52 -22.68
N LEU F 249 14.31 -3.54 -22.24
CA LEU F 249 14.47 -3.85 -20.83
C LEU F 249 15.91 -4.26 -20.60
N HIS F 250 16.31 -4.33 -19.34
CA HIS F 250 17.67 -4.68 -18.96
C HIS F 250 17.83 -6.17 -18.67
N THR F 251 16.88 -7.00 -19.09
CA THR F 251 16.97 -8.42 -18.83
C THR F 251 17.90 -9.09 -19.85
N ASN F 252 18.35 -10.29 -19.50
CA ASN F 252 19.39 -10.98 -20.26
C ASN F 252 18.88 -12.21 -21.01
N SER F 253 17.61 -12.56 -20.86
CA SER F 253 17.07 -13.71 -21.57
C SER F 253 15.58 -13.50 -21.81
N ALA F 254 15.02 -14.33 -22.70
CA ALA F 254 13.61 -14.23 -23.03
C ALA F 254 12.74 -14.52 -21.80
N VAL F 255 13.07 -15.58 -21.07
CA VAL F 255 12.30 -15.96 -19.89
C VAL F 255 12.43 -14.89 -18.81
N GLN F 256 13.67 -14.44 -18.57
CA GLN F 256 13.90 -13.39 -17.59
C GLN F 256 13.19 -12.09 -17.98
N THR F 257 13.09 -11.81 -19.29
CA THR F 257 12.39 -10.62 -19.75
C THR F 257 10.91 -10.70 -19.43
N ILE F 258 10.28 -11.85 -19.68
CA ILE F 258 8.85 -12.01 -19.45
C ILE F 258 8.52 -11.86 -17.97
N ASN F 259 9.33 -12.47 -17.09
CA ASN F 259 9.09 -12.35 -15.66
C ASN F 259 9.18 -10.90 -15.21
N ARG F 260 10.16 -10.15 -15.73
CA ARG F 260 10.35 -8.77 -15.31
C ARG F 260 9.12 -7.92 -15.60
N ILE F 261 8.50 -8.13 -16.77
CA ILE F 261 7.31 -7.36 -17.11
C ILE F 261 6.15 -7.73 -16.19
N VAL F 262 5.98 -9.03 -15.92
CA VAL F 262 4.84 -9.48 -15.14
C VAL F 262 5.03 -9.15 -13.66
N ASP F 263 6.23 -9.37 -13.12
CA ASP F 263 6.43 -9.33 -11.69
C ASP F 263 6.48 -7.91 -11.11
N VAL F 264 6.52 -6.87 -11.95
CA VAL F 264 6.44 -5.51 -11.40
C VAL F 264 5.03 -5.16 -10.99
N PHE F 265 4.05 -5.86 -11.49
CA PHE F 265 2.67 -5.55 -11.15
C PHE F 265 2.28 -6.21 -9.83
N PRO F 266 1.35 -5.61 -9.10
CA PRO F 266 0.77 -6.30 -7.94
C PRO F 266 0.10 -7.60 -8.37
N SER F 267 0.01 -8.53 -7.41
CA SER F 267 -0.40 -9.89 -7.74
C SER F 267 -1.79 -9.93 -8.38
N TYR F 268 -2.68 -9.01 -8.01
CA TYR F 268 -4.06 -9.09 -8.49
C TYR F 268 -4.18 -8.70 -9.96
N GLN F 269 -3.18 -8.03 -10.53
CA GLN F 269 -3.19 -7.72 -11.95
C GLN F 269 -2.11 -8.45 -12.74
N GLN F 270 -1.28 -9.26 -12.08
CA GLN F 270 -0.31 -10.05 -12.84
C GLN F 270 -0.98 -11.04 -13.79
N PRO F 271 -2.06 -11.75 -13.43
CA PRO F 271 -2.67 -12.66 -14.42
C PRO F 271 -3.08 -12.00 -15.72
N GLN F 272 -3.72 -10.82 -15.66
CA GLN F 272 -4.09 -10.14 -16.90
C GLN F 272 -2.87 -9.68 -17.68
N VAL F 273 -1.85 -9.17 -16.99
CA VAL F 273 -0.64 -8.74 -17.68
C VAL F 273 -0.03 -9.90 -18.47
N ARG F 274 -0.04 -11.10 -17.87
CA ARG F 274 0.39 -12.28 -18.62
C ARG F 274 -0.53 -12.53 -19.81
N ALA F 275 -1.84 -12.32 -19.62
CA ALA F 275 -2.78 -12.55 -20.72
C ALA F 275 -2.56 -11.57 -21.87
N GLN F 276 -2.32 -10.30 -21.54
CA GLN F 276 -1.98 -9.33 -22.58
C GLN F 276 -0.73 -9.73 -23.33
N LEU F 277 0.32 -10.13 -22.60
CA LEU F 277 1.58 -10.47 -23.23
C LEU F 277 1.44 -11.65 -24.18
N SER F 278 0.63 -12.65 -23.82
CA SER F 278 0.52 -13.84 -24.66
C SER F 278 0.01 -13.51 -26.06
N PHE F 279 -0.81 -12.47 -26.18
CA PHE F 279 -1.38 -12.12 -27.49
C PHE F 279 -0.53 -11.10 -28.24
N VAL F 280 0.06 -10.13 -27.53
CA VAL F 280 0.73 -9.03 -28.23
C VAL F 280 2.22 -9.30 -28.45
N LEU F 281 2.83 -10.15 -27.64
CA LEU F 281 4.26 -10.41 -27.79
C LEU F 281 4.51 -11.08 -29.13
N GLU F 282 5.35 -10.46 -29.96
CA GLU F 282 5.68 -10.99 -31.27
C GLU F 282 7.15 -11.31 -31.45
N GLY F 283 8.01 -10.91 -30.52
CA GLY F 283 9.43 -11.19 -30.61
C GLY F 283 10.19 -10.60 -29.44
N VAL F 284 11.19 -11.33 -28.95
CA VAL F 284 12.05 -10.86 -27.88
C VAL F 284 13.49 -11.10 -28.29
N LEU F 285 14.28 -10.03 -28.37
CA LEU F 285 15.70 -10.12 -28.67
C LEU F 285 16.49 -9.72 -27.43
N SER F 286 17.39 -10.59 -27.00
CA SER F 286 18.25 -10.34 -25.85
C SER F 286 19.70 -10.39 -26.30
N GLN F 287 20.40 -9.28 -26.15
CA GLN F 287 21.74 -9.13 -26.70
C GLN F 287 22.79 -9.04 -25.60
N THR F 288 24.02 -9.39 -25.98
CA THR F 288 25.21 -9.14 -25.18
C THR F 288 26.40 -9.08 -26.12
N LEU F 289 27.39 -8.28 -25.75
CA LEU F 289 28.60 -8.10 -26.55
C LEU F 289 29.74 -8.86 -25.89
N LEU F 290 30.36 -9.75 -26.65
CA LEU F 290 31.44 -10.59 -26.20
C LEU F 290 32.74 -10.20 -26.90
N PRO F 291 33.88 -10.32 -26.22
CA PRO F 291 35.15 -10.06 -26.91
C PRO F 291 35.39 -11.09 -27.99
N LYS F 292 35.74 -10.62 -29.18
CA LYS F 292 36.05 -11.52 -30.28
C LYS F 292 37.26 -12.37 -29.94
N ALA F 293 37.38 -13.50 -30.63
CA ALA F 293 38.56 -14.34 -30.46
C ALA F 293 39.82 -13.60 -30.90
N SER F 294 39.69 -12.69 -31.86
CA SER F 294 40.86 -11.97 -32.37
C SER F 294 41.40 -10.97 -31.36
N GLY F 295 40.56 -10.49 -30.45
CA GLY F 295 40.96 -9.50 -29.48
C GLY F 295 40.69 -8.06 -29.85
N THR F 296 40.02 -7.81 -30.97
CA THR F 296 39.68 -6.45 -31.41
C THR F 296 38.22 -6.43 -31.83
N GLY F 297 37.45 -5.53 -31.24
CA GLY F 297 36.03 -5.46 -31.54
C GLY F 297 35.22 -6.42 -30.69
N ARG F 298 33.90 -6.32 -30.84
CA ARG F 298 32.98 -7.18 -30.12
C ARG F 298 31.96 -7.74 -31.10
N VAL F 299 31.49 -8.95 -30.81
CA VAL F 299 30.58 -9.68 -31.67
C VAL F 299 29.26 -9.88 -30.94
N LEU F 300 28.16 -9.82 -31.70
CA LEU F 300 26.83 -9.91 -31.12
C LEU F 300 26.46 -11.37 -30.88
N ALA F 301 26.10 -11.67 -29.64
CA ALA F 301 25.42 -12.91 -29.28
C ALA F 301 23.99 -12.56 -28.89
N ILE F 302 23.02 -13.24 -29.48
CA ILE F 302 21.62 -12.83 -29.33
C ILE F 302 20.76 -14.05 -29.07
N GLU F 303 19.89 -13.95 -28.07
CA GLU F 303 18.81 -14.89 -27.86
C GLU F 303 17.55 -14.32 -28.48
N VAL F 304 16.93 -15.09 -29.37
CA VAL F 304 15.73 -14.66 -30.08
C VAL F 304 14.59 -15.58 -29.64
N MET F 305 13.50 -14.98 -29.17
CA MET F 305 12.28 -15.72 -28.84
C MET F 305 11.14 -15.14 -29.66
N VAL F 306 10.59 -15.96 -30.55
CA VAL F 306 9.45 -15.59 -31.38
C VAL F 306 8.27 -16.46 -30.96
N PRO F 307 7.20 -15.88 -30.41
CA PRO F 307 6.12 -16.70 -29.85
C PRO F 307 5.39 -17.51 -30.91
N ASN F 308 5.26 -18.80 -30.64
CA ASN F 308 4.37 -19.71 -31.35
C ASN F 308 3.15 -20.01 -30.47
N PRO F 309 2.12 -20.66 -31.02
CA PRO F 309 0.95 -21.00 -30.19
C PRO F 309 1.27 -21.69 -28.87
N ALA F 310 2.32 -22.52 -28.84
CA ALA F 310 2.63 -23.26 -27.61
C ALA F 310 3.17 -22.34 -26.52
N ILE F 311 4.05 -21.40 -26.90
CA ILE F 311 4.64 -20.50 -25.91
C ILE F 311 3.59 -19.54 -25.35
N ARG F 312 2.66 -19.09 -26.20
CA ARG F 312 1.63 -18.17 -25.73
C ARG F 312 0.76 -18.79 -24.64
N ASN F 313 0.53 -20.10 -24.69
CA ASN F 313 -0.29 -20.76 -23.66
C ASN F 313 0.45 -20.89 -22.34
N LEU F 314 1.76 -21.20 -22.38
CA LEU F 314 2.53 -21.25 -21.14
C LEU F 314 2.49 -19.92 -20.41
N ILE F 315 2.47 -18.81 -21.16
CA ILE F 315 2.34 -17.49 -20.52
C ILE F 315 0.94 -17.33 -19.95
N ARG F 316 -0.09 -17.72 -20.70
CA ARG F 316 -1.45 -17.62 -20.20
C ARG F 316 -1.66 -18.52 -18.99
N GLU F 317 -1.09 -19.72 -19.02
CA GLU F 317 -1.23 -20.66 -17.91
C GLU F 317 -0.25 -20.39 -16.77
N ASP F 318 0.55 -19.34 -16.88
CA ASP F 318 1.55 -19.00 -15.85
C ASP F 318 2.52 -20.15 -15.61
N LYS F 319 2.98 -20.75 -16.70
CA LYS F 319 4.01 -21.80 -16.62
C LYS F 319 5.27 -21.31 -17.33
N ILE F 320 5.76 -20.14 -16.92
CA ILE F 320 6.84 -19.47 -17.64
C ILE F 320 8.14 -20.26 -17.53
N HIS F 321 8.32 -21.04 -16.47
CA HIS F 321 9.52 -21.85 -16.34
C HIS F 321 9.70 -22.81 -17.51
N GLN F 322 8.59 -23.30 -18.07
CA GLN F 322 8.64 -24.23 -19.19
C GLN F 322 8.94 -23.56 -20.53
N ILE F 323 9.03 -22.23 -20.58
CA ILE F 323 9.18 -21.54 -21.85
C ILE F 323 10.55 -21.82 -22.44
N TYR F 324 11.59 -21.87 -21.61
CA TYR F 324 12.91 -22.24 -22.11
C TYR F 324 12.85 -23.56 -22.85
N SER F 325 12.14 -24.54 -22.29
CA SER F 325 12.03 -25.87 -22.89
C SER F 325 11.47 -25.80 -24.30
N GLN F 326 10.51 -24.90 -24.57
CA GLN F 326 9.94 -24.81 -25.91
C GLN F 326 10.89 -24.15 -26.90
N MET F 327 11.79 -23.30 -26.45
CA MET F 327 12.75 -22.66 -27.34
C MET F 327 13.79 -23.62 -27.88
N GLN F 328 14.05 -24.73 -27.18
CA GLN F 328 15.08 -25.68 -27.61
C GLN F 328 14.71 -26.50 -28.85
N VAL F 329 13.43 -26.68 -29.15
CA VAL F 329 13.00 -27.56 -30.23
C VAL F 329 12.26 -26.82 -31.34
N GLY F 330 12.13 -25.50 -31.24
CA GLY F 330 11.45 -24.73 -32.27
C GLY F 330 12.38 -23.82 -33.03
N GLN F 331 13.65 -24.23 -33.15
CA GLN F 331 14.71 -23.35 -33.66
C GLN F 331 14.62 -23.12 -35.17
N GLU F 332 14.52 -24.19 -35.96
CA GLU F 332 14.71 -24.09 -37.40
C GLU F 332 13.56 -23.39 -38.12
N LYS F 333 12.32 -23.52 -37.64
CA LYS F 333 11.16 -23.06 -38.41
C LYS F 333 11.09 -21.54 -38.48
N PHE F 334 11.27 -20.86 -37.35
CA PHE F 334 11.05 -19.42 -37.28
C PHE F 334 12.31 -18.62 -36.97
N GLY F 335 13.48 -19.23 -37.00
CA GLY F 335 14.69 -18.50 -36.68
C GLY F 335 14.88 -18.17 -35.23
N MET F 336 14.13 -18.85 -34.35
CA MET F 336 14.28 -18.69 -32.91
C MET F 336 15.64 -19.26 -32.47
N MET F 337 16.11 -18.77 -31.33
CA MET F 337 17.47 -19.12 -30.91
C MET F 337 17.65 -18.79 -29.43
N THR F 338 17.95 -19.81 -28.62
CA THR F 338 18.36 -19.58 -27.26
C THR F 338 19.79 -19.04 -27.21
N MET F 339 20.13 -18.44 -26.08
CA MET F 339 21.49 -17.92 -25.91
C MET F 339 22.53 -19.01 -26.04
N ASN F 340 22.23 -20.19 -25.49
CA ASN F 340 23.15 -21.32 -25.63
C ASN F 340 23.28 -21.75 -27.08
N GLN F 341 22.18 -21.72 -27.84
CA GLN F 341 22.23 -22.11 -29.24
C GLN F 341 23.08 -21.14 -30.05
N CYS F 342 23.01 -19.85 -29.72
CA CYS F 342 23.80 -18.86 -30.45
C CYS F 342 25.30 -19.06 -30.22
N LEU F 343 25.69 -19.35 -28.98
CA LEU F 343 27.10 -19.56 -28.67
C LEU F 343 27.65 -20.79 -29.36
N TYR F 344 26.83 -21.82 -29.56
CA TYR F 344 27.26 -22.98 -30.34
C TYR F 344 27.66 -22.56 -31.74
N GLY F 345 26.86 -21.70 -32.38
CA GLY F 345 27.18 -21.25 -33.73
C GLY F 345 28.41 -20.36 -33.78
N LEU F 346 28.55 -19.45 -32.79
CA LEU F 346 29.71 -18.57 -32.76
C LEU F 346 31.00 -19.35 -32.53
N LEU F 347 30.92 -20.50 -31.88
CA LEU F 347 32.11 -21.32 -31.66
C LEU F 347 32.52 -22.04 -32.94
N GLN F 348 31.55 -22.46 -33.75
CA GLN F 348 31.89 -23.19 -34.97
C GLN F 348 32.61 -22.29 -35.98
N LYS F 349 32.23 -21.02 -36.04
CA LYS F 349 32.86 -20.05 -36.92
C LYS F 349 34.07 -19.37 -36.29
N ARG F 350 34.47 -19.79 -35.09
CA ARG F 350 35.69 -19.30 -34.42
C ARG F 350 35.64 -17.80 -34.16
N HIS F 351 34.45 -17.26 -33.87
CA HIS F 351 34.32 -15.84 -33.57
C HIS F 351 34.69 -15.51 -32.13
N ILE F 352 34.46 -16.44 -31.20
CA ILE F 352 34.74 -16.22 -29.78
C ILE F 352 35.60 -17.35 -29.26
N THR F 353 36.28 -17.09 -28.15
CA THR F 353 37.08 -18.10 -27.49
C THR F 353 36.17 -19.05 -26.72
N MET F 354 36.73 -20.19 -26.32
CA MET F 354 35.97 -21.16 -25.55
C MET F 354 35.56 -20.59 -24.20
N ASP F 355 36.47 -19.84 -23.56
CA ASP F 355 36.17 -19.27 -22.25
C ASP F 355 35.06 -18.23 -22.34
N VAL F 356 35.08 -17.40 -23.38
CA VAL F 356 34.04 -16.37 -23.52
C VAL F 356 32.69 -17.02 -23.78
N GLY F 357 32.65 -18.04 -24.63
CA GLY F 357 31.40 -18.76 -24.84
C GLY F 357 30.91 -19.43 -23.57
N MET F 358 31.80 -20.18 -22.91
CA MET F 358 31.43 -20.86 -21.68
C MET F 358 31.20 -19.87 -20.54
N GLY F 359 32.11 -18.91 -20.39
CA GLY F 359 32.05 -17.95 -19.30
C GLY F 359 30.88 -16.99 -19.36
N ARG F 360 30.18 -16.92 -20.48
CA ARG F 360 29.00 -16.09 -20.61
C ARG F 360 27.73 -16.89 -20.84
N SER F 361 27.85 -18.20 -21.10
CA SER F 361 26.67 -19.02 -21.32
C SER F 361 25.85 -19.11 -20.04
N PRO F 362 24.53 -18.91 -20.11
CA PRO F 362 23.71 -19.03 -18.90
C PRO F 362 23.58 -20.45 -18.38
N ASP F 363 23.89 -21.46 -19.19
CA ASP F 363 23.88 -22.86 -18.74
C ASP F 363 25.02 -23.60 -19.43
N PRO F 364 26.20 -23.64 -18.83
CA PRO F 364 27.34 -24.30 -19.47
C PRO F 364 27.16 -25.78 -19.67
N ASP F 365 26.35 -26.44 -18.83
CA ASP F 365 26.17 -27.89 -18.99
C ASP F 365 25.40 -28.21 -20.27
N GLU F 366 24.41 -27.38 -20.62
CA GLU F 366 23.72 -27.56 -21.89
C GLU F 366 24.68 -27.31 -23.05
N LEU F 367 25.43 -26.22 -23.00
CA LEU F 367 26.42 -25.95 -24.04
C LEU F 367 27.47 -27.05 -24.09
N LYS F 368 27.85 -27.59 -22.93
CA LYS F 368 28.73 -28.76 -22.90
C LYS F 368 28.06 -29.96 -23.56
N GLN F 369 26.77 -30.16 -23.29
CA GLN F 369 26.05 -31.28 -23.89
C GLN F 369 25.92 -31.12 -25.40
N MET F 370 25.74 -29.88 -25.88
CA MET F 370 25.67 -29.65 -27.31
C MET F 370 26.97 -30.03 -28.02
N LEU F 371 28.12 -29.85 -27.35
CA LEU F 371 29.42 -30.21 -27.91
C LEU F 371 29.61 -31.72 -27.87
N THR F 372 28.69 -32.42 -28.54
CA THR F 372 28.68 -33.87 -28.57
C THR F 372 29.83 -34.41 -29.42
#